data_7LDF
#
_entry.id   7LDF
#
_entity_poly.entity_id   1
_entity_poly.type   'polypeptide(L)'
_entity_poly.pdbx_seq_one_letter_code
;MDEVKVHVGDDQFEEVSREIKKAGWKVEVHKHPSNTSQVTVTKGNKQWTFKDPKQAVEFVQKSLEHHHHHH
;
_entity_poly.pdbx_strand_id   A
#
# COMPACT_ATOMS: atom_id res chain seq x y z
N MET A 1 4.28 -12.74 6.75
CA MET A 1 2.84 -12.40 6.85
C MET A 1 2.32 -11.80 5.55
N ASP A 2 1.07 -12.12 5.20
CA ASP A 2 0.44 -11.63 3.98
C ASP A 2 -0.31 -10.31 4.23
N GLU A 3 0.06 -9.62 5.31
CA GLU A 3 -0.56 -8.35 5.70
C GLU A 3 0.08 -7.17 5.00
N VAL A 4 -0.76 -6.31 4.44
CA VAL A 4 -0.30 -5.11 3.76
C VAL A 4 -0.51 -3.94 4.71
N LYS A 5 0.42 -2.98 4.72
CA LYS A 5 0.29 -1.83 5.63
C LYS A 5 0.66 -0.52 4.94
N VAL A 6 0.06 0.56 5.43
CA VAL A 6 0.34 1.89 4.91
C VAL A 6 0.53 2.86 6.07
N HIS A 7 1.67 3.55 6.07
CA HIS A 7 1.95 4.53 7.10
C HIS A 7 2.08 5.92 6.49
N VAL A 8 1.04 6.76 6.69
CA VAL A 8 1.06 8.15 6.18
C VAL A 8 0.41 9.10 7.18
N GLY A 9 0.68 10.40 7.04
CA GLY A 9 0.10 11.40 7.94
C GLY A 9 -1.37 11.66 7.68
N ASP A 10 -1.98 12.50 8.53
CA ASP A 10 -3.41 12.85 8.44
C ASP A 10 -3.78 13.61 7.16
N ASP A 11 -2.82 14.33 6.57
CA ASP A 11 -3.06 15.12 5.35
C ASP A 11 -3.17 14.26 4.08
N GLN A 12 -2.46 13.13 4.05
CA GLN A 12 -2.47 12.23 2.88
C GLN A 12 -3.16 10.89 3.20
N PHE A 13 -3.61 10.71 4.46
CA PHE A 13 -4.27 9.48 4.91
C PHE A 13 -5.59 9.21 4.18
N GLU A 14 -6.41 10.26 4.01
CA GLU A 14 -7.70 10.12 3.30
C GLU A 14 -7.48 9.69 1.85
N GLU A 15 -6.43 10.22 1.22
CA GLU A 15 -6.09 9.87 -0.17
C GLU A 15 -5.64 8.40 -0.25
N VAL A 16 -4.78 8.00 0.71
CA VAL A 16 -4.27 6.63 0.77
C VAL A 16 -5.38 5.64 1.15
N SER A 17 -6.25 6.07 2.08
CA SER A 17 -7.36 5.24 2.56
C SER A 17 -8.37 4.97 1.44
N ARG A 18 -8.61 5.99 0.60
CA ARG A 18 -9.53 5.88 -0.54
C ARG A 18 -8.99 4.92 -1.61
N GLU A 19 -7.69 5.06 -1.97
CA GLU A 19 -7.05 4.20 -2.97
C GLU A 19 -6.93 2.75 -2.49
N ILE A 20 -6.62 2.58 -1.19
CA ILE A 20 -6.48 1.25 -0.55
C ILE A 20 -7.84 0.55 -0.46
N LYS A 21 -8.87 1.30 -0.04
CA LYS A 21 -10.24 0.77 0.08
C LYS A 21 -10.77 0.43 -1.31
N LYS A 22 -10.38 1.26 -2.30
CA LYS A 22 -10.75 1.06 -3.70
C LYS A 22 -10.06 -0.20 -4.25
N ALA A 23 -8.91 -0.53 -3.65
CA ALA A 23 -8.13 -1.70 -4.05
C ALA A 23 -8.70 -3.01 -3.47
N GLY A 24 -9.38 -2.88 -2.31
CA GLY A 24 -10.05 -4.02 -1.68
C GLY A 24 -9.17 -4.98 -0.87
N TRP A 25 -7.90 -4.63 -0.57
CA TRP A 25 -7.06 -5.57 0.19
C TRP A 25 -7.00 -5.22 1.68
N LYS A 26 -6.73 -6.24 2.50
CA LYS A 26 -6.60 -6.08 3.96
C LYS A 26 -5.26 -5.40 4.29
N VAL A 27 -5.35 -4.09 4.52
CA VAL A 27 -4.19 -3.24 4.81
C VAL A 27 -4.42 -2.45 6.09
N GLU A 28 -3.34 -2.26 6.83
CA GLU A 28 -3.37 -1.48 8.07
C GLU A 28 -2.77 -0.11 7.80
N VAL A 29 -3.49 0.93 8.20
CA VAL A 29 -3.06 2.31 7.98
C VAL A 29 -2.91 3.04 9.30
N HIS A 30 -1.78 3.74 9.43
CA HIS A 30 -1.47 4.50 10.64
C HIS A 30 -1.06 5.93 10.27
N LYS A 31 -1.63 6.89 10.99
CA LYS A 31 -1.35 8.32 10.77
C LYS A 31 -0.21 8.80 11.66
N HIS A 32 0.82 9.39 11.04
CA HIS A 32 1.97 9.93 11.76
C HIS A 32 1.74 11.40 12.17
N PRO A 33 2.43 11.91 13.24
CA PRO A 33 2.26 13.33 13.69
C PRO A 33 2.67 14.35 12.63
N SER A 34 3.72 14.00 11.86
CA SER A 34 4.22 14.86 10.79
C SER A 34 3.71 14.38 9.43
N ASN A 35 3.98 15.18 8.38
CA ASN A 35 3.55 14.84 7.01
C ASN A 35 4.40 13.71 6.41
N THR A 36 3.78 12.54 6.24
CA THR A 36 4.45 11.37 5.70
C THR A 36 3.67 10.74 4.56
N SER A 37 4.40 10.33 3.51
CA SER A 37 3.80 9.70 2.34
C SER A 37 4.60 8.46 1.95
N GLN A 38 4.37 7.36 2.68
CA GLN A 38 5.08 6.09 2.42
C GLN A 38 4.19 4.88 2.73
N VAL A 39 4.11 3.96 1.76
CA VAL A 39 3.34 2.72 1.90
C VAL A 39 4.28 1.54 2.10
N THR A 40 4.00 0.69 3.09
CA THR A 40 4.83 -0.48 3.34
C THR A 40 4.01 -1.76 3.17
N VAL A 41 4.41 -2.61 2.22
CA VAL A 41 3.70 -3.86 1.96
C VAL A 41 4.48 -5.05 2.51
N THR A 42 3.85 -5.83 3.40
CA THR A 42 4.50 -6.99 3.96
C THR A 42 3.81 -8.23 3.45
N LYS A 43 4.57 -9.02 2.72
CA LYS A 43 4.07 -10.26 2.14
C LYS A 43 5.13 -11.36 2.24
N GLY A 44 5.00 -12.20 3.27
CA GLY A 44 5.96 -13.28 3.50
C GLY A 44 7.31 -12.75 3.92
N ASN A 45 8.32 -13.03 3.10
CA ASN A 45 9.68 -12.57 3.36
C ASN A 45 10.01 -11.33 2.51
N LYS A 46 8.96 -10.70 1.95
CA LYS A 46 9.12 -9.52 1.10
C LYS A 46 8.39 -8.32 1.68
N GLN A 47 8.91 -7.13 1.38
CA GLN A 47 8.33 -5.87 1.84
C GLN A 47 8.59 -4.79 0.80
N TRP A 48 7.54 -4.04 0.50
CA TRP A 48 7.60 -2.95 -0.49
C TRP A 48 7.44 -1.60 0.19
N THR A 49 8.19 -0.61 -0.31
CA THR A 49 8.14 0.76 0.21
C THR A 49 7.90 1.75 -0.94
N PHE A 50 6.91 2.64 -0.79
CA PHE A 50 6.59 3.63 -1.83
C PHE A 50 6.29 5.00 -1.24
N LYS A 51 6.40 6.04 -2.07
CA LYS A 51 6.12 7.43 -1.65
C LYS A 51 4.65 7.81 -1.84
N ASP A 52 3.91 7.05 -2.65
CA ASP A 52 2.49 7.33 -2.91
C ASP A 52 1.69 6.04 -2.89
N PRO A 53 0.36 6.10 -2.54
CA PRO A 53 -0.47 4.90 -2.48
C PRO A 53 -0.69 4.26 -3.86
N LYS A 54 -0.66 5.12 -4.89
CA LYS A 54 -0.89 4.70 -6.28
C LYS A 54 0.27 3.86 -6.77
N GLN A 55 1.43 4.24 -6.26
CA GLN A 55 2.68 3.56 -6.55
C GLN A 55 2.65 2.17 -5.94
N ALA A 56 2.16 2.12 -4.71
CA ALA A 56 2.01 0.87 -3.95
C ALA A 56 0.89 0.02 -4.53
N VAL A 57 -0.25 0.65 -4.83
CA VAL A 57 -1.42 -0.05 -5.38
C VAL A 57 -1.13 -0.58 -6.78
N GLU A 58 -0.51 0.25 -7.62
CA GLU A 58 -0.16 -0.18 -8.99
C GLU A 58 0.89 -1.28 -8.98
N PHE A 59 1.89 -1.14 -8.10
CA PHE A 59 2.95 -2.14 -7.99
C PHE A 59 2.42 -3.43 -7.35
N VAL A 60 1.57 -3.29 -6.32
CA VAL A 60 0.97 -4.46 -5.64
C VAL A 60 0.00 -5.16 -6.60
N GLN A 61 -0.74 -4.37 -7.37
CA GLN A 61 -1.73 -4.90 -8.32
C GLN A 61 -1.06 -5.74 -9.40
N LYS A 62 0.09 -5.28 -9.87
CA LYS A 62 0.85 -5.99 -10.91
C LYS A 62 1.52 -7.25 -10.35
N SER A 63 2.06 -7.12 -9.14
CA SER A 63 2.75 -8.22 -8.47
C SER A 63 1.81 -9.19 -7.75
N LEU A 64 0.85 -8.60 -7.01
CA LEU A 64 -0.11 -9.38 -6.22
C LEU A 64 -1.45 -9.65 -6.93
N GLU A 65 -1.96 -8.70 -7.74
CA GLU A 65 -3.23 -8.93 -8.43
C GLU A 65 -3.06 -9.56 -9.83
N HIS A 66 -1.84 -9.50 -10.38
CA HIS A 66 -1.56 -10.08 -11.70
C HIS A 66 -0.67 -11.32 -11.58
N HIS A 67 0.37 -11.23 -10.73
CA HIS A 67 1.30 -12.35 -10.52
C HIS A 67 0.96 -13.11 -9.25
N HIS A 68 1.27 -14.41 -9.26
CA HIS A 68 1.00 -15.28 -8.10
C HIS A 68 2.26 -16.06 -7.72
N HIS A 69 2.42 -16.28 -6.41
CA HIS A 69 3.57 -17.01 -5.89
C HIS A 69 3.12 -18.14 -4.96
N HIS A 70 3.68 -19.34 -5.19
CA HIS A 70 3.35 -20.51 -4.38
C HIS A 70 4.42 -20.79 -3.34
N HIS A 71 4.00 -21.27 -2.16
CA HIS A 71 4.93 -21.58 -1.07
C HIS A 71 5.20 -23.08 -1.00
N MET A 1 4.10 -13.02 7.00
CA MET A 1 2.67 -12.61 7.04
C MET A 1 2.26 -11.97 5.73
N ASP A 2 1.01 -12.23 5.32
CA ASP A 2 0.46 -11.68 4.07
C ASP A 2 -0.29 -10.36 4.31
N GLU A 3 0.08 -9.67 5.41
CA GLU A 3 -0.53 -8.38 5.78
C GLU A 3 0.13 -7.22 5.06
N VAL A 4 -0.71 -6.37 4.49
CA VAL A 4 -0.26 -5.18 3.79
C VAL A 4 -0.45 -3.99 4.73
N LYS A 5 0.46 -3.03 4.72
CA LYS A 5 0.35 -1.86 5.60
C LYS A 5 0.64 -0.55 4.87
N VAL A 6 0.02 0.52 5.39
CA VAL A 6 0.22 1.86 4.85
C VAL A 6 0.45 2.85 5.99
N HIS A 7 1.56 3.57 5.92
CA HIS A 7 1.90 4.55 6.95
C HIS A 7 1.94 5.96 6.36
N VAL A 8 0.90 6.77 6.68
CA VAL A 8 0.81 8.16 6.22
C VAL A 8 0.22 9.06 7.32
N GLY A 9 0.43 10.37 7.20
CA GLY A 9 -0.09 11.32 8.18
C GLY A 9 -1.58 11.58 8.04
N ASP A 10 -2.15 12.24 9.04
CA ASP A 10 -3.60 12.55 9.11
C ASP A 10 -4.10 13.48 7.98
N ASP A 11 -3.21 14.33 7.44
CA ASP A 11 -3.59 15.29 6.39
C ASP A 11 -3.72 14.66 5.00
N GLN A 12 -2.93 13.61 4.73
CA GLN A 12 -2.97 12.94 3.42
C GLN A 12 -3.52 11.51 3.52
N PHE A 13 -3.86 11.08 4.75
CA PHE A 13 -4.37 9.73 5.02
C PHE A 13 -5.66 9.38 4.26
N GLU A 14 -6.60 10.31 4.18
CA GLU A 14 -7.89 10.07 3.49
C GLU A 14 -7.68 9.68 2.02
N GLU A 15 -6.71 10.31 1.35
CA GLU A 15 -6.40 10.01 -0.05
C GLU A 15 -5.81 8.59 -0.18
N VAL A 16 -4.88 8.28 0.74
CA VAL A 16 -4.21 6.97 0.79
C VAL A 16 -5.18 5.88 1.22
N SER A 17 -6.05 6.22 2.18
CA SER A 17 -7.09 5.32 2.69
C SER A 17 -8.11 4.99 1.59
N ARG A 18 -8.42 6.01 0.76
CA ARG A 18 -9.37 5.89 -0.35
C ARG A 18 -8.85 4.96 -1.46
N GLU A 19 -7.58 5.15 -1.87
CA GLU A 19 -6.95 4.31 -2.91
C GLU A 19 -6.84 2.85 -2.45
N ILE A 20 -6.43 2.65 -1.19
CA ILE A 20 -6.31 1.32 -0.57
C ILE A 20 -7.67 0.63 -0.45
N LYS A 21 -8.66 1.38 0.03
CA LYS A 21 -10.03 0.88 0.18
C LYS A 21 -10.61 0.56 -1.21
N LYS A 22 -10.23 1.39 -2.19
CA LYS A 22 -10.64 1.21 -3.59
C LYS A 22 -10.00 -0.05 -4.17
N ALA A 23 -8.83 -0.42 -3.61
CA ALA A 23 -8.09 -1.60 -4.05
C ALA A 23 -8.68 -2.89 -3.46
N GLY A 24 -9.33 -2.76 -2.29
CA GLY A 24 -10.01 -3.90 -1.66
C GLY A 24 -9.14 -4.88 -0.89
N TRP A 25 -7.87 -4.57 -0.58
CA TRP A 25 -7.03 -5.53 0.16
C TRP A 25 -6.97 -5.21 1.65
N LYS A 26 -6.72 -6.25 2.46
CA LYS A 26 -6.58 -6.11 3.92
C LYS A 26 -5.24 -5.46 4.25
N VAL A 27 -5.31 -4.15 4.50
CA VAL A 27 -4.16 -3.32 4.79
C VAL A 27 -4.37 -2.54 6.08
N GLU A 28 -3.28 -2.38 6.83
CA GLU A 28 -3.28 -1.62 8.07
C GLU A 28 -2.73 -0.23 7.81
N VAL A 29 -3.47 0.78 8.25
CA VAL A 29 -3.09 2.18 8.02
C VAL A 29 -2.88 2.89 9.35
N HIS A 30 -1.78 3.64 9.43
CA HIS A 30 -1.44 4.38 10.63
C HIS A 30 -1.19 5.85 10.26
N LYS A 31 -1.79 6.75 11.04
CA LYS A 31 -1.67 8.19 10.82
C LYS A 31 -0.52 8.78 11.66
N HIS A 32 0.47 9.36 10.96
CA HIS A 32 1.63 9.98 11.63
C HIS A 32 1.33 11.45 12.00
N PRO A 33 2.04 12.03 13.03
CA PRO A 33 1.82 13.44 13.45
C PRO A 33 2.39 14.45 12.43
N SER A 34 3.50 14.08 11.79
CA SER A 34 4.15 14.92 10.80
C SER A 34 3.73 14.52 9.39
N ASN A 35 4.18 15.28 8.38
CA ASN A 35 3.86 15.01 6.97
C ASN A 35 4.63 13.80 6.44
N THR A 36 3.89 12.74 6.13
CA THR A 36 4.47 11.50 5.60
C THR A 36 3.68 10.96 4.42
N SER A 37 4.37 10.23 3.54
CA SER A 37 3.76 9.61 2.36
C SER A 37 4.56 8.36 1.95
N GLN A 38 4.31 7.26 2.66
CA GLN A 38 5.00 5.98 2.39
C GLN A 38 4.11 4.78 2.69
N VAL A 39 4.01 3.88 1.70
CA VAL A 39 3.23 2.66 1.81
C VAL A 39 4.17 1.47 2.00
N THR A 40 3.93 0.64 3.02
CA THR A 40 4.77 -0.52 3.26
C THR A 40 3.96 -1.81 3.13
N VAL A 41 4.36 -2.67 2.19
CA VAL A 41 3.67 -3.94 1.98
C VAL A 41 4.49 -5.08 2.54
N THR A 42 3.89 -5.86 3.46
CA THR A 42 4.58 -7.00 4.05
C THR A 42 3.89 -8.28 3.63
N LYS A 43 4.65 -9.07 2.91
CA LYS A 43 4.16 -10.36 2.42
C LYS A 43 5.26 -11.41 2.54
N GLY A 44 5.20 -12.21 3.62
CA GLY A 44 6.20 -13.25 3.87
C GLY A 44 7.54 -12.67 4.21
N ASN A 45 8.54 -12.96 3.37
CA ASN A 45 9.89 -12.45 3.54
C ASN A 45 10.14 -11.25 2.61
N LYS A 46 9.05 -10.69 2.07
CA LYS A 46 9.12 -9.56 1.14
C LYS A 46 8.39 -8.36 1.69
N GLN A 47 8.90 -7.16 1.36
CA GLN A 47 8.31 -5.91 1.80
C GLN A 47 8.55 -4.85 0.75
N TRP A 48 7.49 -4.10 0.45
CA TRP A 48 7.54 -3.04 -0.55
C TRP A 48 7.39 -1.67 0.13
N THR A 49 8.15 -0.69 -0.37
CA THR A 49 8.11 0.67 0.16
C THR A 49 7.89 1.68 -0.97
N PHE A 50 6.89 2.56 -0.84
CA PHE A 50 6.59 3.56 -1.87
C PHE A 50 6.29 4.92 -1.26
N LYS A 51 6.41 5.97 -2.08
CA LYS A 51 6.14 7.34 -1.65
C LYS A 51 4.67 7.74 -1.85
N ASP A 52 3.93 6.98 -2.68
CA ASP A 52 2.52 7.25 -2.95
C ASP A 52 1.72 5.96 -2.98
N PRO A 53 0.40 6.01 -2.66
CA PRO A 53 -0.44 4.80 -2.66
C PRO A 53 -0.64 4.24 -4.07
N LYS A 54 -0.55 5.13 -5.07
CA LYS A 54 -0.75 4.76 -6.48
C LYS A 54 0.40 3.89 -6.94
N GLN A 55 1.55 4.20 -6.38
CA GLN A 55 2.78 3.48 -6.63
C GLN A 55 2.70 2.10 -6.00
N ALA A 56 2.18 2.07 -4.77
CA ALA A 56 1.98 0.83 -4.02
C ALA A 56 0.85 -0.01 -4.61
N VAL A 57 -0.28 0.65 -4.93
CA VAL A 57 -1.45 -0.03 -5.48
C VAL A 57 -1.14 -0.56 -6.88
N GLU A 58 -0.49 0.26 -7.73
CA GLU A 58 -0.15 -0.18 -9.09
C GLU A 58 0.88 -1.31 -9.07
N PHE A 59 1.88 -1.18 -8.18
CA PHE A 59 2.91 -2.22 -8.04
C PHE A 59 2.35 -3.49 -7.41
N VAL A 60 1.50 -3.32 -6.39
CA VAL A 60 0.86 -4.47 -5.70
C VAL A 60 -0.12 -5.17 -6.65
N GLN A 61 -0.84 -4.37 -7.46
CA GLN A 61 -1.81 -4.91 -8.40
C GLN A 61 -1.15 -5.75 -9.48
N LYS A 62 0.00 -5.26 -9.98
CA LYS A 62 0.75 -5.97 -11.02
C LYS A 62 1.47 -7.21 -10.45
N SER A 63 2.04 -7.04 -9.26
CA SER A 63 2.79 -8.11 -8.59
C SER A 63 1.89 -9.09 -7.82
N LEU A 64 0.94 -8.53 -7.07
CA LEU A 64 0.03 -9.33 -6.23
C LEU A 64 -1.31 -9.64 -6.90
N GLU A 65 -1.86 -8.71 -7.71
CA GLU A 65 -3.16 -9.00 -8.38
C GLU A 65 -2.97 -9.62 -9.77
N HIS A 66 -1.72 -9.63 -10.27
CA HIS A 66 -1.40 -10.21 -11.58
C HIS A 66 -0.16 -11.09 -11.49
N HIS A 67 -0.16 -12.17 -12.28
CA HIS A 67 0.97 -13.11 -12.31
C HIS A 67 1.45 -13.35 -13.75
N HIS A 68 0.50 -13.50 -14.67
CA HIS A 68 0.81 -13.74 -16.08
C HIS A 68 0.66 -12.46 -16.89
N HIS A 69 1.55 -12.30 -17.89
CA HIS A 69 1.53 -11.11 -18.75
C HIS A 69 1.52 -11.52 -20.22
N HIS A 70 0.80 -10.76 -21.04
CA HIS A 70 0.69 -11.01 -22.48
C HIS A 70 1.01 -9.76 -23.28
N HIS A 71 1.69 -9.95 -24.41
CA HIS A 71 2.08 -8.85 -25.30
C HIS A 71 1.12 -8.75 -26.49
N MET A 1 0.55 -12.71 8.73
CA MET A 1 1.13 -13.13 7.43
C MET A 1 0.32 -12.56 6.27
N ASP A 2 1.04 -12.20 5.18
CA ASP A 2 0.42 -11.62 3.95
C ASP A 2 -0.32 -10.30 4.22
N GLU A 3 0.05 -9.64 5.32
CA GLU A 3 -0.57 -8.36 5.72
C GLU A 3 0.09 -7.18 5.02
N VAL A 4 -0.75 -6.32 4.48
CA VAL A 4 -0.28 -5.12 3.79
C VAL A 4 -0.50 -3.95 4.74
N LYS A 5 0.43 -2.99 4.75
CA LYS A 5 0.29 -1.82 5.64
C LYS A 5 0.66 -0.52 4.95
N VAL A 6 0.07 0.56 5.44
CA VAL A 6 0.35 1.89 4.92
C VAL A 6 0.54 2.86 6.07
N HIS A 7 1.67 3.55 6.07
CA HIS A 7 1.96 4.52 7.10
C HIS A 7 2.08 5.92 6.50
N VAL A 8 1.05 6.77 6.68
CA VAL A 8 1.06 8.15 6.18
C VAL A 8 0.41 9.09 7.19
N GLY A 9 0.68 10.40 7.05
CA GLY A 9 0.10 11.39 7.94
C GLY A 9 -1.37 11.65 7.69
N ASP A 10 -1.97 12.50 8.54
CA ASP A 10 -3.40 12.84 8.46
C ASP A 10 -3.79 13.60 7.17
N ASP A 11 -2.83 14.32 6.59
CA ASP A 11 -3.07 15.12 5.37
C ASP A 11 -3.17 14.26 4.10
N GLN A 12 -2.46 13.13 4.06
CA GLN A 12 -2.48 12.23 2.90
C GLN A 12 -3.17 10.90 3.21
N PHE A 13 -3.61 10.71 4.47
CA PHE A 13 -4.27 9.48 4.92
C PHE A 13 -5.59 9.21 4.18
N GLU A 14 -6.41 10.26 4.01
CA GLU A 14 -7.69 10.11 3.30
C GLU A 14 -7.49 9.68 1.85
N GLU A 15 -6.42 10.21 1.23
CA GLU A 15 -6.08 9.87 -0.16
C GLU A 15 -5.63 8.40 -0.24
N VAL A 16 -4.78 8.00 0.71
CA VAL A 16 -4.27 6.62 0.78
C VAL A 16 -5.38 5.64 1.16
N SER A 17 -6.24 6.06 2.09
CA SER A 17 -7.36 5.24 2.57
C SER A 17 -8.36 4.97 1.45
N ARG A 18 -8.60 5.98 0.60
CA ARG A 18 -9.52 5.87 -0.53
C ARG A 18 -8.98 4.92 -1.61
N GLU A 19 -7.69 5.07 -1.96
CA GLU A 19 -7.04 4.20 -2.97
C GLU A 19 -6.91 2.75 -2.49
N ILE A 20 -6.61 2.58 -1.20
CA ILE A 20 -6.47 1.25 -0.56
C ILE A 20 -7.84 0.55 -0.47
N LYS A 21 -8.86 1.30 -0.05
CA LYS A 21 -10.22 0.76 0.06
C LYS A 21 -10.76 0.43 -1.33
N LYS A 22 -10.36 1.25 -2.30
CA LYS A 22 -10.73 1.06 -3.70
C LYS A 22 -10.04 -0.20 -4.26
N ALA A 23 -8.89 -0.54 -3.66
CA ALA A 23 -8.11 -1.71 -4.06
C ALA A 23 -8.69 -3.00 -3.47
N GLY A 24 -9.37 -2.88 -2.31
CA GLY A 24 -10.04 -4.01 -1.69
C GLY A 24 -9.17 -4.97 -0.88
N TRP A 25 -7.90 -4.64 -0.59
CA TRP A 25 -7.05 -5.58 0.19
C TRP A 25 -6.98 -5.21 1.66
N LYS A 26 -6.73 -6.24 2.50
CA LYS A 26 -6.59 -6.07 3.96
C LYS A 26 -5.26 -5.39 4.28
N VAL A 27 -5.34 -4.08 4.51
CA VAL A 27 -4.19 -3.24 4.81
C VAL A 27 -4.43 -2.44 6.08
N GLU A 28 -3.35 -2.25 6.83
CA GLU A 28 -3.38 -1.47 8.06
C GLU A 28 -2.77 -0.10 7.80
N VAL A 29 -3.50 0.94 8.19
CA VAL A 29 -3.07 2.33 7.97
C VAL A 29 -2.90 3.06 9.30
N HIS A 30 -1.78 3.76 9.42
CA HIS A 30 -1.48 4.52 10.62
C HIS A 30 -1.08 5.95 10.26
N LYS A 31 -1.67 6.91 10.98
CA LYS A 31 -1.41 8.33 10.77
C LYS A 31 -0.26 8.83 11.64
N HIS A 32 0.75 9.43 10.98
CA HIS A 32 1.92 9.98 11.68
C HIS A 32 1.68 11.44 12.10
N PRO A 33 2.39 11.98 13.15
CA PRO A 33 2.22 13.37 13.61
C PRO A 33 2.64 14.40 12.55
N SER A 34 3.68 14.06 11.78
CA SER A 34 4.18 14.92 10.72
C SER A 34 3.69 14.44 9.36
N ASN A 35 3.96 15.22 8.30
CA ASN A 35 3.55 14.88 6.93
C ASN A 35 4.40 13.74 6.35
N THR A 36 3.76 12.57 6.19
CA THR A 36 4.45 11.39 5.66
C THR A 36 3.66 10.76 4.51
N SER A 37 4.40 10.34 3.47
CA SER A 37 3.80 9.70 2.30
C SER A 37 4.61 8.45 1.92
N GLN A 38 4.37 7.35 2.65
CA GLN A 38 5.07 6.08 2.41
C GLN A 38 4.18 4.88 2.72
N VAL A 39 4.10 3.95 1.76
CA VAL A 39 3.32 2.72 1.90
C VAL A 39 4.26 1.54 2.10
N THR A 40 3.99 0.70 3.10
CA THR A 40 4.83 -0.47 3.34
C THR A 40 4.01 -1.76 3.19
N VAL A 41 4.41 -2.60 2.25
CA VAL A 41 3.70 -3.87 2.01
C VAL A 41 4.51 -5.04 2.57
N THR A 42 3.90 -5.81 3.47
CA THR A 42 4.57 -6.96 4.05
C THR A 42 3.88 -8.22 3.61
N LYS A 43 4.62 -9.02 2.89
CA LYS A 43 4.14 -10.29 2.38
C LYS A 43 5.23 -11.36 2.49
N GLY A 44 5.13 -12.17 3.55
CA GLY A 44 6.11 -13.22 3.79
C GLY A 44 7.47 -12.65 4.19
N ASN A 45 8.48 -12.95 3.36
CA ASN A 45 9.83 -12.46 3.58
C ASN A 45 10.13 -11.24 2.67
N LYS A 46 9.06 -10.65 2.10
CA LYS A 46 9.19 -9.52 1.20
C LYS A 46 8.43 -8.31 1.74
N GLN A 47 8.95 -7.12 1.43
CA GLN A 47 8.34 -5.87 1.86
C GLN A 47 8.60 -4.79 0.81
N TRP A 48 7.54 -4.04 0.50
CA TRP A 48 7.59 -2.97 -0.48
C TRP A 48 7.44 -1.60 0.19
N THR A 49 8.18 -0.62 -0.32
CA THR A 49 8.13 0.75 0.19
C THR A 49 7.90 1.74 -0.95
N PHE A 50 6.90 2.63 -0.80
CA PHE A 50 6.59 3.62 -1.85
C PHE A 50 6.29 4.99 -1.25
N LYS A 51 6.40 6.03 -2.09
CA LYS A 51 6.13 7.42 -1.66
C LYS A 51 4.66 7.81 -1.84
N ASP A 52 3.91 7.05 -2.66
CA ASP A 52 2.49 7.33 -2.91
C ASP A 52 1.68 6.05 -2.88
N PRO A 53 0.35 6.11 -2.54
CA PRO A 53 -0.48 4.91 -2.48
C PRO A 53 -0.70 4.28 -3.86
N LYS A 54 -0.66 5.13 -4.90
CA LYS A 54 -0.89 4.72 -6.28
C LYS A 54 0.27 3.89 -6.77
N GLN A 55 1.44 4.25 -6.26
CA GLN A 55 2.68 3.56 -6.55
C GLN A 55 2.65 2.16 -5.94
N ALA A 56 2.15 2.11 -4.70
CA ALA A 56 1.99 0.87 -3.96
C ALA A 56 0.87 0.01 -4.55
N VAL A 57 -0.28 0.66 -4.84
CA VAL A 57 -1.46 -0.03 -5.39
C VAL A 57 -1.16 -0.56 -6.80
N GLU A 58 -0.52 0.27 -7.63
CA GLU A 58 -0.18 -0.15 -9.00
C GLU A 58 0.87 -1.26 -8.99
N PHE A 59 1.87 -1.14 -8.12
CA PHE A 59 2.91 -2.16 -7.99
C PHE A 59 2.35 -3.44 -7.36
N VAL A 60 1.50 -3.29 -6.33
CA VAL A 60 0.88 -4.44 -5.66
C VAL A 60 -0.09 -5.14 -6.62
N GLN A 61 -0.81 -4.34 -7.41
CA GLN A 61 -1.80 -4.87 -8.36
C GLN A 61 -1.12 -5.71 -9.45
N LYS A 62 0.01 -5.22 -9.93
CA LYS A 62 0.78 -5.92 -10.97
C LYS A 62 1.48 -7.17 -10.42
N SER A 63 2.04 -7.01 -9.22
CA SER A 63 2.79 -8.09 -8.55
C SER A 63 1.87 -9.06 -7.80
N LEU A 64 0.92 -8.51 -7.06
CA LEU A 64 0.00 -9.31 -6.23
C LEU A 64 -1.33 -9.62 -6.92
N GLU A 65 -1.88 -8.68 -7.72
CA GLU A 65 -3.15 -8.96 -8.42
C GLU A 65 -2.94 -9.57 -9.82
N HIS A 66 -1.69 -9.59 -10.28
CA HIS A 66 -1.36 -10.16 -11.60
C HIS A 66 -0.17 -11.12 -11.48
N HIS A 67 -0.29 -12.26 -12.17
CA HIS A 67 0.76 -13.29 -12.16
C HIS A 67 1.15 -13.69 -13.58
N HIS A 68 0.14 -13.85 -14.44
CA HIS A 68 0.36 -14.25 -15.85
C HIS A 68 0.27 -13.03 -16.76
N HIS A 69 1.28 -12.89 -17.64
CA HIS A 69 1.32 -11.77 -18.59
C HIS A 69 1.54 -12.27 -20.02
N HIS A 70 2.45 -13.25 -20.18
CA HIS A 70 2.76 -13.83 -21.48
C HIS A 70 2.01 -15.14 -21.71
N HIS A 71 1.96 -15.98 -20.67
CA HIS A 71 1.28 -17.27 -20.74
C HIS A 71 -0.11 -17.19 -20.09
N MET A 1 1.65 -12.45 8.23
CA MET A 1 2.72 -12.58 7.20
C MET A 1 2.29 -11.97 5.87
N ASP A 2 1.03 -12.21 5.48
CA ASP A 2 0.48 -11.69 4.23
C ASP A 2 -0.27 -10.38 4.44
N GLU A 3 0.10 -9.67 5.53
CA GLU A 3 -0.51 -8.38 5.88
C GLU A 3 0.14 -7.22 5.14
N VAL A 4 -0.70 -6.38 4.56
CA VAL A 4 -0.25 -5.21 3.84
C VAL A 4 -0.45 -4.00 4.77
N LYS A 5 0.47 -3.04 4.74
CA LYS A 5 0.35 -1.86 5.62
C LYS A 5 0.64 -0.56 4.89
N VAL A 6 0.04 0.52 5.40
CA VAL A 6 0.23 1.86 4.85
C VAL A 6 0.47 2.84 6.00
N HIS A 7 1.60 3.55 5.92
CA HIS A 7 1.95 4.53 6.95
C HIS A 7 2.02 5.95 6.37
N VAL A 8 0.99 6.77 6.68
CA VAL A 8 0.94 8.16 6.24
C VAL A 8 0.34 9.05 7.34
N GLY A 9 0.56 10.37 7.22
CA GLY A 9 0.05 11.32 8.21
C GLY A 9 -1.45 11.55 8.10
N ASP A 10 -1.99 12.32 9.05
CA ASP A 10 -3.44 12.61 9.11
C ASP A 10 -3.96 13.52 8.00
N ASP A 11 -3.09 14.37 7.43
CA ASP A 11 -3.48 15.32 6.39
C ASP A 11 -3.64 14.67 5.00
N GLN A 12 -2.86 13.62 4.71
CA GLN A 12 -2.92 12.94 3.42
C GLN A 12 -3.49 11.52 3.53
N PHE A 13 -3.81 11.09 4.77
CA PHE A 13 -4.33 9.74 5.04
C PHE A 13 -5.62 9.40 4.29
N GLU A 14 -6.56 10.34 4.22
CA GLU A 14 -7.84 10.10 3.54
C GLU A 14 -7.66 9.71 2.07
N GLU A 15 -6.69 10.34 1.39
CA GLU A 15 -6.38 10.03 -0.01
C GLU A 15 -5.81 8.62 -0.14
N VAL A 16 -4.87 8.31 0.76
CA VAL A 16 -4.20 7.00 0.82
C VAL A 16 -5.18 5.91 1.26
N SER A 17 -6.05 6.26 2.21
CA SER A 17 -7.08 5.35 2.72
C SER A 17 -8.10 5.01 1.63
N ARG A 18 -8.43 6.02 0.79
CA ARG A 18 -9.38 5.86 -0.32
C ARG A 18 -8.84 4.94 -1.42
N GLU A 19 -7.58 5.17 -1.84
CA GLU A 19 -6.94 4.33 -2.88
C GLU A 19 -6.83 2.86 -2.43
N ILE A 20 -6.43 2.67 -1.16
CA ILE A 20 -6.30 1.33 -0.55
C ILE A 20 -7.67 0.63 -0.45
N LYS A 21 -8.67 1.37 0.04
CA LYS A 21 -10.04 0.86 0.17
C LYS A 21 -10.61 0.55 -1.21
N LYS A 22 -10.22 1.38 -2.19
CA LYS A 22 -10.63 1.21 -3.58
C LYS A 22 -9.97 -0.05 -4.18
N ALA A 23 -8.81 -0.42 -3.61
CA ALA A 23 -8.06 -1.59 -4.05
C ALA A 23 -8.65 -2.89 -3.47
N GLY A 24 -9.31 -2.77 -2.30
CA GLY A 24 -9.98 -3.89 -1.66
C GLY A 24 -9.10 -4.88 -0.89
N TRP A 25 -7.84 -4.56 -0.59
CA TRP A 25 -7.00 -5.53 0.16
C TRP A 25 -6.94 -5.21 1.64
N LYS A 26 -6.69 -6.26 2.46
CA LYS A 26 -6.56 -6.12 3.91
C LYS A 26 -5.22 -5.45 4.26
N VAL A 27 -5.29 -4.15 4.51
CA VAL A 27 -4.13 -3.32 4.80
C VAL A 27 -4.36 -2.54 6.09
N GLU A 28 -3.27 -2.37 6.84
CA GLU A 28 -3.28 -1.61 8.07
C GLU A 28 -2.73 -0.21 7.82
N VAL A 29 -3.47 0.80 8.26
CA VAL A 29 -3.08 2.19 8.04
C VAL A 29 -2.88 2.92 9.36
N HIS A 30 -1.78 3.65 9.45
CA HIS A 30 -1.45 4.41 10.65
C HIS A 30 -1.15 5.86 10.29
N LYS A 31 -1.75 6.78 11.05
CA LYS A 31 -1.58 8.22 10.84
C LYS A 31 -0.42 8.77 11.67
N HIS A 32 0.58 9.35 10.98
CA HIS A 32 1.74 9.94 11.64
C HIS A 32 1.49 11.42 11.99
N PRO A 33 2.20 12.00 13.01
CA PRO A 33 2.02 13.42 13.41
C PRO A 33 2.51 14.40 12.35
N SER A 34 3.58 14.02 11.64
CA SER A 34 4.17 14.85 10.59
C SER A 34 3.70 14.38 9.21
N ASN A 35 3.95 15.20 8.17
CA ASN A 35 3.55 14.88 6.80
C ASN A 35 4.52 13.88 6.16
N THR A 36 4.08 12.63 6.03
CA THR A 36 4.89 11.55 5.44
C THR A 36 4.00 10.59 4.64
N SER A 37 4.32 10.43 3.35
CA SER A 37 3.57 9.53 2.47
C SER A 37 4.43 8.34 2.05
N GLN A 38 4.17 7.18 2.69
CA GLN A 38 4.91 5.94 2.42
C GLN A 38 4.03 4.73 2.70
N VAL A 39 3.96 3.83 1.71
CA VAL A 39 3.20 2.60 1.82
C VAL A 39 4.15 1.43 2.00
N THR A 40 3.91 0.60 3.03
CA THR A 40 4.77 -0.55 3.26
C THR A 40 3.96 -1.84 3.15
N VAL A 41 4.35 -2.71 2.21
CA VAL A 41 3.66 -3.98 2.01
C VAL A 41 4.49 -5.13 2.58
N THR A 42 3.90 -5.89 3.51
CA THR A 42 4.59 -7.01 4.11
C THR A 42 3.91 -8.30 3.72
N LYS A 43 4.66 -9.10 2.99
CA LYS A 43 4.17 -10.40 2.53
C LYS A 43 5.28 -11.45 2.64
N GLY A 44 5.24 -12.23 3.74
CA GLY A 44 6.24 -13.26 3.97
C GLY A 44 7.60 -12.66 4.29
N ASN A 45 8.57 -12.97 3.44
CA ASN A 45 9.93 -12.46 3.58
C ASN A 45 10.17 -11.26 2.64
N LYS A 46 9.06 -10.71 2.10
CA LYS A 46 9.13 -9.59 1.17
C LYS A 46 8.39 -8.38 1.72
N GLN A 47 8.90 -7.19 1.39
CA GLN A 47 8.32 -5.93 1.83
C GLN A 47 8.55 -4.86 0.78
N TRP A 48 7.48 -4.13 0.48
CA TRP A 48 7.53 -3.05 -0.52
C TRP A 48 7.38 -1.69 0.16
N THR A 49 8.13 -0.71 -0.33
CA THR A 49 8.08 0.66 0.20
C THR A 49 7.86 1.66 -0.94
N PHE A 50 6.86 2.56 -0.79
CA PHE A 50 6.56 3.55 -1.82
C PHE A 50 6.24 4.91 -1.20
N LYS A 51 6.38 5.97 -2.01
CA LYS A 51 6.10 7.34 -1.56
C LYS A 51 4.62 7.73 -1.77
N ASP A 52 3.91 6.98 -2.63
CA ASP A 52 2.50 7.26 -2.92
C ASP A 52 1.70 5.97 -2.96
N PRO A 53 0.36 6.02 -2.64
CA PRO A 53 -0.48 4.82 -2.66
C PRO A 53 -0.67 4.26 -4.06
N LYS A 54 -0.56 5.15 -5.06
CA LYS A 54 -0.75 4.76 -6.46
C LYS A 54 0.39 3.90 -6.92
N GLN A 55 1.55 4.22 -6.36
CA GLN A 55 2.78 3.51 -6.60
C GLN A 55 2.70 2.12 -5.98
N ALA A 56 2.17 2.08 -4.75
CA ALA A 56 1.98 0.84 -4.01
C ALA A 56 0.86 0.00 -4.61
N VAL A 57 -0.28 0.67 -4.92
CA VAL A 57 -1.45 -0.01 -5.49
C VAL A 57 -1.16 -0.54 -6.89
N GLU A 58 -0.48 0.28 -7.73
CA GLU A 58 -0.14 -0.15 -9.09
C GLU A 58 0.89 -1.29 -9.06
N PHE A 59 1.89 -1.16 -8.17
CA PHE A 59 2.92 -2.19 -8.04
C PHE A 59 2.36 -3.46 -7.41
N VAL A 60 1.50 -3.29 -6.39
CA VAL A 60 0.88 -4.44 -5.71
C VAL A 60 -0.10 -5.15 -6.66
N GLN A 61 -0.81 -4.35 -7.47
CA GLN A 61 -1.79 -4.90 -8.42
C GLN A 61 -1.10 -5.74 -9.50
N LYS A 62 0.02 -5.23 -10.00
CA LYS A 62 0.80 -5.93 -11.02
C LYS A 62 1.52 -7.15 -10.47
N SER A 63 2.09 -7.00 -9.28
CA SER A 63 2.85 -8.06 -8.62
C SER A 63 1.97 -9.04 -7.84
N LEU A 64 1.02 -8.48 -7.08
CA LEU A 64 0.12 -9.30 -6.23
C LEU A 64 -1.23 -9.60 -6.88
N GLU A 65 -1.79 -8.66 -7.67
CA GLU A 65 -3.10 -8.91 -8.32
C GLU A 65 -2.92 -9.52 -9.73
N HIS A 66 -1.68 -9.63 -10.19
CA HIS A 66 -1.38 -10.20 -11.52
C HIS A 66 -0.23 -11.20 -11.43
N HIS A 67 -0.44 -12.38 -12.00
CA HIS A 67 0.57 -13.45 -12.01
C HIS A 67 1.25 -13.56 -13.37
N HIS A 68 0.45 -13.48 -14.45
CA HIS A 68 0.96 -13.58 -15.81
C HIS A 68 1.09 -12.19 -16.44
N HIS A 69 2.11 -12.02 -17.28
CA HIS A 69 2.37 -10.75 -17.96
C HIS A 69 2.52 -10.95 -19.47
N HIS A 70 3.25 -12.01 -19.86
CA HIS A 70 3.48 -12.32 -21.26
C HIS A 70 2.56 -13.44 -21.73
N HIS A 71 1.95 -13.25 -22.91
CA HIS A 71 1.03 -14.23 -23.49
C HIS A 71 1.73 -15.05 -24.56
N MET A 1 0.52 -12.67 8.80
CA MET A 1 1.11 -13.11 7.51
C MET A 1 0.32 -12.55 6.33
N ASP A 2 1.03 -12.19 5.25
CA ASP A 2 0.43 -11.62 4.00
C ASP A 2 -0.31 -10.30 4.26
N GLU A 3 0.05 -9.63 5.36
CA GLU A 3 -0.57 -8.34 5.75
C GLU A 3 0.08 -7.17 5.04
N VAL A 4 -0.75 -6.31 4.48
CA VAL A 4 -0.28 -5.12 3.79
C VAL A 4 -0.50 -3.95 4.74
N LYS A 5 0.43 -2.99 4.75
CA LYS A 5 0.30 -1.83 5.64
C LYS A 5 0.66 -0.52 4.95
N VAL A 6 0.07 0.56 5.44
CA VAL A 6 0.35 1.89 4.92
C VAL A 6 0.55 2.86 6.07
N HIS A 7 1.68 3.54 6.07
CA HIS A 7 1.96 4.52 7.10
C HIS A 7 2.09 5.93 6.50
N VAL A 8 1.05 6.77 6.68
CA VAL A 8 1.06 8.15 6.18
C VAL A 8 0.41 9.09 7.19
N GLY A 9 0.68 10.40 7.05
CA GLY A 9 0.11 11.40 7.95
C GLY A 9 -1.37 11.65 7.69
N ASP A 10 -1.97 12.50 8.54
CA ASP A 10 -3.40 12.84 8.46
C ASP A 10 -3.79 13.60 7.17
N ASP A 11 -2.83 14.32 6.59
CA ASP A 11 -3.07 15.12 5.37
C ASP A 11 -3.18 14.25 4.10
N GLN A 12 -2.45 13.12 4.07
CA GLN A 12 -2.48 12.23 2.90
C GLN A 12 -3.17 10.89 3.22
N PHE A 13 -3.60 10.71 4.47
CA PHE A 13 -4.27 9.48 4.92
C PHE A 13 -5.58 9.20 4.19
N GLU A 14 -6.41 10.25 4.00
CA GLU A 14 -7.69 10.11 3.30
C GLU A 14 -7.49 9.68 1.85
N GLU A 15 -6.43 10.21 1.22
CA GLU A 15 -6.09 9.86 -0.16
C GLU A 15 -5.63 8.40 -0.24
N VAL A 16 -4.78 8.00 0.71
CA VAL A 16 -4.27 6.62 0.78
C VAL A 16 -5.38 5.64 1.16
N SER A 17 -6.24 6.06 2.09
CA SER A 17 -7.36 5.24 2.57
C SER A 17 -8.37 4.96 1.44
N ARG A 18 -8.60 5.98 0.60
CA ARG A 18 -9.52 5.87 -0.53
C ARG A 18 -8.98 4.92 -1.61
N GLU A 19 -7.69 5.07 -1.97
CA GLU A 19 -7.04 4.20 -2.97
C GLU A 19 -6.91 2.75 -2.49
N ILE A 20 -6.61 2.58 -1.20
CA ILE A 20 -6.48 1.24 -0.57
C ILE A 20 -7.83 0.54 -0.47
N LYS A 21 -8.85 1.29 -0.05
CA LYS A 21 -10.22 0.76 0.06
C LYS A 21 -10.75 0.42 -1.33
N LYS A 22 -10.36 1.25 -2.31
CA LYS A 22 -10.73 1.06 -3.72
C LYS A 22 -10.04 -0.20 -4.26
N ALA A 23 -8.89 -0.54 -3.66
CA ALA A 23 -8.11 -1.71 -4.06
C ALA A 23 -8.69 -3.00 -3.47
N GLY A 24 -9.37 -2.88 -2.32
CA GLY A 24 -10.04 -4.01 -1.69
C GLY A 24 -9.17 -4.97 -0.88
N TRP A 25 -7.90 -4.64 -0.59
CA TRP A 25 -7.05 -5.58 0.19
C TRP A 25 -6.98 -5.21 1.66
N LYS A 26 -6.73 -6.24 2.50
CA LYS A 26 -6.60 -6.06 3.96
C LYS A 26 -5.26 -5.39 4.28
N VAL A 27 -5.34 -4.08 4.51
CA VAL A 27 -4.20 -3.24 4.80
C VAL A 27 -4.43 -2.43 6.08
N GLU A 28 -3.35 -2.25 6.83
CA GLU A 28 -3.38 -1.47 8.05
C GLU A 28 -2.78 -0.10 7.79
N VAL A 29 -3.50 0.94 8.19
CA VAL A 29 -3.07 2.33 7.96
C VAL A 29 -2.90 3.06 9.30
N HIS A 30 -1.78 3.77 9.42
CA HIS A 30 -1.47 4.52 10.62
C HIS A 30 -1.08 5.95 10.26
N LYS A 31 -1.67 6.91 10.98
CA LYS A 31 -1.40 8.33 10.77
C LYS A 31 -0.24 8.83 11.64
N HIS A 32 0.76 9.43 10.99
CA HIS A 32 1.92 9.98 11.69
C HIS A 32 1.69 11.44 12.11
N PRO A 33 2.40 11.96 13.17
CA PRO A 33 2.23 13.36 13.62
C PRO A 33 2.65 14.39 12.56
N SER A 34 3.69 14.05 11.78
CA SER A 34 4.20 14.92 10.72
C SER A 34 3.70 14.43 9.36
N ASN A 35 3.97 15.22 8.31
CA ASN A 35 3.55 14.87 6.94
C ASN A 35 4.40 13.74 6.36
N THR A 36 3.78 12.57 6.19
CA THR A 36 4.45 11.39 5.66
C THR A 36 3.66 10.76 4.52
N SER A 37 4.39 10.33 3.49
CA SER A 37 3.80 9.69 2.32
C SER A 37 4.61 8.45 1.93
N GLN A 38 4.37 7.35 2.66
CA GLN A 38 5.07 6.08 2.42
C GLN A 38 4.18 4.87 2.73
N VAL A 39 4.10 3.95 1.76
CA VAL A 39 3.32 2.72 1.90
C VAL A 39 4.26 1.54 2.10
N THR A 40 3.99 0.69 3.11
CA THR A 40 4.84 -0.47 3.34
C THR A 40 4.01 -1.76 3.19
N VAL A 41 4.40 -2.61 2.25
CA VAL A 41 3.70 -3.88 2.02
C VAL A 41 4.51 -5.03 2.58
N THR A 42 3.89 -5.80 3.50
CA THR A 42 4.57 -6.94 4.09
C THR A 42 3.88 -8.22 3.66
N LYS A 43 4.64 -9.02 2.94
CA LYS A 43 4.16 -10.29 2.44
C LYS A 43 5.25 -11.35 2.56
N GLY A 44 5.17 -12.15 3.64
CA GLY A 44 6.16 -13.19 3.90
C GLY A 44 7.51 -12.61 4.25
N ASN A 45 8.50 -12.92 3.41
CA ASN A 45 9.86 -12.41 3.59
C ASN A 45 10.11 -11.21 2.66
N LYS A 46 9.04 -10.65 2.11
CA LYS A 46 9.11 -9.52 1.18
C LYS A 46 8.39 -8.31 1.73
N GLN A 47 8.90 -7.12 1.41
CA GLN A 47 8.33 -5.87 1.84
C GLN A 47 8.58 -4.80 0.79
N TRP A 48 7.52 -4.05 0.49
CA TRP A 48 7.57 -2.97 -0.50
C TRP A 48 7.42 -1.61 0.17
N THR A 49 8.17 -0.62 -0.32
CA THR A 49 8.12 0.74 0.20
C THR A 49 7.90 1.74 -0.95
N PHE A 50 6.90 2.63 -0.80
CA PHE A 50 6.59 3.63 -1.84
C PHE A 50 6.29 5.00 -1.24
N LYS A 51 6.40 6.04 -2.07
CA LYS A 51 6.14 7.41 -1.66
C LYS A 51 4.67 7.81 -1.83
N ASP A 52 3.92 7.06 -2.64
CA ASP A 52 2.50 7.33 -2.90
C ASP A 52 1.68 6.05 -2.88
N PRO A 53 0.36 6.11 -2.53
CA PRO A 53 -0.47 4.90 -2.47
C PRO A 53 -0.69 4.28 -3.86
N LYS A 54 -0.65 5.14 -4.89
CA LYS A 54 -0.88 4.72 -6.27
C LYS A 54 0.27 3.88 -6.76
N GLN A 55 1.44 4.25 -6.26
CA GLN A 55 2.68 3.56 -6.55
C GLN A 55 2.65 2.17 -5.94
N ALA A 56 2.16 2.12 -4.71
CA ALA A 56 1.99 0.87 -3.96
C ALA A 56 0.87 0.01 -4.55
N VAL A 57 -0.28 0.66 -4.84
CA VAL A 57 -1.45 -0.04 -5.40
C VAL A 57 -1.15 -0.56 -6.80
N GLU A 58 -0.52 0.28 -7.64
CA GLU A 58 -0.17 -0.14 -9.01
C GLU A 58 0.87 -1.26 -9.00
N PHE A 59 1.87 -1.13 -8.13
CA PHE A 59 2.91 -2.15 -8.00
C PHE A 59 2.37 -3.43 -7.37
N VAL A 60 1.52 -3.28 -6.35
CA VAL A 60 0.91 -4.43 -5.67
C VAL A 60 -0.07 -5.13 -6.62
N GLN A 61 -0.80 -4.34 -7.41
CA GLN A 61 -1.78 -4.88 -8.36
C GLN A 61 -1.11 -5.71 -9.44
N LYS A 62 0.03 -5.21 -9.94
CA LYS A 62 0.79 -5.91 -10.98
C LYS A 62 1.50 -7.15 -10.43
N SER A 63 2.07 -7.00 -9.23
CA SER A 63 2.83 -8.07 -8.57
C SER A 63 1.93 -9.04 -7.82
N LEU A 64 0.97 -8.50 -7.07
CA LEU A 64 0.06 -9.30 -6.23
C LEU A 64 -1.28 -9.62 -6.92
N GLU A 65 -1.83 -8.68 -7.72
CA GLU A 65 -3.12 -8.96 -8.40
C GLU A 65 -2.91 -9.58 -9.79
N HIS A 66 -1.65 -9.60 -10.27
CA HIS A 66 -1.32 -10.17 -11.58
C HIS A 66 -0.14 -11.12 -11.47
N HIS A 67 -0.27 -12.29 -12.13
CA HIS A 67 0.77 -13.31 -12.12
C HIS A 67 1.13 -13.75 -13.54
N HIS A 68 0.10 -13.94 -14.38
CA HIS A 68 0.28 -14.35 -15.76
C HIS A 68 0.17 -13.17 -16.72
N HIS A 69 1.15 -13.04 -17.62
CA HIS A 69 1.18 -11.96 -18.60
C HIS A 69 1.36 -12.50 -20.02
N HIS A 70 2.26 -13.48 -20.17
CA HIS A 70 2.53 -14.09 -21.48
C HIS A 70 1.77 -15.41 -21.65
N HIS A 71 1.74 -16.22 -20.58
CA HIS A 71 1.05 -17.51 -20.61
C HIS A 71 -0.32 -17.41 -19.93
N MET A 1 1.49 -12.49 8.07
CA MET A 1 2.60 -12.58 7.07
C MET A 1 2.20 -11.94 5.74
N ASP A 2 0.96 -12.18 5.31
CA ASP A 2 0.44 -11.62 4.06
C ASP A 2 -0.31 -10.30 4.29
N GLU A 3 0.05 -9.62 5.39
CA GLU A 3 -0.57 -8.34 5.77
C GLU A 3 0.08 -7.17 5.06
N VAL A 4 -0.75 -6.32 4.49
CA VAL A 4 -0.28 -5.12 3.80
C VAL A 4 -0.50 -3.95 4.74
N LYS A 5 0.43 -2.99 4.75
CA LYS A 5 0.30 -1.82 5.64
C LYS A 5 0.67 -0.52 4.95
N VAL A 6 0.07 0.56 5.44
CA VAL A 6 0.35 1.89 4.92
C VAL A 6 0.55 2.86 6.07
N HIS A 7 1.67 3.55 6.07
CA HIS A 7 1.96 4.53 7.10
C HIS A 7 2.09 5.93 6.50
N VAL A 8 1.05 6.77 6.68
CA VAL A 8 1.06 8.15 6.18
C VAL A 8 0.40 9.09 7.18
N GLY A 9 0.68 10.40 7.05
CA GLY A 9 0.10 11.39 7.95
C GLY A 9 -1.38 11.66 7.69
N ASP A 10 -1.97 12.50 8.54
CA ASP A 10 -3.41 12.85 8.47
C ASP A 10 -3.79 13.60 7.18
N ASP A 11 -2.83 14.32 6.59
CA ASP A 11 -3.07 15.12 5.37
C ASP A 11 -3.18 14.25 4.10
N GLN A 12 -2.45 13.12 4.07
CA GLN A 12 -2.48 12.22 2.91
C GLN A 12 -3.17 10.89 3.22
N PHE A 13 -3.61 10.71 4.47
CA PHE A 13 -4.27 9.47 4.93
C PHE A 13 -5.59 9.21 4.19
N GLU A 14 -6.41 10.25 4.01
CA GLU A 14 -7.70 10.12 3.31
C GLU A 14 -7.50 9.68 1.85
N GLU A 15 -6.42 10.21 1.23
CA GLU A 15 -6.09 9.86 -0.16
C GLU A 15 -5.63 8.40 -0.24
N VAL A 16 -4.78 7.99 0.72
CA VAL A 16 -4.27 6.62 0.78
C VAL A 16 -5.38 5.64 1.16
N SER A 17 -6.24 6.07 2.09
CA SER A 17 -7.36 5.24 2.57
C SER A 17 -8.37 4.96 1.45
N ARG A 18 -8.60 5.98 0.60
CA ARG A 18 -9.52 5.87 -0.53
C ARG A 18 -8.98 4.92 -1.61
N GLU A 19 -7.69 5.07 -1.96
CA GLU A 19 -7.04 4.20 -2.97
C GLU A 19 -6.91 2.74 -2.48
N ILE A 20 -6.61 2.57 -1.19
CA ILE A 20 -6.47 1.25 -0.56
C ILE A 20 -7.84 0.55 -0.47
N LYS A 21 -8.86 1.30 -0.05
CA LYS A 21 -10.22 0.76 0.07
C LYS A 21 -10.76 0.43 -1.33
N LYS A 22 -10.37 1.26 -2.30
CA LYS A 22 -10.73 1.06 -3.70
C LYS A 22 -10.05 -0.20 -4.25
N ALA A 23 -8.90 -0.53 -3.65
CA ALA A 23 -8.11 -1.70 -4.06
C ALA A 23 -8.69 -3.00 -3.47
N GLY A 24 -9.37 -2.88 -2.32
CA GLY A 24 -10.04 -4.01 -1.69
C GLY A 24 -9.17 -4.97 -0.88
N TRP A 25 -7.90 -4.64 -0.59
CA TRP A 25 -7.05 -5.57 0.18
C TRP A 25 -6.98 -5.21 1.66
N LYS A 26 -6.73 -6.24 2.50
CA LYS A 26 -6.60 -6.07 3.95
C LYS A 26 -5.26 -5.39 4.28
N VAL A 27 -5.35 -4.08 4.51
CA VAL A 27 -4.20 -3.24 4.80
C VAL A 27 -4.42 -2.44 6.07
N GLU A 28 -3.35 -2.25 6.83
CA GLU A 28 -3.38 -1.47 8.05
C GLU A 28 -2.78 -0.10 7.79
N VAL A 29 -3.50 0.94 8.19
CA VAL A 29 -3.07 2.33 7.96
C VAL A 29 -2.90 3.06 9.29
N HIS A 30 -1.78 3.77 9.42
CA HIS A 30 -1.47 4.52 10.62
C HIS A 30 -1.08 5.95 10.26
N LYS A 31 -1.67 6.91 10.98
CA LYS A 31 -1.40 8.33 10.77
C LYS A 31 -0.24 8.83 11.64
N HIS A 32 0.75 9.43 10.98
CA HIS A 32 1.92 9.98 11.69
C HIS A 32 1.69 11.44 12.11
N PRO A 33 2.40 11.97 13.16
CA PRO A 33 2.23 13.36 13.63
C PRO A 33 2.64 14.39 12.56
N SER A 34 3.68 14.05 11.79
CA SER A 34 4.19 14.91 10.73
C SER A 34 3.69 14.44 9.36
N ASN A 35 3.97 15.22 8.30
CA ASN A 35 3.55 14.88 6.93
C ASN A 35 4.40 13.74 6.36
N THR A 36 3.77 12.58 6.18
CA THR A 36 4.45 11.39 5.66
C THR A 36 3.66 10.76 4.52
N SER A 37 4.39 10.33 3.48
CA SER A 37 3.80 9.70 2.31
C SER A 37 4.60 8.45 1.92
N GLN A 38 4.37 7.35 2.65
CA GLN A 38 5.07 6.08 2.41
C GLN A 38 4.18 4.87 2.73
N VAL A 39 4.10 3.95 1.76
CA VAL A 39 3.32 2.72 1.89
C VAL A 39 4.26 1.54 2.10
N THR A 40 3.99 0.69 3.11
CA THR A 40 4.84 -0.47 3.35
C THR A 40 4.02 -1.75 3.20
N VAL A 41 4.42 -2.61 2.25
CA VAL A 41 3.71 -3.88 2.03
C VAL A 41 4.52 -5.04 2.60
N THR A 42 3.90 -5.80 3.51
CA THR A 42 4.58 -6.94 4.11
C THR A 42 3.90 -8.22 3.70
N LYS A 43 4.65 -9.02 2.98
CA LYS A 43 4.18 -10.30 2.49
C LYS A 43 5.27 -11.36 2.61
N GLY A 44 5.20 -12.15 3.70
CA GLY A 44 6.20 -13.19 3.94
C GLY A 44 7.56 -12.60 4.28
N ASN A 45 8.54 -12.91 3.45
CA ASN A 45 9.90 -12.39 3.61
C ASN A 45 10.15 -11.20 2.68
N LYS A 46 9.05 -10.64 2.13
CA LYS A 46 9.13 -9.52 1.20
C LYS A 46 8.39 -8.30 1.74
N GLN A 47 8.92 -7.11 1.42
CA GLN A 47 8.35 -5.86 1.86
C GLN A 47 8.58 -4.79 0.80
N TRP A 48 7.53 -4.05 0.50
CA TRP A 48 7.58 -2.97 -0.49
C TRP A 48 7.43 -1.60 0.18
N THR A 49 8.17 -0.62 -0.32
CA THR A 49 8.13 0.75 0.21
C THR A 49 7.90 1.74 -0.94
N PHE A 50 6.90 2.63 -0.80
CA PHE A 50 6.60 3.62 -1.84
C PHE A 50 6.29 4.99 -1.25
N LYS A 51 6.41 6.03 -2.08
CA LYS A 51 6.14 7.41 -1.66
C LYS A 51 4.67 7.81 -1.83
N ASP A 52 3.92 7.04 -2.65
CA ASP A 52 2.49 7.33 -2.90
C ASP A 52 1.69 6.04 -2.88
N PRO A 53 0.36 6.10 -2.54
CA PRO A 53 -0.47 4.90 -2.48
C PRO A 53 -0.70 4.27 -3.86
N LYS A 54 -0.65 5.13 -4.89
CA LYS A 54 -0.88 4.71 -6.28
C LYS A 54 0.27 3.87 -6.76
N GLN A 55 1.44 4.24 -6.25
CA GLN A 55 2.69 3.56 -6.55
C GLN A 55 2.65 2.16 -5.95
N ALA A 56 2.15 2.11 -4.71
CA ALA A 56 2.00 0.86 -3.96
C ALA A 56 0.88 0.00 -4.54
N VAL A 57 -0.27 0.65 -4.84
CA VAL A 57 -1.45 -0.04 -5.39
C VAL A 57 -1.15 -0.56 -6.80
N GLU A 58 -0.51 0.27 -7.64
CA GLU A 58 -0.17 -0.16 -9.01
C GLU A 58 0.88 -1.27 -9.00
N PHE A 59 1.88 -1.14 -8.12
CA PHE A 59 2.92 -2.15 -8.00
C PHE A 59 2.38 -3.43 -7.37
N VAL A 60 1.52 -3.28 -6.34
CA VAL A 60 0.91 -4.44 -5.66
C VAL A 60 -0.06 -5.15 -6.61
N GLN A 61 -0.78 -4.35 -7.41
CA GLN A 61 -1.76 -4.90 -8.36
C GLN A 61 -1.08 -5.73 -9.44
N LYS A 62 0.05 -5.22 -9.93
CA LYS A 62 0.82 -5.92 -10.97
C LYS A 62 1.54 -7.15 -10.43
N SER A 63 2.11 -6.99 -9.23
CA SER A 63 2.86 -8.06 -8.57
C SER A 63 1.98 -9.05 -7.81
N LEU A 64 1.02 -8.51 -7.04
CA LEU A 64 0.13 -9.32 -6.21
C LEU A 64 -1.23 -9.62 -6.88
N GLU A 65 -1.78 -8.67 -7.65
CA GLU A 65 -3.07 -8.91 -8.31
C GLU A 65 -2.91 -9.50 -9.72
N HIS A 66 -1.65 -9.62 -10.19
CA HIS A 66 -1.35 -10.17 -11.50
C HIS A 66 -0.21 -11.18 -11.42
N HIS A 67 -0.33 -12.26 -12.18
CA HIS A 67 0.69 -13.32 -12.22
C HIS A 67 1.11 -13.64 -13.65
N HIS A 68 2.42 -13.71 -13.87
CA HIS A 68 2.98 -14.01 -15.20
C HIS A 68 3.40 -15.47 -15.30
N HIS A 69 3.05 -16.10 -16.41
CA HIS A 69 3.37 -17.50 -16.66
C HIS A 69 4.58 -17.62 -17.59
N HIS A 70 5.41 -18.67 -17.34
CA HIS A 70 6.64 -18.97 -18.12
C HIS A 70 7.76 -17.94 -17.87
N HIS A 71 7.43 -16.65 -17.98
CA HIS A 71 8.39 -15.57 -17.77
C HIS A 71 8.24 -14.96 -16.38
N MET A 1 4.08 -13.04 7.00
CA MET A 1 2.67 -12.61 7.04
C MET A 1 2.25 -11.96 5.72
N ASP A 2 1.00 -12.21 5.32
CA ASP A 2 0.45 -11.66 4.07
C ASP A 2 -0.29 -10.33 4.32
N GLU A 3 0.09 -9.65 5.41
CA GLU A 3 -0.52 -8.37 5.80
C GLU A 3 0.13 -7.20 5.07
N VAL A 4 -0.71 -6.35 4.51
CA VAL A 4 -0.25 -5.16 3.80
C VAL A 4 -0.45 -3.97 4.75
N LYS A 5 0.47 -3.01 4.73
CA LYS A 5 0.35 -1.84 5.62
C LYS A 5 0.65 -0.53 4.89
N VAL A 6 0.05 0.54 5.40
CA VAL A 6 0.25 1.88 4.86
C VAL A 6 0.50 2.87 6.00
N HIS A 7 1.60 3.62 5.91
CA HIS A 7 1.94 4.59 6.92
C HIS A 7 1.96 6.02 6.33
N VAL A 8 0.92 6.80 6.67
CA VAL A 8 0.80 8.20 6.20
C VAL A 8 0.22 9.09 7.31
N GLY A 9 0.45 10.40 7.18
CA GLY A 9 -0.05 11.36 8.16
C GLY A 9 -1.54 11.64 8.02
N ASP A 10 -2.11 12.31 9.03
CA ASP A 10 -3.55 12.63 9.10
C ASP A 10 -4.05 13.54 7.96
N ASP A 11 -3.15 14.37 7.40
CA ASP A 11 -3.53 15.32 6.33
C ASP A 11 -3.68 14.66 4.95
N GLN A 12 -2.89 13.60 4.68
CA GLN A 12 -2.95 12.92 3.39
C GLN A 12 -3.52 11.49 3.51
N PHE A 13 -3.84 11.08 4.74
CA PHE A 13 -4.35 9.73 5.05
C PHE A 13 -5.64 9.37 4.30
N GLU A 14 -6.58 10.32 4.21
CA GLU A 14 -7.86 10.07 3.51
C GLU A 14 -7.66 9.67 2.05
N GLU A 15 -6.69 10.31 1.38
CA GLU A 15 -6.38 10.01 -0.03
C GLU A 15 -5.80 8.59 -0.16
N VAL A 16 -4.88 8.26 0.76
CA VAL A 16 -4.23 6.95 0.81
C VAL A 16 -5.21 5.86 1.22
N SER A 17 -6.08 6.21 2.17
CA SER A 17 -7.14 5.31 2.65
C SER A 17 -8.14 4.99 1.55
N ARG A 18 -8.46 6.00 0.73
CA ARG A 18 -9.41 5.86 -0.39
C ARG A 18 -8.87 4.94 -1.49
N GLU A 19 -7.61 5.14 -1.89
CA GLU A 19 -6.96 4.30 -2.92
C GLU A 19 -6.84 2.84 -2.46
N ILE A 20 -6.45 2.65 -1.19
CA ILE A 20 -6.32 1.31 -0.58
C ILE A 20 -7.69 0.62 -0.47
N LYS A 21 -8.69 1.37 0.01
CA LYS A 21 -10.05 0.85 0.14
C LYS A 21 -10.62 0.52 -1.24
N LYS A 22 -10.24 1.35 -2.23
CA LYS A 22 -10.64 1.17 -3.62
C LYS A 22 -9.98 -0.09 -4.20
N ALA A 23 -8.82 -0.45 -3.63
CA ALA A 23 -8.07 -1.62 -4.06
C ALA A 23 -8.65 -2.92 -3.47
N GLY A 24 -9.31 -2.79 -2.31
CA GLY A 24 -9.99 -3.93 -1.67
C GLY A 24 -9.12 -4.90 -0.89
N TRP A 25 -7.84 -4.58 -0.59
CA TRP A 25 -7.01 -5.54 0.16
C TRP A 25 -6.94 -5.20 1.65
N LYS A 26 -6.69 -6.24 2.47
CA LYS A 26 -6.57 -6.09 3.93
C LYS A 26 -5.22 -5.42 4.27
N VAL A 27 -5.30 -4.12 4.50
CA VAL A 27 -4.14 -3.29 4.79
C VAL A 27 -4.36 -2.51 6.08
N GLU A 28 -3.28 -2.33 6.82
CA GLU A 28 -3.28 -1.57 8.07
C GLU A 28 -2.74 -0.17 7.80
N VAL A 29 -3.48 0.84 8.25
CA VAL A 29 -3.09 2.24 8.02
C VAL A 29 -2.89 2.95 9.36
N HIS A 30 -1.80 3.69 9.45
CA HIS A 30 -1.46 4.44 10.64
C HIS A 30 -1.18 5.90 10.29
N LYS A 31 -1.76 6.81 11.05
CA LYS A 31 -1.60 8.24 10.84
C LYS A 31 -0.44 8.82 11.66
N HIS A 32 0.55 9.40 10.96
CA HIS A 32 1.72 9.99 11.62
C HIS A 32 1.46 11.46 12.00
N PRO A 33 2.18 12.03 13.02
CA PRO A 33 2.00 13.44 13.44
C PRO A 33 2.59 14.43 12.44
N SER A 34 3.70 14.05 11.80
CA SER A 34 4.38 14.88 10.81
C SER A 34 3.94 14.49 9.39
N ASN A 35 4.43 15.24 8.38
CA ASN A 35 4.09 14.97 6.98
C ASN A 35 4.82 13.72 6.45
N THR A 36 4.04 12.67 6.20
CA THR A 36 4.57 11.40 5.70
C THR A 36 3.71 10.83 4.59
N SER A 37 4.36 10.20 3.61
CA SER A 37 3.67 9.58 2.48
C SER A 37 4.46 8.35 2.00
N GLN A 38 4.29 7.23 2.73
CA GLN A 38 4.99 5.98 2.41
C GLN A 38 4.10 4.77 2.70
N VAL A 39 4.00 3.88 1.71
CA VAL A 39 3.23 2.66 1.82
C VAL A 39 4.17 1.47 1.99
N THR A 40 3.92 0.64 3.01
CA THR A 40 4.78 -0.51 3.24
C THR A 40 3.97 -1.80 3.13
N VAL A 41 4.37 -2.66 2.19
CA VAL A 41 3.67 -3.94 1.98
C VAL A 41 4.50 -5.09 2.54
N THR A 42 3.89 -5.86 3.46
CA THR A 42 4.59 -6.99 4.05
C THR A 42 3.90 -8.27 3.64
N LYS A 43 4.64 -9.07 2.92
CA LYS A 43 4.16 -10.35 2.43
C LYS A 43 5.26 -11.41 2.54
N GLY A 44 5.20 -12.21 3.62
CA GLY A 44 6.19 -13.24 3.86
C GLY A 44 7.55 -12.65 4.20
N ASN A 45 8.54 -12.96 3.36
CA ASN A 45 9.89 -12.45 3.53
C ASN A 45 10.14 -11.25 2.60
N LYS A 46 9.04 -10.69 2.05
CA LYS A 46 9.12 -9.57 1.13
C LYS A 46 8.38 -8.35 1.67
N GLN A 47 8.90 -7.17 1.35
CA GLN A 47 8.31 -5.91 1.79
C GLN A 47 8.55 -4.83 0.73
N TRP A 48 7.49 -4.10 0.44
CA TRP A 48 7.53 -3.02 -0.55
C TRP A 48 7.39 -1.66 0.12
N THR A 49 8.14 -0.68 -0.37
CA THR A 49 8.10 0.69 0.16
C THR A 49 7.88 1.69 -0.97
N PHE A 50 6.87 2.58 -0.82
CA PHE A 50 6.57 3.57 -1.86
C PHE A 50 6.26 4.94 -1.26
N LYS A 51 6.40 5.99 -2.07
CA LYS A 51 6.13 7.36 -1.64
C LYS A 51 4.67 7.76 -1.86
N ASP A 52 3.92 6.97 -2.66
CA ASP A 52 2.51 7.25 -2.94
C ASP A 52 1.71 5.97 -2.98
N PRO A 53 0.38 6.00 -2.65
CA PRO A 53 -0.45 4.80 -2.66
C PRO A 53 -0.66 4.25 -4.07
N LYS A 54 -0.56 5.13 -5.06
CA LYS A 54 -0.76 4.76 -6.46
C LYS A 54 0.39 3.89 -6.92
N GLN A 55 1.55 4.21 -6.36
CA GLN A 55 2.77 3.49 -6.61
C GLN A 55 2.69 2.10 -6.00
N ALA A 56 2.17 2.07 -4.77
CA ALA A 56 1.98 0.83 -4.01
C ALA A 56 0.85 -0.01 -4.61
N VAL A 57 -0.27 0.65 -4.92
CA VAL A 57 -1.46 -0.02 -5.48
C VAL A 57 -1.15 -0.56 -6.88
N GLU A 58 -0.50 0.25 -7.72
CA GLU A 58 -0.15 -0.18 -9.09
C GLU A 58 0.88 -1.30 -9.06
N PHE A 59 1.88 -1.19 -8.17
CA PHE A 59 2.91 -2.22 -8.04
C PHE A 59 2.35 -3.48 -7.41
N VAL A 60 1.49 -3.31 -6.37
CA VAL A 60 0.86 -4.46 -5.70
C VAL A 60 -0.12 -5.16 -6.65
N GLN A 61 -0.83 -4.36 -7.46
CA GLN A 61 -1.82 -4.90 -8.40
C GLN A 61 -1.14 -5.75 -9.47
N LYS A 62 0.00 -5.26 -9.98
CA LYS A 62 0.76 -5.97 -11.01
C LYS A 62 1.47 -7.21 -10.44
N SER A 63 2.04 -7.05 -9.25
CA SER A 63 2.79 -8.11 -8.58
C SER A 63 1.90 -9.08 -7.81
N LEU A 64 0.94 -8.52 -7.06
CA LEU A 64 0.04 -9.32 -6.22
C LEU A 64 -1.31 -9.63 -6.89
N GLU A 65 -1.86 -8.71 -7.71
CA GLU A 65 -3.16 -9.00 -8.38
C GLU A 65 -2.95 -9.63 -9.77
N HIS A 66 -1.71 -9.64 -10.26
CA HIS A 66 -1.39 -10.23 -11.57
C HIS A 66 -0.15 -11.11 -11.47
N HIS A 67 -0.16 -12.20 -12.24
CA HIS A 67 0.96 -13.15 -12.26
C HIS A 67 1.41 -13.43 -13.69
N HIS A 68 2.72 -13.62 -13.86
CA HIS A 68 3.31 -13.90 -15.18
C HIS A 68 3.60 -15.38 -15.33
N HIS A 69 3.32 -15.90 -16.54
CA HIS A 69 3.56 -17.32 -16.84
C HIS A 69 4.38 -17.48 -18.12
N HIS A 70 4.06 -16.68 -19.14
CA HIS A 70 4.76 -16.72 -20.42
C HIS A 70 5.77 -15.59 -20.53
N HIS A 71 6.91 -15.88 -21.15
CA HIS A 71 7.98 -14.90 -21.34
C HIS A 71 8.42 -14.83 -22.79
N MET A 1 1.46 -12.51 8.03
CA MET A 1 2.55 -12.64 7.01
C MET A 1 2.15 -11.98 5.69
N ASP A 2 0.89 -12.19 5.28
CA ASP A 2 0.36 -11.62 4.02
C ASP A 2 -0.37 -10.29 4.28
N GLU A 3 0.01 -9.61 5.37
CA GLU A 3 -0.59 -8.33 5.76
C GLU A 3 0.07 -7.17 5.04
N VAL A 4 -0.76 -6.30 4.50
CA VAL A 4 -0.29 -5.12 3.80
C VAL A 4 -0.51 -3.92 4.74
N LYS A 5 0.42 -2.97 4.74
CA LYS A 5 0.29 -1.80 5.61
C LYS A 5 0.66 -0.50 4.92
N VAL A 6 0.09 0.60 5.41
CA VAL A 6 0.38 1.92 4.88
C VAL A 6 0.63 2.89 6.03
N HIS A 7 1.72 3.63 5.93
CA HIS A 7 2.07 4.62 6.93
C HIS A 7 2.08 6.02 6.33
N VAL A 8 1.03 6.81 6.63
CA VAL A 8 0.92 8.19 6.14
C VAL A 8 0.30 9.09 7.22
N GLY A 9 0.48 10.41 7.06
CA GLY A 9 -0.04 11.38 8.02
C GLY A 9 -1.54 11.56 7.94
N ASP A 10 -2.08 12.37 8.85
CA ASP A 10 -3.53 12.63 8.94
C ASP A 10 -4.08 13.45 7.76
N ASP A 11 -3.23 14.28 7.14
CA ASP A 11 -3.64 15.14 6.02
C ASP A 11 -3.77 14.39 4.69
N GLN A 12 -2.95 13.35 4.49
CA GLN A 12 -2.99 12.57 3.25
C GLN A 12 -3.52 11.14 3.45
N PHE A 13 -3.92 10.82 4.69
CA PHE A 13 -4.44 9.48 5.05
C PHE A 13 -5.73 9.15 4.30
N GLU A 14 -6.66 10.11 4.20
CA GLU A 14 -7.93 9.90 3.51
C GLU A 14 -7.72 9.53 2.04
N GLU A 15 -6.71 10.14 1.41
CA GLU A 15 -6.35 9.86 0.02
C GLU A 15 -5.82 8.43 -0.11
N VAL A 16 -4.93 8.05 0.83
CA VAL A 16 -4.34 6.71 0.85
C VAL A 16 -5.41 5.66 1.22
N SER A 17 -6.27 6.03 2.16
CA SER A 17 -7.37 5.19 2.62
C SER A 17 -8.36 4.91 1.49
N ARG A 18 -8.60 5.93 0.65
CA ARG A 18 -9.52 5.84 -0.49
C ARG A 18 -8.98 4.90 -1.57
N GLU A 19 -7.69 5.07 -1.93
CA GLU A 19 -7.05 4.21 -2.96
C GLU A 19 -6.90 2.76 -2.48
N ILE A 20 -6.59 2.60 -1.19
CA ILE A 20 -6.45 1.27 -0.55
C ILE A 20 -7.79 0.55 -0.45
N LYS A 21 -8.83 1.30 -0.02
CA LYS A 21 -10.18 0.75 0.10
C LYS A 21 -10.72 0.42 -1.30
N LYS A 22 -10.35 1.25 -2.27
CA LYS A 22 -10.73 1.06 -3.67
C LYS A 22 -10.03 -0.19 -4.23
N ALA A 23 -8.88 -0.52 -3.63
CA ALA A 23 -8.09 -1.67 -4.04
C ALA A 23 -8.65 -2.98 -3.47
N GLY A 24 -9.34 -2.87 -2.32
CA GLY A 24 -10.00 -4.02 -1.71
C GLY A 24 -9.12 -4.97 -0.89
N TRP A 25 -7.86 -4.63 -0.60
CA TRP A 25 -7.00 -5.56 0.17
C TRP A 25 -6.95 -5.20 1.66
N LYS A 26 -6.68 -6.21 2.50
CA LYS A 26 -6.57 -6.04 3.95
C LYS A 26 -5.24 -5.35 4.28
N VAL A 27 -5.33 -4.04 4.50
CA VAL A 27 -4.18 -3.20 4.79
C VAL A 27 -4.42 -2.39 6.07
N GLU A 28 -3.35 -2.18 6.82
CA GLU A 28 -3.38 -1.40 8.04
C GLU A 28 -2.73 -0.05 7.80
N VAL A 29 -3.43 1.02 8.19
CA VAL A 29 -2.94 2.38 7.97
C VAL A 29 -2.77 3.11 9.30
N HIS A 30 -1.63 3.77 9.44
CA HIS A 30 -1.31 4.52 10.64
C HIS A 30 -1.00 5.97 10.28
N LYS A 31 -1.60 6.89 11.03
CA LYS A 31 -1.42 8.33 10.81
C LYS A 31 -0.26 8.89 11.64
N HIS A 32 0.73 9.48 10.94
CA HIS A 32 1.89 10.08 11.61
C HIS A 32 1.62 11.55 11.98
N PRO A 33 2.33 12.14 13.01
CA PRO A 33 2.13 13.54 13.42
C PRO A 33 2.64 14.54 12.37
N SER A 34 3.71 14.18 11.67
CA SER A 34 4.29 15.02 10.62
C SER A 34 3.81 14.59 9.23
N ASN A 35 4.07 15.41 8.22
CA ASN A 35 3.67 15.12 6.83
C ASN A 35 4.60 14.10 6.18
N THR A 36 4.11 12.85 6.07
CA THR A 36 4.87 11.76 5.47
C THR A 36 3.96 10.81 4.69
N SER A 37 4.39 10.42 3.49
CA SER A 37 3.62 9.52 2.64
C SER A 37 4.48 8.35 2.18
N GLN A 38 4.25 7.18 2.80
CA GLN A 38 4.99 5.96 2.49
C GLN A 38 4.12 4.72 2.76
N VAL A 39 4.05 3.85 1.76
CA VAL A 39 3.28 2.62 1.85
C VAL A 39 4.22 1.43 2.02
N THR A 40 3.97 0.60 3.03
CA THR A 40 4.81 -0.56 3.27
C THR A 40 3.99 -1.83 3.14
N VAL A 41 4.38 -2.69 2.20
CA VAL A 41 3.68 -3.95 1.97
C VAL A 41 4.49 -5.11 2.53
N THR A 42 3.88 -5.88 3.45
CA THR A 42 4.55 -7.00 4.05
C THR A 42 3.86 -8.28 3.63
N LYS A 43 4.61 -9.08 2.91
CA LYS A 43 4.12 -10.36 2.42
C LYS A 43 5.22 -11.43 2.53
N GLY A 44 5.15 -12.23 3.61
CA GLY A 44 6.14 -13.26 3.86
C GLY A 44 7.50 -12.69 4.20
N ASN A 45 8.48 -12.99 3.37
CA ASN A 45 9.84 -12.49 3.54
C ASN A 45 10.11 -11.29 2.61
N LYS A 46 9.01 -10.72 2.07
CA LYS A 46 9.10 -9.60 1.13
C LYS A 46 8.37 -8.38 1.68
N GLN A 47 8.89 -7.20 1.37
CA GLN A 47 8.31 -5.94 1.81
C GLN A 47 8.57 -4.86 0.77
N TRP A 48 7.52 -4.11 0.46
CA TRP A 48 7.57 -3.03 -0.52
C TRP A 48 7.42 -1.67 0.16
N THR A 49 8.17 -0.68 -0.32
CA THR A 49 8.11 0.69 0.21
C THR A 49 7.88 1.70 -0.92
N PHE A 50 6.89 2.58 -0.76
CA PHE A 50 6.58 3.60 -1.77
C PHE A 50 6.25 4.94 -1.14
N LYS A 51 6.34 6.01 -1.94
CA LYS A 51 6.05 7.37 -1.48
C LYS A 51 4.57 7.74 -1.66
N ASP A 52 3.86 7.03 -2.56
CA ASP A 52 2.45 7.30 -2.83
C ASP A 52 1.64 6.01 -2.84
N PRO A 53 0.31 6.06 -2.51
CA PRO A 53 -0.51 4.84 -2.49
C PRO A 53 -0.71 4.25 -3.87
N LYS A 54 -0.67 5.12 -4.90
CA LYS A 54 -0.89 4.71 -6.29
C LYS A 54 0.29 3.90 -6.78
N GLN A 55 1.44 4.27 -6.27
CA GLN A 55 2.69 3.60 -6.56
C GLN A 55 2.67 2.20 -5.97
N ALA A 56 2.18 2.13 -4.73
CA ALA A 56 2.04 0.87 -4.00
C ALA A 56 0.92 0.01 -4.59
N VAL A 57 -0.23 0.65 -4.87
CA VAL A 57 -1.41 -0.04 -5.42
C VAL A 57 -1.12 -0.55 -6.83
N GLU A 58 -0.49 0.28 -7.67
CA GLU A 58 -0.15 -0.14 -9.04
C GLU A 58 0.90 -1.24 -9.04
N PHE A 59 1.90 -1.11 -8.16
CA PHE A 59 2.96 -2.11 -8.05
C PHE A 59 2.41 -3.40 -7.42
N VAL A 60 1.57 -3.26 -6.39
CA VAL A 60 0.97 -4.43 -5.71
C VAL A 60 -0.01 -5.13 -6.66
N GLN A 61 -0.74 -4.33 -7.45
CA GLN A 61 -1.74 -4.87 -8.39
C GLN A 61 -1.07 -5.70 -9.47
N LYS A 62 0.09 -5.23 -9.94
CA LYS A 62 0.86 -5.93 -10.96
C LYS A 62 1.51 -7.20 -10.42
N SER A 63 2.05 -7.09 -9.20
CA SER A 63 2.74 -8.20 -8.53
C SER A 63 1.78 -9.16 -7.81
N LEU A 64 0.84 -8.57 -7.06
CA LEU A 64 -0.11 -9.36 -6.26
C LEU A 64 -1.47 -9.59 -6.95
N GLU A 65 -1.95 -8.61 -7.73
CA GLU A 65 -3.24 -8.78 -8.43
C GLU A 65 -3.06 -9.37 -9.85
N HIS A 66 -1.80 -9.53 -10.28
CA HIS A 66 -1.50 -10.09 -11.60
C HIS A 66 -0.41 -11.15 -11.49
N HIS A 67 -0.53 -12.19 -12.33
CA HIS A 67 0.45 -13.29 -12.35
C HIS A 67 0.95 -13.55 -13.77
N HIS A 68 0.02 -13.54 -14.74
CA HIS A 68 0.36 -13.78 -16.13
C HIS A 68 0.44 -12.46 -16.91
N HIS A 69 1.38 -12.41 -17.86
CA HIS A 69 1.59 -11.21 -18.68
C HIS A 69 1.58 -11.56 -20.16
N HIS A 70 0.91 -10.73 -20.97
CA HIS A 70 0.82 -10.94 -22.41
C HIS A 70 1.21 -9.67 -23.17
N HIS A 71 1.91 -9.86 -24.30
CA HIS A 71 2.35 -8.75 -25.13
C HIS A 71 1.43 -8.56 -26.33
N MET A 1 1.59 -12.56 8.02
CA MET A 1 2.67 -12.65 6.99
C MET A 1 2.24 -12.00 5.68
N ASP A 2 0.99 -12.25 5.28
CA ASP A 2 0.43 -11.68 4.04
C ASP A 2 -0.31 -10.35 4.30
N GLU A 3 0.08 -9.68 5.39
CA GLU A 3 -0.52 -8.40 5.79
C GLU A 3 0.12 -7.23 5.06
N VAL A 4 -0.72 -6.37 4.52
CA VAL A 4 -0.26 -5.18 3.81
C VAL A 4 -0.47 -3.99 4.75
N LYS A 5 0.46 -3.03 4.73
CA LYS A 5 0.34 -1.86 5.61
C LYS A 5 0.63 -0.55 4.89
N VAL A 6 0.03 0.53 5.40
CA VAL A 6 0.23 1.86 4.85
C VAL A 6 0.47 2.85 5.99
N HIS A 7 1.60 3.57 5.92
CA HIS A 7 1.94 4.54 6.95
C HIS A 7 2.01 5.96 6.37
N VAL A 8 0.98 6.77 6.67
CA VAL A 8 0.94 8.17 6.22
C VAL A 8 0.33 9.06 7.32
N GLY A 9 0.56 10.37 7.21
CA GLY A 9 0.04 11.33 8.19
C GLY A 9 -1.45 11.56 8.07
N ASP A 10 -2.00 12.33 9.01
CA ASP A 10 -3.45 12.61 9.08
C ASP A 10 -3.97 13.53 7.95
N ASP A 11 -3.09 14.39 7.41
CA ASP A 11 -3.48 15.34 6.35
C ASP A 11 -3.63 14.69 4.96
N GLN A 12 -2.85 13.64 4.68
CA GLN A 12 -2.91 12.96 3.38
C GLN A 12 -3.48 11.53 3.50
N PHE A 13 -3.81 11.11 4.73
CA PHE A 13 -4.33 9.76 5.01
C PHE A 13 -5.61 9.42 4.25
N GLU A 14 -6.55 10.36 4.17
CA GLU A 14 -7.84 10.12 3.49
C GLU A 14 -7.64 9.73 2.02
N GLU A 15 -6.68 10.35 1.35
CA GLU A 15 -6.38 10.04 -0.06
C GLU A 15 -5.80 8.62 -0.18
N VAL A 16 -4.86 8.31 0.73
CA VAL A 16 -4.20 6.99 0.79
C VAL A 16 -5.18 5.91 1.24
N SER A 17 -6.05 6.27 2.19
CA SER A 17 -7.08 5.36 2.70
C SER A 17 -8.10 5.01 1.62
N ARG A 18 -8.43 6.03 0.77
CA ARG A 18 -9.39 5.86 -0.33
C ARG A 18 -8.86 4.94 -1.43
N GLU A 19 -7.60 5.15 -1.85
CA GLU A 19 -6.96 4.31 -2.89
C GLU A 19 -6.84 2.86 -2.44
N ILE A 20 -6.44 2.67 -1.17
CA ILE A 20 -6.31 1.32 -0.55
C ILE A 20 -7.67 0.63 -0.45
N LYS A 21 -8.67 1.37 0.04
CA LYS A 21 -10.05 0.85 0.17
C LYS A 21 -10.62 0.54 -1.20
N LYS A 22 -10.24 1.37 -2.19
CA LYS A 22 -10.64 1.19 -3.58
C LYS A 22 -9.98 -0.07 -4.17
N ALA A 23 -8.83 -0.42 -3.61
CA ALA A 23 -8.07 -1.59 -4.05
C ALA A 23 -8.65 -2.89 -3.47
N GLY A 24 -9.31 -2.78 -2.30
CA GLY A 24 -9.98 -3.91 -1.67
C GLY A 24 -9.11 -4.89 -0.90
N TRP A 25 -7.84 -4.57 -0.60
CA TRP A 25 -7.01 -5.53 0.15
C TRP A 25 -6.94 -5.21 1.64
N LYS A 26 -6.70 -6.25 2.46
CA LYS A 26 -6.57 -6.11 3.92
C LYS A 26 -5.23 -5.44 4.26
N VAL A 27 -5.30 -4.14 4.50
CA VAL A 27 -4.15 -3.30 4.79
C VAL A 27 -4.37 -2.53 6.09
N GLU A 28 -3.28 -2.35 6.84
CA GLU A 28 -3.30 -1.59 8.07
C GLU A 28 -2.74 -0.20 7.81
N VAL A 29 -3.47 0.82 8.25
CA VAL A 29 -3.09 2.21 8.02
C VAL A 29 -2.88 2.93 9.35
N HIS A 30 -1.78 3.67 9.44
CA HIS A 30 -1.45 4.43 10.64
C HIS A 30 -1.16 5.87 10.27
N LYS A 31 -1.74 6.79 11.03
CA LYS A 31 -1.59 8.23 10.81
C LYS A 31 -0.45 8.80 11.67
N HIS A 32 0.56 9.37 10.98
CA HIS A 32 1.71 9.98 11.67
C HIS A 32 1.45 11.47 11.98
N PRO A 33 2.13 12.07 13.01
CA PRO A 33 1.94 13.50 13.36
C PRO A 33 2.47 14.46 12.28
N SER A 34 3.56 14.06 11.62
CA SER A 34 4.16 14.86 10.56
C SER A 34 3.69 14.39 9.18
N ASN A 35 3.95 15.21 8.14
CA ASN A 35 3.55 14.88 6.77
C ASN A 35 4.53 13.88 6.13
N THR A 36 4.09 12.63 6.03
CA THR A 36 4.89 11.55 5.45
C THR A 36 4.02 10.58 4.64
N SER A 37 4.34 10.43 3.36
CA SER A 37 3.59 9.54 2.47
C SER A 37 4.45 8.33 2.05
N GLN A 38 4.20 7.19 2.70
CA GLN A 38 4.93 5.95 2.42
C GLN A 38 4.05 4.73 2.71
N VAL A 39 3.98 3.83 1.72
CA VAL A 39 3.21 2.60 1.83
C VAL A 39 4.16 1.42 2.00
N THR A 40 3.93 0.60 3.03
CA THR A 40 4.77 -0.55 3.26
C THR A 40 3.96 -1.85 3.14
N VAL A 41 4.36 -2.71 2.20
CA VAL A 41 3.67 -3.98 1.98
C VAL A 41 4.48 -5.13 2.54
N THR A 42 3.88 -5.91 3.46
CA THR A 42 4.56 -7.03 4.05
C THR A 42 3.88 -8.31 3.61
N LYS A 43 4.63 -9.11 2.89
CA LYS A 43 4.15 -10.39 2.38
C LYS A 43 5.26 -11.44 2.50
N GLY A 44 5.18 -12.25 3.57
CA GLY A 44 6.17 -13.29 3.81
C GLY A 44 7.53 -12.71 4.16
N ASN A 45 8.52 -13.00 3.32
CA ASN A 45 9.88 -12.49 3.51
C ASN A 45 10.12 -11.29 2.58
N LYS A 46 9.03 -10.72 2.03
CA LYS A 46 9.10 -9.60 1.11
C LYS A 46 8.37 -8.38 1.68
N GLN A 47 8.89 -7.19 1.35
CA GLN A 47 8.31 -5.94 1.80
C GLN A 47 8.55 -4.85 0.74
N TRP A 48 7.49 -4.12 0.46
CA TRP A 48 7.53 -3.04 -0.53
C TRP A 48 7.38 -1.68 0.15
N THR A 49 8.14 -0.70 -0.33
CA THR A 49 8.09 0.66 0.19
C THR A 49 7.88 1.67 -0.94
N PHE A 50 6.88 2.56 -0.79
CA PHE A 50 6.58 3.55 -1.83
C PHE A 50 6.27 4.92 -1.20
N LYS A 51 6.41 5.97 -2.01
CA LYS A 51 6.13 7.34 -1.56
C LYS A 51 4.66 7.74 -1.77
N ASP A 52 3.94 6.99 -2.62
CA ASP A 52 2.53 7.27 -2.90
C ASP A 52 1.72 5.98 -2.96
N PRO A 53 0.40 6.02 -2.63
CA PRO A 53 -0.44 4.83 -2.65
C PRO A 53 -0.64 4.27 -4.06
N LYS A 54 -0.53 5.16 -5.06
CA LYS A 54 -0.72 4.79 -6.46
C LYS A 54 0.41 3.93 -6.92
N GLN A 55 1.58 4.23 -6.35
CA GLN A 55 2.79 3.51 -6.60
C GLN A 55 2.71 2.12 -5.99
N ALA A 56 2.19 2.08 -4.76
CA ALA A 56 1.99 0.84 -4.01
C ALA A 56 0.86 0.01 -4.61
N VAL A 57 -0.27 0.67 -4.92
CA VAL A 57 -1.45 0.01 -5.48
C VAL A 57 -1.15 -0.52 -6.88
N GLU A 58 -0.48 0.29 -7.72
CA GLU A 58 -0.14 -0.13 -9.08
C GLU A 58 0.88 -1.26 -9.06
N PHE A 59 1.88 -1.15 -8.17
CA PHE A 59 2.91 -2.19 -8.04
C PHE A 59 2.34 -3.46 -7.41
N VAL A 60 1.48 -3.29 -6.39
CA VAL A 60 0.85 -4.44 -5.71
C VAL A 60 -0.13 -5.13 -6.67
N GLN A 61 -0.84 -4.33 -7.46
CA GLN A 61 -1.82 -4.86 -8.41
C GLN A 61 -1.15 -5.71 -9.50
N LYS A 62 -0.01 -5.22 -9.99
CA LYS A 62 0.75 -5.93 -11.02
C LYS A 62 1.46 -7.17 -10.47
N SER A 63 2.03 -7.01 -9.28
CA SER A 63 2.78 -8.08 -8.61
C SER A 63 1.88 -9.05 -7.84
N LEU A 64 0.92 -8.49 -7.09
CA LEU A 64 0.02 -9.29 -6.25
C LEU A 64 -1.34 -9.60 -6.93
N GLU A 65 -1.88 -8.67 -7.73
CA GLU A 65 -3.17 -8.96 -8.41
C GLU A 65 -2.98 -9.58 -9.79
N HIS A 66 -1.73 -9.58 -10.29
CA HIS A 66 -1.42 -10.16 -11.60
C HIS A 66 -0.17 -11.04 -11.52
N HIS A 67 -0.15 -12.10 -12.32
CA HIS A 67 0.98 -13.04 -12.35
C HIS A 67 1.46 -13.26 -13.79
N HIS A 68 2.78 -13.39 -13.94
CA HIS A 68 3.39 -13.60 -15.26
C HIS A 68 3.74 -15.07 -15.46
N HIS A 69 3.61 -15.53 -16.71
CA HIS A 69 3.91 -16.92 -17.06
C HIS A 69 5.28 -17.04 -17.71
N HIS A 70 6.06 -18.02 -17.26
CA HIS A 70 7.41 -18.25 -17.80
C HIS A 70 7.40 -19.41 -18.79
N HIS A 71 8.24 -19.30 -19.82
CA HIS A 71 8.36 -20.33 -20.85
C HIS A 71 9.82 -20.73 -21.07
N MET A 1 1.62 -12.51 8.10
CA MET A 1 2.70 -12.62 7.07
C MET A 1 2.26 -11.98 5.76
N ASP A 2 1.00 -12.23 5.37
CA ASP A 2 0.43 -11.68 4.13
C ASP A 2 -0.30 -10.35 4.37
N GLU A 3 0.09 -9.67 5.46
CA GLU A 3 -0.52 -8.38 5.84
C GLU A 3 0.13 -7.22 5.11
N VAL A 4 -0.71 -6.37 4.55
CA VAL A 4 -0.27 -5.19 3.83
C VAL A 4 -0.47 -3.99 4.77
N LYS A 5 0.45 -3.03 4.74
CA LYS A 5 0.33 -1.84 5.62
C LYS A 5 0.63 -0.54 4.88
N VAL A 6 0.02 0.54 5.39
CA VAL A 6 0.22 1.88 4.83
C VAL A 6 0.45 2.87 5.97
N HIS A 7 1.58 3.58 5.90
CA HIS A 7 1.92 4.56 6.91
C HIS A 7 1.99 5.98 6.32
N VAL A 8 0.97 6.80 6.62
CA VAL A 8 0.91 8.19 6.15
C VAL A 8 0.32 9.09 7.24
N GLY A 9 0.54 10.41 7.12
CA GLY A 9 0.03 11.37 8.09
C GLY A 9 -1.48 11.59 7.99
N ASP A 10 -2.03 12.36 8.93
CA ASP A 10 -3.47 12.64 9.01
C ASP A 10 -4.01 13.54 7.89
N ASP A 11 -3.15 14.40 7.33
CA ASP A 11 -3.57 15.34 6.28
C ASP A 11 -3.75 14.69 4.88
N GLN A 12 -2.96 13.65 4.60
CA GLN A 12 -3.05 12.96 3.29
C GLN A 12 -3.60 11.53 3.43
N PHE A 13 -3.89 11.12 4.67
CA PHE A 13 -4.39 9.76 4.98
C PHE A 13 -5.68 9.39 4.24
N GLU A 14 -6.63 10.32 4.16
CA GLU A 14 -7.92 10.07 3.50
C GLU A 14 -7.74 9.67 2.03
N GLU A 15 -6.78 10.31 1.34
CA GLU A 15 -6.48 10.00 -0.06
C GLU A 15 -5.88 8.60 -0.19
N VAL A 16 -4.94 8.29 0.72
CA VAL A 16 -4.25 7.00 0.78
C VAL A 16 -5.21 5.89 1.23
N SER A 17 -6.08 6.24 2.19
CA SER A 17 -7.10 5.32 2.70
C SER A 17 -8.12 4.98 1.61
N ARG A 18 -8.45 6.00 0.79
CA ARG A 18 -9.41 5.85 -0.32
C ARG A 18 -8.88 4.93 -1.43
N GLU A 19 -7.62 5.13 -1.85
CA GLU A 19 -6.99 4.30 -2.89
C GLU A 19 -6.86 2.83 -2.44
N ILE A 20 -6.46 2.65 -1.18
CA ILE A 20 -6.32 1.31 -0.56
C ILE A 20 -7.68 0.61 -0.45
N LYS A 21 -8.68 1.35 0.04
CA LYS A 21 -10.05 0.82 0.18
C LYS A 21 -10.62 0.50 -1.19
N LYS A 22 -10.25 1.35 -2.18
CA LYS A 22 -10.65 1.17 -3.57
C LYS A 22 -9.99 -0.09 -4.16
N ALA A 23 -8.83 -0.44 -3.61
CA ALA A 23 -8.08 -1.61 -4.04
C ALA A 23 -8.66 -2.91 -3.47
N GLY A 24 -9.31 -2.80 -2.30
CA GLY A 24 -9.98 -3.93 -1.68
C GLY A 24 -9.11 -4.92 -0.90
N TRP A 25 -7.84 -4.58 -0.60
CA TRP A 25 -6.99 -5.54 0.15
C TRP A 25 -6.93 -5.21 1.64
N LYS A 26 -6.68 -6.27 2.46
CA LYS A 26 -6.55 -6.11 3.92
C LYS A 26 -5.22 -5.45 4.26
N VAL A 27 -5.30 -4.14 4.50
CA VAL A 27 -4.15 -3.30 4.79
C VAL A 27 -4.38 -2.52 6.08
N GLU A 28 -3.29 -2.35 6.83
CA GLU A 28 -3.30 -1.57 8.07
C GLU A 28 -2.75 -0.18 7.80
N VAL A 29 -3.48 0.84 8.24
CA VAL A 29 -3.10 2.23 8.00
C VAL A 29 -2.89 2.96 9.32
N HIS A 30 -1.77 3.70 9.40
CA HIS A 30 -1.43 4.46 10.59
C HIS A 30 -1.15 5.91 10.22
N LYS A 31 -1.73 6.83 10.98
CA LYS A 31 -1.57 8.27 10.75
C LYS A 31 -0.42 8.83 11.59
N HIS A 32 0.57 9.43 10.91
CA HIS A 32 1.73 10.01 11.58
C HIS A 32 1.47 11.50 11.94
N PRO A 33 2.18 12.08 12.97
CA PRO A 33 1.99 13.48 13.36
C PRO A 33 2.55 14.48 12.33
N SER A 34 3.64 14.07 11.67
CA SER A 34 4.29 14.90 10.64
C SER A 34 3.84 14.48 9.24
N ASN A 35 4.17 15.30 8.23
CA ASN A 35 3.79 15.02 6.84
C ASN A 35 4.72 13.96 6.22
N THR A 36 4.18 12.74 6.11
CA THR A 36 4.93 11.61 5.53
C THR A 36 3.99 10.67 4.76
N SER A 37 4.35 10.39 3.50
CA SER A 37 3.56 9.50 2.65
C SER A 37 4.41 8.32 2.17
N GLN A 38 4.19 7.16 2.81
CA GLN A 38 4.91 5.93 2.48
C GLN A 38 4.04 4.70 2.74
N VAL A 39 3.97 3.83 1.73
CA VAL A 39 3.20 2.60 1.82
C VAL A 39 4.15 1.42 1.99
N THR A 40 3.90 0.59 3.02
CA THR A 40 4.76 -0.56 3.25
C THR A 40 3.94 -1.85 3.13
N VAL A 41 4.34 -2.70 2.20
CA VAL A 41 3.64 -3.98 1.98
C VAL A 41 4.47 -5.13 2.53
N THR A 42 3.88 -5.90 3.47
CA THR A 42 4.57 -7.03 4.06
C THR A 42 3.88 -8.31 3.65
N LYS A 43 4.62 -9.10 2.91
CA LYS A 43 4.13 -10.39 2.42
C LYS A 43 5.23 -11.45 2.52
N GLY A 44 5.18 -12.25 3.60
CA GLY A 44 6.17 -13.30 3.82
C GLY A 44 7.54 -12.72 4.14
N ASN A 45 8.50 -13.03 3.28
CA ASN A 45 9.87 -12.53 3.44
C ASN A 45 10.11 -11.31 2.53
N LYS A 46 9.02 -10.73 2.01
CA LYS A 46 9.11 -9.58 1.10
C LYS A 46 8.37 -8.38 1.68
N GLN A 47 8.88 -7.19 1.36
CA GLN A 47 8.30 -5.93 1.81
C GLN A 47 8.54 -4.86 0.76
N TRP A 48 7.47 -4.13 0.46
CA TRP A 48 7.51 -3.05 -0.52
C TRP A 48 7.36 -1.69 0.15
N THR A 49 8.12 -0.70 -0.34
CA THR A 49 8.07 0.66 0.20
C THR A 49 7.85 1.67 -0.93
N PHE A 50 6.86 2.56 -0.77
CA PHE A 50 6.56 3.57 -1.80
C PHE A 50 6.23 4.92 -1.17
N LYS A 51 6.37 5.99 -1.97
CA LYS A 51 6.08 7.35 -1.51
C LYS A 51 4.61 7.74 -1.72
N ASP A 52 3.91 6.99 -2.60
CA ASP A 52 2.50 7.27 -2.89
C ASP A 52 1.70 5.98 -2.95
N PRO A 53 0.37 6.02 -2.62
CA PRO A 53 -0.46 4.82 -2.65
C PRO A 53 -0.65 4.27 -4.06
N LYS A 54 -0.55 5.17 -5.06
CA LYS A 54 -0.74 4.81 -6.46
C LYS A 54 0.41 3.94 -6.92
N GLN A 55 1.55 4.25 -6.35
CA GLN A 55 2.78 3.53 -6.60
C GLN A 55 2.70 2.14 -5.99
N ALA A 56 2.18 2.10 -4.76
CA ALA A 56 1.99 0.86 -4.02
C ALA A 56 0.86 0.02 -4.61
N VAL A 57 -0.27 0.68 -4.93
CA VAL A 57 -1.44 0.00 -5.48
C VAL A 57 -1.14 -0.52 -6.89
N GLU A 58 -0.48 0.30 -7.72
CA GLU A 58 -0.12 -0.13 -9.09
C GLU A 58 0.90 -1.25 -9.07
N PHE A 59 1.90 -1.14 -8.17
CA PHE A 59 2.93 -2.17 -8.04
C PHE A 59 2.36 -3.44 -7.41
N VAL A 60 1.51 -3.28 -6.39
CA VAL A 60 0.88 -4.42 -5.71
C VAL A 60 -0.10 -5.12 -6.66
N GLN A 61 -0.81 -4.32 -7.47
CA GLN A 61 -1.79 -4.86 -8.41
C GLN A 61 -1.11 -5.70 -9.49
N LYS A 62 0.02 -5.22 -9.99
CA LYS A 62 0.78 -5.93 -11.02
C LYS A 62 1.48 -7.16 -10.46
N SER A 63 2.05 -7.01 -9.26
CA SER A 63 2.80 -8.07 -8.59
C SER A 63 1.89 -9.05 -7.83
N LEU A 64 0.94 -8.48 -7.09
CA LEU A 64 0.03 -9.28 -6.25
C LEU A 64 -1.31 -9.59 -6.93
N GLU A 65 -1.87 -8.67 -7.75
CA GLU A 65 -3.14 -8.94 -8.42
C GLU A 65 -2.94 -9.56 -9.82
N HIS A 66 -1.68 -9.60 -10.28
CA HIS A 66 -1.35 -10.18 -11.59
C HIS A 66 -0.17 -11.14 -11.48
N HIS A 67 -0.27 -12.26 -12.21
CA HIS A 67 0.78 -13.27 -12.20
C HIS A 67 1.20 -13.64 -13.62
N HIS A 68 2.50 -13.84 -13.81
CA HIS A 68 3.06 -14.19 -15.13
C HIS A 68 3.33 -15.68 -15.21
N HIS A 69 2.88 -16.30 -16.31
CA HIS A 69 3.07 -17.73 -16.53
C HIS A 69 4.21 -17.98 -17.52
N HIS A 70 5.11 -18.88 -17.17
CA HIS A 70 6.26 -19.22 -18.01
C HIS A 70 6.02 -20.53 -18.77
N HIS A 71 6.43 -20.55 -20.03
CA HIS A 71 6.26 -21.72 -20.89
C HIS A 71 7.59 -22.12 -21.53
N MET A 1 3.66 -13.03 6.98
CA MET A 1 2.60 -12.21 7.59
C MET A 1 1.40 -12.04 6.64
N ASP A 2 1.71 -11.79 5.35
CA ASP A 2 0.69 -11.60 4.27
C ASP A 2 -0.11 -10.30 4.44
N GLU A 3 0.18 -9.55 5.51
CA GLU A 3 -0.49 -8.29 5.83
C GLU A 3 0.13 -7.11 5.09
N VAL A 4 -0.72 -6.30 4.48
CA VAL A 4 -0.27 -5.11 3.77
C VAL A 4 -0.49 -3.93 4.72
N LYS A 5 0.43 -2.97 4.72
CA LYS A 5 0.31 -1.81 5.63
C LYS A 5 0.66 -0.51 4.94
N VAL A 6 0.07 0.57 5.43
CA VAL A 6 0.36 1.90 4.91
C VAL A 6 0.55 2.87 6.06
N HIS A 7 1.68 3.57 6.04
CA HIS A 7 1.98 4.55 7.07
C HIS A 7 2.08 5.95 6.45
N VAL A 8 1.05 6.78 6.66
CA VAL A 8 1.05 8.16 6.15
C VAL A 8 0.40 9.11 7.17
N GLY A 9 0.66 10.42 7.02
CA GLY A 9 0.09 11.41 7.93
C GLY A 9 -1.39 11.68 7.68
N ASP A 10 -1.99 12.51 8.53
CA ASP A 10 -3.42 12.87 8.45
C ASP A 10 -3.80 13.62 7.17
N ASP A 11 -2.82 14.33 6.58
CA ASP A 11 -3.06 15.13 5.35
C ASP A 11 -3.15 14.26 4.09
N GLN A 12 -2.44 13.12 4.07
CA GLN A 12 -2.44 12.22 2.91
C GLN A 12 -3.14 10.88 3.22
N PHE A 13 -3.59 10.71 4.48
CA PHE A 13 -4.27 9.48 4.92
C PHE A 13 -5.59 9.22 4.18
N GLU A 14 -6.39 10.27 3.99
CA GLU A 14 -7.68 10.14 3.29
C GLU A 14 -7.47 9.70 1.84
N GLU A 15 -6.41 10.23 1.21
CA GLU A 15 -6.06 9.87 -0.17
C GLU A 15 -5.62 8.40 -0.26
N VAL A 16 -4.77 8.00 0.71
CA VAL A 16 -4.27 6.62 0.78
C VAL A 16 -5.39 5.65 1.16
N SER A 17 -6.25 6.07 2.09
CA SER A 17 -7.37 5.26 2.57
C SER A 17 -8.37 4.97 1.45
N ARG A 18 -8.61 5.99 0.60
CA ARG A 18 -9.53 5.86 -0.54
C ARG A 18 -9.00 4.92 -1.61
N GLU A 19 -7.70 5.07 -1.96
CA GLU A 19 -7.05 4.20 -2.96
C GLU A 19 -6.93 2.74 -2.48
N ILE A 20 -6.61 2.58 -1.18
CA ILE A 20 -6.48 1.25 -0.55
C ILE A 20 -7.83 0.55 -0.46
N LYS A 21 -8.86 1.29 -0.04
CA LYS A 21 -10.23 0.76 0.08
C LYS A 21 -10.76 0.41 -1.31
N LYS A 22 -10.37 1.25 -2.29
CA LYS A 22 -10.75 1.05 -3.68
C LYS A 22 -10.07 -0.21 -4.24
N ALA A 23 -8.91 -0.54 -3.65
CA ALA A 23 -8.12 -1.71 -4.05
C ALA A 23 -8.69 -3.01 -3.46
N GLY A 24 -9.36 -2.89 -2.30
CA GLY A 24 -10.02 -4.03 -1.66
C GLY A 24 -9.13 -4.99 -0.86
N TRP A 25 -7.87 -4.65 -0.58
CA TRP A 25 -7.02 -5.59 0.19
C TRP A 25 -6.94 -5.23 1.67
N LYS A 26 -6.68 -6.27 2.50
CA LYS A 26 -6.54 -6.10 3.95
C LYS A 26 -5.21 -5.41 4.28
N VAL A 27 -5.31 -4.11 4.52
CA VAL A 27 -4.16 -3.25 4.80
C VAL A 27 -4.40 -2.47 6.09
N GLU A 28 -3.32 -2.26 6.83
CA GLU A 28 -3.36 -1.47 8.05
C GLU A 28 -2.75 -0.11 7.79
N VAL A 29 -3.49 0.93 8.20
CA VAL A 29 -3.07 2.31 7.97
C VAL A 29 -2.90 3.05 9.30
N HIS A 30 -1.78 3.76 9.43
CA HIS A 30 -1.49 4.52 10.63
C HIS A 30 -1.09 5.94 10.26
N LYS A 31 -1.67 6.91 10.98
CA LYS A 31 -1.39 8.33 10.75
C LYS A 31 -0.23 8.82 11.60
N HIS A 32 0.77 9.43 10.93
CA HIS A 32 1.95 9.96 11.61
C HIS A 32 1.73 11.43 12.04
N PRO A 33 2.46 11.95 13.08
CA PRO A 33 2.32 13.35 13.54
C PRO A 33 2.79 14.38 12.50
N SER A 34 3.83 13.99 11.74
CA SER A 34 4.40 14.86 10.71
C SER A 34 3.88 14.45 9.33
N ASN A 35 4.10 15.30 8.32
CA ASN A 35 3.66 15.05 6.94
C ASN A 35 4.59 14.07 6.22
N THR A 36 4.11 12.83 6.04
CA THR A 36 4.87 11.77 5.38
C THR A 36 3.95 10.89 4.52
N SER A 37 4.45 10.51 3.34
CA SER A 37 3.70 9.65 2.42
C SER A 37 4.53 8.45 2.01
N GLN A 38 4.31 7.32 2.69
CA GLN A 38 5.03 6.06 2.42
C GLN A 38 4.15 4.84 2.73
N VAL A 39 4.08 3.93 1.75
CA VAL A 39 3.31 2.70 1.88
C VAL A 39 4.26 1.51 2.08
N THR A 40 4.00 0.68 3.09
CA THR A 40 4.83 -0.49 3.33
C THR A 40 3.99 -1.77 3.18
N VAL A 41 4.39 -2.62 2.23
CA VAL A 41 3.69 -3.88 2.00
C VAL A 41 4.47 -5.05 2.56
N THR A 42 3.84 -5.82 3.46
CA THR A 42 4.49 -6.97 4.06
C THR A 42 3.80 -8.23 3.58
N LYS A 43 4.57 -9.02 2.87
CA LYS A 43 4.08 -10.29 2.32
C LYS A 43 5.16 -11.36 2.46
N GLY A 44 5.04 -12.18 3.52
CA GLY A 44 6.01 -13.23 3.79
C GLY A 44 7.36 -12.67 4.18
N ASN A 45 8.37 -12.98 3.37
CA ASN A 45 9.73 -12.48 3.59
C ASN A 45 10.01 -11.27 2.68
N LYS A 46 8.95 -10.69 2.11
CA LYS A 46 9.06 -9.56 1.19
C LYS A 46 8.34 -8.34 1.75
N GLN A 47 8.88 -7.15 1.43
CA GLN A 47 8.30 -5.88 1.87
C GLN A 47 8.56 -4.81 0.81
N TRP A 48 7.51 -4.06 0.51
CA TRP A 48 7.57 -2.98 -0.48
C TRP A 48 7.43 -1.62 0.19
N THR A 49 8.17 -0.62 -0.30
CA THR A 49 8.12 0.74 0.22
C THR A 49 7.89 1.73 -0.92
N PHE A 50 6.90 2.63 -0.77
CA PHE A 50 6.59 3.62 -1.81
C PHE A 50 6.27 4.99 -1.21
N LYS A 51 6.39 6.03 -2.03
CA LYS A 51 6.12 7.41 -1.61
C LYS A 51 4.65 7.81 -1.79
N ASP A 52 3.91 7.05 -2.62
CA ASP A 52 2.49 7.33 -2.89
C ASP A 52 1.68 6.04 -2.87
N PRO A 53 0.35 6.10 -2.53
CA PRO A 53 -0.48 4.90 -2.48
C PRO A 53 -0.70 4.27 -3.87
N LYS A 54 -0.66 5.13 -4.90
CA LYS A 54 -0.88 4.72 -6.28
C LYS A 54 0.29 3.88 -6.76
N GLN A 55 1.45 4.25 -6.26
CA GLN A 55 2.69 3.58 -6.55
C GLN A 55 2.66 2.18 -5.94
N ALA A 56 2.16 2.12 -4.71
CA ALA A 56 2.00 0.87 -3.97
C ALA A 56 0.88 0.02 -4.55
N VAL A 57 -0.27 0.66 -4.85
CA VAL A 57 -1.44 -0.04 -5.40
C VAL A 57 -1.14 -0.55 -6.81
N GLU A 58 -0.50 0.27 -7.65
CA GLU A 58 -0.16 -0.14 -9.01
C GLU A 58 0.89 -1.25 -9.01
N PHE A 59 1.89 -1.12 -8.13
CA PHE A 59 2.94 -2.15 -8.00
C PHE A 59 2.40 -3.42 -7.38
N VAL A 60 1.54 -3.27 -6.35
CA VAL A 60 0.93 -4.43 -5.66
C VAL A 60 -0.05 -5.14 -6.62
N GLN A 61 -0.78 -4.34 -7.42
CA GLN A 61 -1.75 -4.89 -8.37
C GLN A 61 -1.07 -5.70 -9.46
N LYS A 62 0.06 -5.21 -9.94
CA LYS A 62 0.83 -5.90 -10.98
C LYS A 62 1.54 -7.14 -10.44
N SER A 63 2.11 -6.99 -9.24
CA SER A 63 2.85 -8.06 -8.58
C SER A 63 1.95 -9.05 -7.83
N LEU A 64 1.00 -8.50 -7.05
CA LEU A 64 0.11 -9.31 -6.22
C LEU A 64 -1.25 -9.60 -6.88
N GLU A 65 -1.80 -8.64 -7.66
CA GLU A 65 -3.10 -8.88 -8.32
C GLU A 65 -2.94 -9.48 -9.74
N HIS A 66 -1.69 -9.56 -10.22
CA HIS A 66 -1.39 -10.12 -11.54
C HIS A 66 -0.16 -11.01 -11.49
N HIS A 67 -0.21 -12.11 -12.24
CA HIS A 67 0.90 -13.08 -12.29
C HIS A 67 1.29 -13.38 -13.74
N HIS A 68 2.59 -13.28 -14.03
CA HIS A 68 3.11 -13.55 -15.37
C HIS A 68 3.74 -14.94 -15.44
N HIS A 69 3.37 -15.69 -16.47
CA HIS A 69 3.88 -17.05 -16.68
C HIS A 69 4.99 -17.05 -17.75
N HIS A 70 6.01 -17.88 -17.51
CA HIS A 70 7.14 -17.99 -18.43
C HIS A 70 7.40 -19.45 -18.78
N HIS A 71 7.73 -19.69 -20.05
CA HIS A 71 8.01 -21.05 -20.54
C HIS A 71 9.52 -21.28 -20.64
N MET A 1 3.88 -13.33 6.80
CA MET A 1 2.59 -12.62 6.95
C MET A 1 2.19 -11.95 5.63
N ASP A 2 0.93 -12.18 5.22
CA ASP A 2 0.41 -11.60 3.97
C ASP A 2 -0.33 -10.28 4.24
N GLU A 3 0.03 -9.61 5.34
CA GLU A 3 -0.57 -8.34 5.74
C GLU A 3 0.09 -7.16 5.04
N VAL A 4 -0.74 -6.30 4.49
CA VAL A 4 -0.27 -5.10 3.81
C VAL A 4 -0.50 -3.93 4.75
N LYS A 5 0.43 -2.97 4.76
CA LYS A 5 0.28 -1.79 5.64
C LYS A 5 0.67 -0.50 4.96
N VAL A 6 0.08 0.59 5.44
CA VAL A 6 0.37 1.92 4.92
C VAL A 6 0.58 2.89 6.06
N HIS A 7 1.71 3.59 6.04
CA HIS A 7 2.00 4.56 7.07
C HIS A 7 2.13 5.97 6.44
N VAL A 8 1.09 6.80 6.65
CA VAL A 8 1.11 8.18 6.14
C VAL A 8 0.46 9.13 7.15
N GLY A 9 0.72 10.43 7.00
CA GLY A 9 0.17 11.44 7.91
C GLY A 9 -1.32 11.70 7.70
N ASP A 10 -1.88 12.54 8.57
CA ASP A 10 -3.32 12.89 8.53
C ASP A 10 -3.75 13.61 7.24
N ASP A 11 -2.82 14.30 6.59
CA ASP A 11 -3.10 15.06 5.37
C ASP A 11 -3.25 14.17 4.12
N GLN A 12 -2.51 13.05 4.08
CA GLN A 12 -2.57 12.13 2.93
C GLN A 12 -3.22 10.79 3.27
N PHE A 13 -3.62 10.60 4.54
CA PHE A 13 -4.25 9.35 5.01
C PHE A 13 -5.58 9.08 4.31
N GLU A 14 -6.40 10.12 4.15
CA GLU A 14 -7.71 9.98 3.47
C GLU A 14 -7.53 9.59 2.00
N GLU A 15 -6.48 10.15 1.37
CA GLU A 15 -6.16 9.84 -0.03
C GLU A 15 -5.69 8.38 -0.15
N VAL A 16 -4.82 7.97 0.79
CA VAL A 16 -4.29 6.60 0.82
C VAL A 16 -5.39 5.60 1.18
N SER A 17 -6.24 5.99 2.13
CA SER A 17 -7.35 5.14 2.60
C SER A 17 -8.36 4.89 1.48
N ARG A 18 -8.60 5.93 0.65
CA ARG A 18 -9.52 5.85 -0.48
C ARG A 18 -8.98 4.92 -1.59
N GLU A 19 -7.68 5.07 -1.92
CA GLU A 19 -7.02 4.24 -2.94
C GLU A 19 -6.89 2.77 -2.49
N ILE A 20 -6.59 2.58 -1.20
CA ILE A 20 -6.46 1.23 -0.59
C ILE A 20 -7.82 0.53 -0.51
N LYS A 21 -8.85 1.28 -0.08
CA LYS A 21 -10.22 0.75 0.02
C LYS A 21 -10.74 0.41 -1.37
N LYS A 22 -10.33 1.25 -2.35
CA LYS A 22 -10.69 1.06 -3.75
C LYS A 22 -10.01 -0.20 -4.30
N ALA A 23 -8.87 -0.54 -3.70
CA ALA A 23 -8.09 -1.72 -4.09
C ALA A 23 -8.67 -3.01 -3.50
N GLY A 24 -9.36 -2.88 -2.35
CA GLY A 24 -10.03 -4.01 -1.71
C GLY A 24 -9.17 -4.97 -0.90
N TRP A 25 -7.90 -4.65 -0.62
CA TRP A 25 -7.05 -5.58 0.17
C TRP A 25 -6.99 -5.22 1.65
N LYS A 26 -6.73 -6.24 2.49
CA LYS A 26 -6.60 -6.06 3.94
C LYS A 26 -5.27 -5.38 4.27
N VAL A 27 -5.35 -4.07 4.49
CA VAL A 27 -4.21 -3.23 4.78
C VAL A 27 -4.46 -2.41 6.04
N GLU A 28 -3.40 -2.20 6.80
CA GLU A 28 -3.45 -1.40 8.02
C GLU A 28 -2.78 -0.06 7.76
N VAL A 29 -3.50 1.02 8.06
CA VAL A 29 -3.01 2.38 7.82
C VAL A 29 -2.94 3.14 9.13
N HIS A 30 -1.82 3.83 9.35
CA HIS A 30 -1.60 4.59 10.56
C HIS A 30 -1.10 6.00 10.22
N LYS A 31 -1.66 6.98 10.94
CA LYS A 31 -1.32 8.40 10.77
C LYS A 31 -0.08 8.78 11.58
N HIS A 32 0.90 9.39 10.90
CA HIS A 32 2.14 9.84 11.54
C HIS A 32 2.01 11.28 12.07
N PRO A 33 2.82 11.71 13.10
CA PRO A 33 2.75 13.08 13.66
C PRO A 33 3.19 14.15 12.65
N SER A 34 4.17 13.81 11.82
CA SER A 34 4.70 14.71 10.80
C SER A 34 4.14 14.36 9.42
N ASN A 35 4.33 15.25 8.43
CA ASN A 35 3.84 15.03 7.07
C ASN A 35 4.76 14.06 6.31
N THR A 36 4.26 12.83 6.11
CA THR A 36 4.99 11.78 5.40
C THR A 36 4.07 10.95 4.51
N SER A 37 4.60 10.51 3.36
CA SER A 37 3.85 9.70 2.42
C SER A 37 4.65 8.46 2.00
N GLN A 38 4.38 7.34 2.68
CA GLN A 38 5.08 6.06 2.41
C GLN A 38 4.18 4.86 2.71
N VAL A 39 4.11 3.94 1.74
CA VAL A 39 3.33 2.71 1.88
C VAL A 39 4.27 1.52 2.08
N THR A 40 4.00 0.68 3.09
CA THR A 40 4.85 -0.48 3.34
C THR A 40 4.02 -1.76 3.19
N VAL A 41 4.42 -2.62 2.25
CA VAL A 41 3.71 -3.88 2.03
C VAL A 41 4.51 -5.05 2.58
N THR A 42 3.90 -5.82 3.49
CA THR A 42 4.57 -6.97 4.08
C THR A 42 3.89 -8.24 3.64
N LYS A 43 4.64 -9.03 2.91
CA LYS A 43 4.16 -10.30 2.39
C LYS A 43 5.25 -11.37 2.50
N GLY A 44 5.16 -12.18 3.57
CA GLY A 44 6.15 -13.23 3.81
C GLY A 44 7.51 -12.67 4.16
N ASN A 45 8.49 -12.97 3.32
CA ASN A 45 9.86 -12.48 3.51
C ASN A 45 10.13 -11.26 2.60
N LYS A 46 9.04 -10.66 2.07
CA LYS A 46 9.15 -9.51 1.17
C LYS A 46 8.42 -8.31 1.75
N GLN A 47 8.93 -7.12 1.41
CA GLN A 47 8.36 -5.86 1.86
C GLN A 47 8.59 -4.79 0.81
N TRP A 48 7.53 -4.05 0.50
CA TRP A 48 7.58 -2.98 -0.50
C TRP A 48 7.43 -1.62 0.17
N THR A 49 8.17 -0.64 -0.33
CA THR A 49 8.13 0.73 0.19
C THR A 49 7.90 1.73 -0.96
N PHE A 50 6.91 2.62 -0.80
CA PHE A 50 6.59 3.61 -1.84
C PHE A 50 6.28 4.98 -1.23
N LYS A 51 6.38 6.03 -2.05
CA LYS A 51 6.10 7.40 -1.62
C LYS A 51 4.61 7.78 -1.78
N ASP A 52 3.89 7.04 -2.64
CA ASP A 52 2.47 7.32 -2.88
C ASP A 52 1.66 6.03 -2.87
N PRO A 53 0.33 6.09 -2.52
CA PRO A 53 -0.49 4.88 -2.47
C PRO A 53 -0.71 4.25 -3.84
N LYS A 54 -0.69 5.11 -4.87
CA LYS A 54 -0.92 4.69 -6.27
C LYS A 54 0.25 3.87 -6.76
N GLN A 55 1.41 4.24 -6.26
CA GLN A 55 2.65 3.57 -6.56
C GLN A 55 2.64 2.18 -5.95
N ALA A 56 2.16 2.12 -4.71
CA ALA A 56 2.01 0.86 -3.97
C ALA A 56 0.89 0.01 -4.55
N VAL A 57 -0.26 0.64 -4.84
CA VAL A 57 -1.43 -0.06 -5.38
C VAL A 57 -1.13 -0.59 -6.78
N GLU A 58 -0.51 0.25 -7.63
CA GLU A 58 -0.17 -0.17 -9.00
C GLU A 58 0.87 -1.27 -9.00
N PHE A 59 1.87 -1.15 -8.11
CA PHE A 59 2.93 -2.16 -7.99
C PHE A 59 2.38 -3.45 -7.37
N VAL A 60 1.53 -3.30 -6.33
CA VAL A 60 0.91 -4.45 -5.66
C VAL A 60 -0.06 -5.16 -6.62
N GLN A 61 -0.79 -4.36 -7.41
CA GLN A 61 -1.77 -4.90 -8.36
C GLN A 61 -1.09 -5.74 -9.44
N LYS A 62 0.05 -5.25 -9.93
CA LYS A 62 0.82 -5.95 -10.96
C LYS A 62 1.52 -7.19 -10.41
N SER A 63 2.08 -7.04 -9.21
CA SER A 63 2.83 -8.11 -8.54
C SER A 63 1.92 -9.09 -7.79
N LEU A 64 0.96 -8.53 -7.04
CA LEU A 64 0.04 -9.34 -6.22
C LEU A 64 -1.30 -9.65 -6.91
N GLU A 65 -1.84 -8.72 -7.73
CA GLU A 65 -3.11 -8.99 -8.41
C GLU A 65 -2.90 -9.62 -9.81
N HIS A 66 -1.65 -9.61 -10.29
CA HIS A 66 -1.32 -10.18 -11.59
C HIS A 66 -0.07 -11.07 -11.49
N HIS A 67 -0.04 -12.13 -12.30
CA HIS A 67 1.09 -13.06 -12.33
C HIS A 67 1.59 -13.27 -13.75
N HIS A 68 2.92 -13.36 -13.90
CA HIS A 68 3.55 -13.56 -15.20
C HIS A 68 3.93 -15.03 -15.40
N HIS A 69 4.50 -15.64 -14.35
CA HIS A 69 4.92 -17.06 -14.39
C HIS A 69 4.32 -17.84 -13.23
N HIS A 70 3.96 -19.10 -13.51
CA HIS A 70 3.38 -19.98 -12.49
C HIS A 70 4.42 -20.94 -11.93
N HIS A 71 4.31 -21.23 -10.63
CA HIS A 71 5.24 -22.14 -9.95
C HIS A 71 4.63 -23.53 -9.80
N MET A 1 0.68 -12.62 8.93
CA MET A 1 1.23 -13.08 7.63
C MET A 1 0.41 -12.56 6.47
N ASP A 2 1.11 -12.20 5.36
CA ASP A 2 0.47 -11.66 4.12
C ASP A 2 -0.28 -10.34 4.37
N GLU A 3 0.09 -9.65 5.46
CA GLU A 3 -0.53 -8.37 5.83
C GLU A 3 0.11 -7.20 5.11
N VAL A 4 -0.73 -6.35 4.54
CA VAL A 4 -0.28 -5.17 3.83
C VAL A 4 -0.49 -3.98 4.77
N LYS A 5 0.42 -3.01 4.76
CA LYS A 5 0.29 -1.84 5.64
C LYS A 5 0.60 -0.53 4.93
N VAL A 6 -0.01 0.54 5.43
CA VAL A 6 0.19 1.88 4.88
C VAL A 6 0.43 2.85 6.03
N HIS A 7 1.56 3.55 5.99
CA HIS A 7 1.89 4.52 7.02
C HIS A 7 2.00 5.92 6.42
N VAL A 8 0.97 6.77 6.66
CA VAL A 8 0.99 8.15 6.16
C VAL A 8 0.37 9.09 7.20
N GLY A 9 0.64 10.41 7.06
CA GLY A 9 0.10 11.38 8.01
C GLY A 9 -1.40 11.62 7.86
N ASP A 10 -1.98 12.35 8.81
CA ASP A 10 -3.42 12.64 8.85
C ASP A 10 -3.90 13.56 7.71
N ASP A 11 -3.01 14.41 7.18
CA ASP A 11 -3.35 15.36 6.12
C ASP A 11 -3.52 14.69 4.74
N GLN A 12 -2.77 13.61 4.49
CA GLN A 12 -2.85 12.89 3.21
C GLN A 12 -3.46 11.49 3.37
N PHE A 13 -3.79 11.10 4.62
CA PHE A 13 -4.34 9.78 4.94
C PHE A 13 -5.64 9.45 4.19
N GLU A 14 -6.55 10.42 4.09
CA GLU A 14 -7.85 10.18 3.42
C GLU A 14 -7.65 9.76 1.96
N GLU A 15 -6.69 10.38 1.27
CA GLU A 15 -6.39 10.04 -0.13
C GLU A 15 -5.82 8.61 -0.23
N VAL A 16 -4.88 8.31 0.68
CA VAL A 16 -4.21 7.01 0.76
C VAL A 16 -5.19 5.92 1.22
N SER A 17 -6.05 6.28 2.17
CA SER A 17 -7.08 5.37 2.70
C SER A 17 -8.10 5.01 1.62
N ARG A 18 -8.44 6.01 0.78
CA ARG A 18 -9.41 5.84 -0.32
C ARG A 18 -8.88 4.91 -1.42
N GLU A 19 -7.63 5.14 -1.85
CA GLU A 19 -6.99 4.30 -2.89
C GLU A 19 -6.85 2.83 -2.43
N ILE A 20 -6.46 2.66 -1.17
CA ILE A 20 -6.32 1.32 -0.54
C ILE A 20 -7.68 0.61 -0.44
N LYS A 21 -8.68 1.35 0.04
CA LYS A 21 -10.05 0.84 0.19
C LYS A 21 -10.63 0.51 -1.19
N LYS A 22 -10.25 1.35 -2.17
CA LYS A 22 -10.66 1.17 -3.56
C LYS A 22 -10.00 -0.08 -4.16
N ALA A 23 -8.83 -0.44 -3.60
CA ALA A 23 -8.08 -1.62 -4.04
C ALA A 23 -8.66 -2.91 -3.47
N GLY A 24 -9.32 -2.80 -2.29
CA GLY A 24 -9.98 -3.93 -1.66
C GLY A 24 -9.11 -4.92 -0.89
N TRP A 25 -7.84 -4.59 -0.59
CA TRP A 25 -7.00 -5.55 0.15
C TRP A 25 -6.94 -5.23 1.64
N LYS A 26 -6.69 -6.27 2.46
CA LYS A 26 -6.56 -6.13 3.92
C LYS A 26 -5.23 -5.45 4.26
N VAL A 27 -5.33 -4.15 4.51
CA VAL A 27 -4.18 -3.31 4.80
C VAL A 27 -4.41 -2.52 6.10
N GLU A 28 -3.33 -2.34 6.85
CA GLU A 28 -3.36 -1.57 8.08
C GLU A 28 -2.80 -0.18 7.82
N VAL A 29 -3.52 0.84 8.27
CA VAL A 29 -3.12 2.23 8.04
C VAL A 29 -2.90 2.95 9.37
N HIS A 30 -1.79 3.67 9.45
CA HIS A 30 -1.44 4.42 10.64
C HIS A 30 -1.05 5.84 10.26
N LYS A 31 -1.59 6.81 11.00
CA LYS A 31 -1.34 8.23 10.75
C LYS A 31 -0.21 8.75 11.65
N HIS A 32 0.82 9.33 11.02
CA HIS A 32 1.97 9.89 11.74
C HIS A 32 1.73 11.37 12.09
N PRO A 33 2.40 11.93 13.17
CA PRO A 33 2.23 13.34 13.56
C PRO A 33 2.71 14.33 12.49
N SER A 34 3.75 13.94 11.76
CA SER A 34 4.32 14.77 10.69
C SER A 34 3.76 14.35 9.32
N ASN A 35 3.95 15.21 8.31
CA ASN A 35 3.47 14.93 6.95
C ASN A 35 4.42 13.99 6.20
N THR A 36 3.97 12.75 6.02
CA THR A 36 4.76 11.72 5.32
C THR A 36 3.85 10.83 4.47
N SER A 37 4.33 10.50 3.26
CA SER A 37 3.59 9.64 2.34
C SER A 37 4.43 8.42 1.95
N GLN A 38 4.17 7.30 2.63
CA GLN A 38 4.90 6.05 2.39
C GLN A 38 4.02 4.83 2.68
N VAL A 39 3.96 3.91 1.71
CA VAL A 39 3.19 2.68 1.84
C VAL A 39 4.14 1.50 2.03
N THR A 40 3.89 0.67 3.05
CA THR A 40 4.75 -0.48 3.30
C THR A 40 3.94 -1.78 3.17
N VAL A 41 4.34 -2.63 2.23
CA VAL A 41 3.66 -3.91 2.02
C VAL A 41 4.48 -5.05 2.60
N THR A 42 3.87 -5.82 3.52
CA THR A 42 4.56 -6.95 4.12
C THR A 42 3.88 -8.24 3.71
N LYS A 43 4.64 -9.03 2.99
CA LYS A 43 4.15 -10.32 2.50
C LYS A 43 5.27 -11.37 2.62
N GLY A 44 5.20 -12.16 3.70
CA GLY A 44 6.19 -13.20 3.96
C GLY A 44 7.55 -12.61 4.30
N ASN A 45 8.54 -12.91 3.47
CA ASN A 45 9.89 -12.39 3.64
C ASN A 45 10.14 -11.20 2.71
N LYS A 46 9.05 -10.65 2.15
CA LYS A 46 9.12 -9.52 1.22
C LYS A 46 8.38 -8.31 1.77
N GLN A 47 8.89 -7.12 1.43
CA GLN A 47 8.31 -5.86 1.87
C GLN A 47 8.54 -4.79 0.81
N TRP A 48 7.48 -4.06 0.51
CA TRP A 48 7.53 -2.98 -0.48
C TRP A 48 7.37 -1.62 0.19
N THR A 49 8.12 -0.63 -0.30
CA THR A 49 8.07 0.73 0.23
C THR A 49 7.86 1.72 -0.92
N PHE A 50 6.85 2.61 -0.78
CA PHE A 50 6.56 3.61 -1.83
C PHE A 50 6.25 4.96 -1.23
N LYS A 51 6.38 6.01 -2.06
CA LYS A 51 6.12 7.39 -1.63
C LYS A 51 4.64 7.78 -1.84
N ASP A 52 3.92 7.00 -2.66
CA ASP A 52 2.50 7.28 -2.94
C ASP A 52 1.70 5.99 -2.99
N PRO A 53 0.37 6.04 -2.66
CA PRO A 53 -0.46 4.84 -2.67
C PRO A 53 -0.66 4.28 -4.07
N LYS A 54 -0.56 5.15 -5.07
CA LYS A 54 -0.76 4.78 -6.48
C LYS A 54 0.39 3.91 -6.93
N GLN A 55 1.55 4.22 -6.36
CA GLN A 55 2.77 3.50 -6.60
C GLN A 55 2.69 2.12 -5.98
N ALA A 56 2.17 2.09 -4.75
CA ALA A 56 1.97 0.85 -4.00
C ALA A 56 0.84 0.02 -4.60
N VAL A 57 -0.28 0.67 -4.92
CA VAL A 57 -1.46 -0.01 -5.47
C VAL A 57 -1.15 -0.55 -6.87
N GLU A 58 -0.49 0.27 -7.71
CA GLU A 58 -0.13 -0.17 -9.08
C GLU A 58 0.90 -1.29 -9.04
N PHE A 59 1.90 -1.16 -8.16
CA PHE A 59 2.94 -2.18 -8.02
C PHE A 59 2.38 -3.46 -7.39
N VAL A 60 1.52 -3.29 -6.36
CA VAL A 60 0.89 -4.43 -5.68
C VAL A 60 -0.07 -5.14 -6.63
N GLN A 61 -0.79 -4.37 -7.44
CA GLN A 61 -1.77 -4.92 -8.39
C GLN A 61 -1.08 -5.75 -9.46
N LYS A 62 0.06 -5.25 -9.96
CA LYS A 62 0.83 -5.95 -10.99
C LYS A 62 1.55 -7.17 -10.43
N SER A 63 2.12 -7.00 -9.23
CA SER A 63 2.87 -8.07 -8.56
C SER A 63 1.98 -9.05 -7.79
N LEU A 64 1.03 -8.50 -7.03
CA LEU A 64 0.13 -9.31 -6.19
C LEU A 64 -1.22 -9.61 -6.85
N GLU A 65 -1.78 -8.67 -7.64
CA GLU A 65 -3.08 -8.92 -8.30
C GLU A 65 -2.90 -9.52 -9.71
N HIS A 66 -1.64 -9.64 -10.16
CA HIS A 66 -1.35 -10.22 -11.48
C HIS A 66 -0.20 -11.22 -11.39
N HIS A 67 -0.42 -12.41 -11.97
CA HIS A 67 0.59 -13.47 -11.97
C HIS A 67 1.20 -13.64 -13.35
N HIS A 68 2.53 -13.71 -13.41
CA HIS A 68 3.26 -13.89 -14.66
C HIS A 68 3.70 -15.34 -14.84
N HIS A 69 3.42 -15.89 -16.03
CA HIS A 69 3.78 -17.28 -16.35
C HIS A 69 4.54 -17.36 -17.68
N HIS A 70 4.08 -16.60 -18.68
CA HIS A 70 4.71 -16.57 -19.99
C HIS A 70 5.64 -15.36 -20.14
N HIS A 71 5.18 -14.20 -19.67
CA HIS A 71 5.95 -12.95 -19.74
C HIS A 71 6.64 -12.66 -18.41
N MET A 1 2.22 -13.97 7.00
CA MET A 1 1.16 -13.04 7.48
C MET A 1 0.34 -12.49 6.30
N ASP A 2 1.04 -12.12 5.20
CA ASP A 2 0.42 -11.57 3.97
C ASP A 2 -0.32 -10.25 4.24
N GLU A 3 0.04 -9.57 5.34
CA GLU A 3 -0.57 -8.29 5.73
C GLU A 3 0.08 -7.12 5.02
N VAL A 4 -0.75 -6.26 4.46
CA VAL A 4 -0.29 -5.07 3.77
C VAL A 4 -0.51 -3.89 4.70
N LYS A 5 0.40 -2.91 4.70
CA LYS A 5 0.26 -1.74 5.58
C LYS A 5 0.63 -0.44 4.88
N VAL A 6 0.04 0.65 5.36
CA VAL A 6 0.32 1.99 4.85
C VAL A 6 0.51 2.93 6.02
N HIS A 7 1.66 3.59 6.04
CA HIS A 7 1.95 4.54 7.11
C HIS A 7 2.10 5.94 6.52
N VAL A 8 1.07 6.79 6.73
CA VAL A 8 1.09 8.17 6.23
C VAL A 8 0.43 9.12 7.24
N GLY A 9 0.70 10.42 7.10
CA GLY A 9 0.12 11.42 8.00
C GLY A 9 -1.34 11.70 7.71
N ASP A 10 -1.95 12.54 8.55
CA ASP A 10 -3.38 12.91 8.43
C ASP A 10 -3.72 13.61 7.10
N ASP A 11 -2.72 14.28 6.50
CA ASP A 11 -2.91 15.01 5.25
C ASP A 11 -2.95 14.09 4.01
N GLN A 12 -2.24 12.95 4.08
CA GLN A 12 -2.20 12.00 2.97
C GLN A 12 -2.93 10.69 3.30
N PHE A 13 -3.45 10.58 4.53
CA PHE A 13 -4.19 9.38 4.99
C PHE A 13 -5.47 9.14 4.19
N GLU A 14 -6.22 10.20 3.91
CA GLU A 14 -7.46 10.10 3.12
C GLU A 14 -7.18 9.60 1.71
N GLU A 15 -6.05 10.04 1.14
CA GLU A 15 -5.61 9.62 -0.19
C GLU A 15 -5.27 8.13 -0.20
N VAL A 16 -4.59 7.70 0.87
CA VAL A 16 -4.19 6.31 1.04
C VAL A 16 -5.40 5.40 1.29
N SER A 17 -6.28 5.87 2.18
CA SER A 17 -7.48 5.13 2.55
C SER A 17 -8.44 4.92 1.37
N ARG A 18 -8.54 5.95 0.51
CA ARG A 18 -9.41 5.90 -0.67
C ARG A 18 -8.88 4.91 -1.73
N GLU A 19 -7.58 4.98 -2.04
CA GLU A 19 -6.95 4.08 -3.04
C GLU A 19 -6.86 2.64 -2.52
N ILE A 20 -6.59 2.50 -1.21
CA ILE A 20 -6.49 1.19 -0.54
C ILE A 20 -7.87 0.50 -0.48
N LYS A 21 -8.90 1.27 -0.10
CA LYS A 21 -10.26 0.74 0.00
C LYS A 21 -10.78 0.40 -1.40
N LYS A 22 -10.38 1.22 -2.38
CA LYS A 22 -10.73 1.01 -3.78
C LYS A 22 -10.05 -0.26 -4.31
N ALA A 23 -8.90 -0.59 -3.70
CA ALA A 23 -8.13 -1.77 -4.08
C ALA A 23 -8.71 -3.06 -3.48
N GLY A 24 -9.40 -2.93 -2.33
CA GLY A 24 -10.07 -4.06 -1.70
C GLY A 24 -9.21 -5.02 -0.88
N TRP A 25 -7.94 -4.68 -0.59
CA TRP A 25 -7.09 -5.61 0.19
C TRP A 25 -7.03 -5.23 1.67
N LYS A 26 -6.76 -6.24 2.52
CA LYS A 26 -6.63 -6.06 3.98
C LYS A 26 -5.30 -5.37 4.29
N VAL A 27 -5.38 -4.07 4.51
CA VAL A 27 -4.23 -3.22 4.78
C VAL A 27 -4.46 -2.41 6.06
N GLU A 28 -3.38 -2.21 6.80
CA GLU A 28 -3.41 -1.43 8.03
C GLU A 28 -2.79 -0.06 7.77
N VAL A 29 -3.50 0.98 8.18
CA VAL A 29 -3.06 2.36 7.96
C VAL A 29 -2.88 3.07 9.30
N HIS A 30 -1.75 3.78 9.42
CA HIS A 30 -1.44 4.51 10.63
C HIS A 30 -1.03 5.95 10.30
N LYS A 31 -1.61 6.90 11.02
CA LYS A 31 -1.33 8.32 10.83
C LYS A 31 -0.20 8.81 11.72
N HIS A 32 0.85 9.39 11.10
CA HIS A 32 1.99 9.93 11.83
C HIS A 32 1.77 11.39 12.22
N PRO A 33 2.45 11.92 13.29
CA PRO A 33 2.29 13.34 13.73
C PRO A 33 2.76 14.33 12.67
N SER A 34 3.80 13.97 11.92
CA SER A 34 4.35 14.82 10.87
C SER A 34 3.85 14.36 9.49
N ASN A 35 4.15 15.15 8.45
CA ASN A 35 3.73 14.83 7.07
C ASN A 35 4.55 13.66 6.50
N THR A 36 3.87 12.54 6.30
CA THR A 36 4.50 11.33 5.76
C THR A 36 3.65 10.70 4.66
N SER A 37 4.33 10.31 3.58
CA SER A 37 3.67 9.66 2.44
C SER A 37 4.49 8.45 1.98
N GLN A 38 4.37 7.35 2.73
CA GLN A 38 5.08 6.10 2.43
C GLN A 38 4.22 4.88 2.74
N VAL A 39 4.13 3.97 1.76
CA VAL A 39 3.35 2.74 1.89
C VAL A 39 4.30 1.55 2.09
N THR A 40 4.01 0.71 3.09
CA THR A 40 4.84 -0.47 3.33
C THR A 40 4.01 -1.74 3.17
N VAL A 41 4.41 -2.60 2.23
CA VAL A 41 3.70 -3.85 1.98
C VAL A 41 4.50 -5.02 2.54
N THR A 42 3.89 -5.78 3.45
CA THR A 42 4.55 -6.92 4.05
C THR A 42 3.86 -8.19 3.61
N LYS A 43 4.62 -8.99 2.90
CA LYS A 43 4.14 -10.27 2.39
C LYS A 43 5.22 -11.33 2.50
N GLY A 44 5.14 -12.14 3.57
CA GLY A 44 6.11 -13.19 3.81
C GLY A 44 7.46 -12.63 4.16
N ASN A 45 8.46 -12.94 3.33
CA ASN A 45 9.82 -12.46 3.51
C ASN A 45 10.09 -11.24 2.62
N LYS A 46 9.02 -10.64 2.06
CA LYS A 46 9.13 -9.50 1.17
C LYS A 46 8.41 -8.28 1.74
N GLN A 47 8.92 -7.09 1.41
CA GLN A 47 8.35 -5.84 1.86
C GLN A 47 8.59 -4.76 0.81
N TRP A 48 7.53 -4.03 0.50
CA TRP A 48 7.59 -2.95 -0.50
C TRP A 48 7.43 -1.59 0.17
N THR A 49 8.17 -0.60 -0.34
CA THR A 49 8.13 0.77 0.18
C THR A 49 7.89 1.76 -0.96
N PHE A 50 6.90 2.66 -0.81
CA PHE A 50 6.59 3.64 -1.86
C PHE A 50 6.27 5.01 -1.27
N LYS A 51 6.37 6.06 -2.10
CA LYS A 51 6.09 7.43 -1.68
C LYS A 51 4.60 7.80 -1.85
N ASP A 52 3.85 6.99 -2.61
CA ASP A 52 2.42 7.24 -2.85
C ASP A 52 1.64 5.93 -2.84
N PRO A 53 0.32 5.95 -2.46
CA PRO A 53 -0.48 4.74 -2.41
C PRO A 53 -0.74 4.17 -3.81
N LYS A 54 -0.72 5.04 -4.81
CA LYS A 54 -0.96 4.66 -6.21
C LYS A 54 0.20 3.85 -6.73
N GLN A 55 1.37 4.22 -6.23
CA GLN A 55 2.61 3.57 -6.55
C GLN A 55 2.62 2.16 -5.96
N ALA A 56 2.13 2.08 -4.71
CA ALA A 56 2.02 0.83 -3.97
C ALA A 56 0.90 -0.05 -4.55
N VAL A 57 -0.26 0.58 -4.82
CA VAL A 57 -1.43 -0.12 -5.37
C VAL A 57 -1.14 -0.62 -6.78
N GLU A 58 -0.53 0.23 -7.63
CA GLU A 58 -0.19 -0.19 -9.00
C GLU A 58 0.87 -1.29 -9.00
N PHE A 59 1.87 -1.15 -8.12
CA PHE A 59 2.93 -2.16 -8.01
C PHE A 59 2.39 -3.46 -7.39
N VAL A 60 1.55 -3.31 -6.36
CA VAL A 60 0.94 -4.48 -5.67
C VAL A 60 -0.04 -5.18 -6.64
N GLN A 61 -0.77 -4.38 -7.42
CA GLN A 61 -1.76 -4.92 -8.35
C GLN A 61 -1.10 -5.75 -9.45
N LYS A 62 0.05 -5.26 -9.95
CA LYS A 62 0.80 -5.98 -10.98
C LYS A 62 1.50 -7.21 -10.43
N SER A 63 2.07 -7.07 -9.24
CA SER A 63 2.82 -8.14 -8.56
C SER A 63 1.91 -9.12 -7.82
N LEU A 64 0.95 -8.56 -7.07
CA LEU A 64 0.04 -9.36 -6.25
C LEU A 64 -1.30 -9.67 -6.94
N GLU A 65 -1.85 -8.74 -7.74
CA GLU A 65 -3.11 -9.00 -8.45
C GLU A 65 -2.88 -9.59 -9.85
N HIS A 66 -1.64 -9.43 -10.38
CA HIS A 66 -1.24 -9.93 -11.72
C HIS A 66 -2.08 -9.31 -12.85
N HIS A 67 -1.40 -8.62 -13.77
CA HIS A 67 -2.06 -7.97 -14.90
C HIS A 67 -1.33 -8.30 -16.20
N HIS A 68 -2.10 -8.72 -17.22
CA HIS A 68 -1.55 -9.07 -18.53
C HIS A 68 -1.76 -7.93 -19.53
N HIS A 69 -0.78 -7.77 -20.42
CA HIS A 69 -0.83 -6.72 -21.44
C HIS A 69 -1.28 -7.29 -22.79
N HIS A 70 -0.74 -8.46 -23.15
CA HIS A 70 -1.08 -9.13 -24.41
C HIS A 70 -1.51 -10.57 -24.17
N HIS A 71 -2.50 -11.02 -24.94
CA HIS A 71 -3.03 -12.38 -24.83
C HIS A 71 -2.46 -13.28 -25.93
N MET A 1 4.23 -12.63 7.35
CA MET A 1 2.81 -12.19 7.42
C MET A 1 2.33 -11.68 6.07
N ASP A 2 1.07 -11.97 5.73
CA ASP A 2 0.47 -11.56 4.47
C ASP A 2 -0.28 -10.23 4.61
N GLU A 3 0.06 -9.48 5.66
CA GLU A 3 -0.57 -8.18 5.94
C GLU A 3 0.09 -7.05 5.17
N VAL A 4 -0.75 -6.23 4.56
CA VAL A 4 -0.30 -5.07 3.81
C VAL A 4 -0.52 -3.85 4.70
N LYS A 5 0.40 -2.88 4.68
CA LYS A 5 0.26 -1.69 5.53
C LYS A 5 0.63 -0.40 4.81
N VAL A 6 0.05 0.70 5.30
CA VAL A 6 0.33 2.03 4.77
C VAL A 6 0.57 2.98 5.93
N HIS A 7 1.70 3.67 5.91
CA HIS A 7 2.03 4.62 6.96
C HIS A 7 2.11 6.04 6.39
N VAL A 8 1.08 6.84 6.67
CA VAL A 8 1.02 8.23 6.21
C VAL A 8 0.39 9.13 7.28
N GLY A 9 0.61 10.44 7.14
CA GLY A 9 0.08 11.43 8.08
C GLY A 9 -1.42 11.61 7.98
N ASP A 10 -1.97 12.44 8.88
CA ASP A 10 -3.41 12.71 8.97
C ASP A 10 -3.95 13.51 7.76
N ASP A 11 -3.09 14.31 7.13
CA ASP A 11 -3.50 15.14 5.98
C ASP A 11 -3.59 14.36 4.66
N GLN A 12 -2.77 13.32 4.51
CA GLN A 12 -2.77 12.51 3.28
C GLN A 12 -3.30 11.07 3.52
N PHE A 13 -3.77 10.81 4.75
CA PHE A 13 -4.32 9.48 5.11
C PHE A 13 -5.58 9.13 4.29
N GLU A 14 -6.46 10.12 4.10
CA GLU A 14 -7.70 9.95 3.32
C GLU A 14 -7.40 9.49 1.90
N GLU A 15 -6.30 10.01 1.33
CA GLU A 15 -5.86 9.63 -0.03
C GLU A 15 -5.44 8.16 -0.07
N VAL A 16 -4.75 7.73 1.00
CA VAL A 16 -4.29 6.35 1.14
C VAL A 16 -5.47 5.40 1.38
N SER A 17 -6.37 5.82 2.25
CA SER A 17 -7.56 5.05 2.60
C SER A 17 -8.50 4.84 1.40
N ARG A 18 -8.63 5.88 0.56
CA ARG A 18 -9.49 5.82 -0.62
C ARG A 18 -8.94 4.87 -1.69
N GLU A 19 -7.63 4.97 -2.00
CA GLU A 19 -6.99 4.10 -3.00
C GLU A 19 -6.88 2.65 -2.50
N ILE A 20 -6.61 2.50 -1.19
CA ILE A 20 -6.50 1.18 -0.54
C ILE A 20 -7.87 0.47 -0.48
N LYS A 21 -8.92 1.23 -0.10
CA LYS A 21 -10.27 0.68 -0.01
C LYS A 21 -10.79 0.35 -1.41
N LYS A 22 -10.39 1.18 -2.39
CA LYS A 22 -10.73 0.98 -3.79
C LYS A 22 -10.03 -0.27 -4.33
N ALA A 23 -8.88 -0.60 -3.71
CA ALA A 23 -8.08 -1.76 -4.09
C ALA A 23 -8.66 -3.06 -3.51
N GLY A 24 -9.36 -2.95 -2.37
CA GLY A 24 -10.03 -4.10 -1.75
C GLY A 24 -9.15 -5.05 -0.92
N TRP A 25 -7.90 -4.69 -0.63
CA TRP A 25 -7.04 -5.61 0.16
C TRP A 25 -6.99 -5.23 1.64
N LYS A 26 -6.72 -6.23 2.49
CA LYS A 26 -6.59 -6.04 3.94
C LYS A 26 -5.26 -5.34 4.26
N VAL A 27 -5.36 -4.04 4.48
CA VAL A 27 -4.22 -3.18 4.75
C VAL A 27 -4.46 -2.36 6.01
N GLU A 28 -3.38 -2.11 6.73
CA GLU A 28 -3.41 -1.31 7.95
C GLU A 28 -2.77 0.05 7.70
N VAL A 29 -3.47 1.11 8.10
CA VAL A 29 -3.01 2.47 7.89
C VAL A 29 -2.83 3.18 9.24
N HIS A 30 -1.69 3.86 9.38
CA HIS A 30 -1.37 4.58 10.60
C HIS A 30 -1.01 6.02 10.27
N LYS A 31 -1.58 6.95 11.02
CA LYS A 31 -1.35 8.39 10.83
C LYS A 31 -0.20 8.88 11.71
N HIS A 32 0.83 9.45 11.06
CA HIS A 32 1.99 9.99 11.76
C HIS A 32 1.78 11.47 12.16
N PRO A 33 2.49 11.99 13.21
CA PRO A 33 2.34 13.40 13.65
C PRO A 33 2.94 14.39 12.65
N SER A 34 4.03 13.98 11.99
CA SER A 34 4.73 14.81 11.01
C SER A 34 4.27 14.43 9.59
N ASN A 35 4.74 15.19 8.58
CA ASN A 35 4.38 14.96 7.18
C ASN A 35 5.11 13.73 6.61
N THR A 36 4.34 12.67 6.36
CA THR A 36 4.88 11.42 5.82
C THR A 36 4.12 10.98 4.58
N SER A 37 4.80 10.20 3.72
CA SER A 37 4.22 9.66 2.49
C SER A 37 4.96 8.39 2.05
N GLN A 38 4.65 7.27 2.73
CA GLN A 38 5.28 5.97 2.42
C GLN A 38 4.35 4.81 2.73
N VAL A 39 4.21 3.91 1.74
CA VAL A 39 3.38 2.72 1.86
C VAL A 39 4.29 1.50 2.03
N THR A 40 4.01 0.67 3.04
CA THR A 40 4.82 -0.51 3.29
C THR A 40 3.98 -1.78 3.15
N VAL A 41 4.37 -2.64 2.21
CA VAL A 41 3.66 -3.91 1.99
C VAL A 41 4.46 -5.06 2.57
N THR A 42 3.85 -5.79 3.51
CA THR A 42 4.53 -6.92 4.13
C THR A 42 3.83 -8.21 3.74
N LYS A 43 4.59 -9.03 3.05
CA LYS A 43 4.11 -10.32 2.59
C LYS A 43 5.21 -11.37 2.72
N GLY A 44 5.14 -12.15 3.83
CA GLY A 44 6.13 -13.18 4.09
C GLY A 44 7.49 -12.59 4.40
N ASN A 45 8.47 -12.93 3.57
CA ASN A 45 9.83 -12.42 3.71
C ASN A 45 10.06 -11.25 2.74
N LYS A 46 8.97 -10.69 2.20
CA LYS A 46 9.04 -9.59 1.24
C LYS A 46 8.32 -8.36 1.78
N GLN A 47 8.85 -7.19 1.44
CA GLN A 47 8.29 -5.92 1.87
C GLN A 47 8.55 -4.86 0.81
N TRP A 48 7.50 -4.11 0.50
CA TRP A 48 7.57 -3.04 -0.50
C TRP A 48 7.42 -1.67 0.16
N THR A 49 8.19 -0.70 -0.34
CA THR A 49 8.15 0.67 0.18
C THR A 49 7.94 1.66 -0.96
N PHE A 50 6.94 2.54 -0.82
CA PHE A 50 6.64 3.55 -1.86
C PHE A 50 6.33 4.90 -1.23
N LYS A 51 6.38 5.96 -2.05
CA LYS A 51 6.11 7.33 -1.58
C LYS A 51 4.61 7.69 -1.66
N ASP A 52 3.86 6.98 -2.51
CA ASP A 52 2.42 7.24 -2.68
C ASP A 52 1.65 5.92 -2.74
N PRO A 53 0.34 5.93 -2.34
CA PRO A 53 -0.46 4.70 -2.36
C PRO A 53 -0.71 4.16 -3.76
N LYS A 54 -0.69 5.09 -4.75
CA LYS A 54 -0.94 4.73 -6.15
C LYS A 54 0.21 3.93 -6.70
N GLN A 55 1.39 4.28 -6.20
CA GLN A 55 2.63 3.62 -6.54
C GLN A 55 2.63 2.21 -5.96
N ALA A 56 2.16 2.12 -4.71
CA ALA A 56 2.04 0.86 -4.00
C ALA A 56 0.92 0.00 -4.58
N VAL A 57 -0.24 0.63 -4.83
CA VAL A 57 -1.42 -0.07 -5.38
C VAL A 57 -1.14 -0.55 -6.81
N GLU A 58 -0.53 0.31 -7.64
CA GLU A 58 -0.20 -0.09 -9.02
C GLU A 58 0.84 -1.19 -9.05
N PHE A 59 1.85 -1.08 -8.17
CA PHE A 59 2.90 -2.09 -8.08
C PHE A 59 2.36 -3.39 -7.46
N VAL A 60 1.52 -3.25 -6.41
CA VAL A 60 0.91 -4.42 -5.75
C VAL A 60 -0.07 -5.11 -6.70
N GLN A 61 -0.81 -4.31 -7.47
CA GLN A 61 -1.80 -4.83 -8.41
C GLN A 61 -1.14 -5.66 -9.51
N LYS A 62 -0.01 -5.17 -10.02
CA LYS A 62 0.75 -5.85 -11.06
C LYS A 62 1.47 -7.09 -10.53
N SER A 63 2.06 -6.94 -9.34
CA SER A 63 2.81 -8.03 -8.69
C SER A 63 1.92 -9.01 -7.92
N LEU A 64 0.97 -8.46 -7.16
CA LEU A 64 0.07 -9.27 -6.33
C LEU A 64 -1.27 -9.59 -7.00
N GLU A 65 -1.83 -8.66 -7.80
CA GLU A 65 -3.11 -8.94 -8.47
C GLU A 65 -2.91 -9.55 -9.87
N HIS A 66 -1.67 -9.55 -10.36
CA HIS A 66 -1.34 -10.11 -11.67
C HIS A 66 -0.15 -11.05 -11.58
N HIS A 67 -0.23 -12.17 -12.31
CA HIS A 67 0.85 -13.17 -12.32
C HIS A 67 1.25 -13.51 -13.75
N HIS A 68 2.56 -13.61 -13.98
CA HIS A 68 3.10 -13.92 -15.30
C HIS A 68 3.52 -15.39 -15.38
N HIS A 69 3.07 -16.07 -16.44
CA HIS A 69 3.38 -17.49 -16.64
C HIS A 69 4.52 -17.65 -17.66
N HIS A 70 5.44 -18.56 -17.35
CA HIS A 70 6.58 -18.84 -18.23
C HIS A 70 6.34 -20.09 -19.08
N HIS A 71 5.79 -21.14 -18.46
CA HIS A 71 5.50 -22.39 -19.14
C HIS A 71 4.03 -22.49 -19.52
N MET A 1 1.58 -12.54 8.07
CA MET A 1 2.67 -12.64 7.05
C MET A 1 2.25 -12.00 5.73
N ASP A 2 0.98 -12.23 5.33
CA ASP A 2 0.44 -11.69 4.08
C ASP A 2 -0.30 -10.36 4.32
N GLU A 3 0.07 -9.67 5.42
CA GLU A 3 -0.54 -8.39 5.80
C GLU A 3 0.11 -7.23 5.08
N VAL A 4 -0.73 -6.38 4.51
CA VAL A 4 -0.27 -5.19 3.81
C VAL A 4 -0.47 -3.99 4.75
N LYS A 5 0.45 -3.04 4.73
CA LYS A 5 0.32 -1.87 5.61
C LYS A 5 0.62 -0.56 4.89
N VAL A 6 0.03 0.52 5.40
CA VAL A 6 0.22 1.86 4.86
C VAL A 6 0.46 2.84 5.99
N HIS A 7 1.59 3.56 5.92
CA HIS A 7 1.93 4.54 6.95
C HIS A 7 2.00 5.96 6.37
N VAL A 8 0.97 6.77 6.68
CA VAL A 8 0.91 8.17 6.23
C VAL A 8 0.31 9.06 7.33
N GLY A 9 0.53 10.37 7.21
CA GLY A 9 0.02 11.34 8.19
C GLY A 9 -1.47 11.57 8.07
N ASP A 10 -2.02 12.32 9.03
CA ASP A 10 -3.47 12.61 9.10
C ASP A 10 -3.98 13.51 7.97
N ASP A 11 -3.11 14.35 7.40
CA ASP A 11 -3.51 15.30 6.33
C ASP A 11 -3.67 14.63 4.96
N GLN A 12 -2.90 13.58 4.68
CA GLN A 12 -2.97 12.88 3.40
C GLN A 12 -3.53 11.45 3.54
N PHE A 13 -3.85 11.04 4.77
CA PHE A 13 -4.36 9.69 5.09
C PHE A 13 -5.66 9.34 4.35
N GLU A 14 -6.60 10.29 4.27
CA GLU A 14 -7.88 10.04 3.58
C GLU A 14 -7.70 9.66 2.11
N GLU A 15 -6.74 10.30 1.45
CA GLU A 15 -6.44 10.01 0.03
C GLU A 15 -5.84 8.61 -0.11
N VAL A 16 -4.89 8.30 0.79
CA VAL A 16 -4.22 6.99 0.82
C VAL A 16 -5.19 5.89 1.25
N SER A 17 -6.04 6.22 2.22
CA SER A 17 -7.08 5.31 2.71
C SER A 17 -8.09 4.99 1.62
N ARG A 18 -8.41 6.01 0.80
CA ARG A 18 -9.38 5.90 -0.30
C ARG A 18 -8.86 4.97 -1.42
N GLU A 19 -7.59 5.17 -1.84
CA GLU A 19 -6.97 4.33 -2.88
C GLU A 19 -6.85 2.87 -2.43
N ILE A 20 -6.44 2.67 -1.17
CA ILE A 20 -6.30 1.33 -0.55
C ILE A 20 -7.67 0.64 -0.44
N LYS A 21 -8.67 1.39 0.06
CA LYS A 21 -10.04 0.87 0.20
C LYS A 21 -10.62 0.55 -1.18
N LYS A 22 -10.25 1.40 -2.16
CA LYS A 22 -10.66 1.22 -3.55
C LYS A 22 -10.01 -0.03 -4.15
N ALA A 23 -8.85 -0.40 -3.59
CA ALA A 23 -8.09 -1.58 -4.04
C ALA A 23 -8.68 -2.88 -3.47
N GLY A 24 -9.33 -2.76 -2.29
CA GLY A 24 -10.01 -3.89 -1.66
C GLY A 24 -9.13 -4.88 -0.90
N TRP A 25 -7.86 -4.56 -0.60
CA TRP A 25 -7.02 -5.53 0.13
C TRP A 25 -6.96 -5.21 1.64
N LYS A 26 -6.70 -6.26 2.45
CA LYS A 26 -6.57 -6.12 3.90
C LYS A 26 -5.23 -5.45 4.24
N VAL A 27 -5.31 -4.15 4.48
CA VAL A 27 -4.15 -3.31 4.78
C VAL A 27 -4.38 -2.53 6.07
N GLU A 28 -3.29 -2.35 6.81
CA GLU A 28 -3.31 -1.59 8.05
C GLU A 28 -2.77 -0.19 7.79
N VAL A 29 -3.49 0.82 8.25
CA VAL A 29 -3.12 2.22 8.03
C VAL A 29 -2.90 2.94 9.35
N HIS A 30 -1.80 3.67 9.43
CA HIS A 30 -1.46 4.41 10.63
C HIS A 30 -1.16 5.87 10.28
N LYS A 31 -1.74 6.78 11.06
CA LYS A 31 -1.56 8.22 10.86
C LYS A 31 -0.39 8.77 11.67
N HIS A 32 0.60 9.36 10.98
CA HIS A 32 1.78 9.94 11.62
C HIS A 32 1.53 11.41 12.00
N PRO A 33 2.27 11.98 13.01
CA PRO A 33 2.09 13.39 13.43
C PRO A 33 2.57 14.39 12.36
N SER A 34 3.63 14.02 11.65
CA SER A 34 4.20 14.85 10.59
C SER A 34 3.72 14.39 9.21
N ASN A 35 3.96 15.21 8.18
CA ASN A 35 3.55 14.89 6.80
C ASN A 35 4.53 13.89 6.16
N THR A 36 4.07 12.64 6.04
CA THR A 36 4.87 11.57 5.44
C THR A 36 3.98 10.60 4.64
N SER A 37 4.31 10.43 3.36
CA SER A 37 3.57 9.54 2.47
C SER A 37 4.42 8.34 2.06
N GLN A 38 4.17 7.19 2.71
CA GLN A 38 4.90 5.95 2.43
C GLN A 38 4.03 4.73 2.71
N VAL A 39 3.97 3.83 1.72
CA VAL A 39 3.20 2.60 1.82
C VAL A 39 4.15 1.43 2.00
N THR A 40 3.91 0.60 3.02
CA THR A 40 4.77 -0.56 3.26
C THR A 40 3.95 -1.84 3.14
N VAL A 41 4.35 -2.70 2.20
CA VAL A 41 3.66 -3.97 1.98
C VAL A 41 4.48 -5.12 2.55
N THR A 42 3.88 -5.90 3.47
CA THR A 42 4.57 -7.02 4.06
C THR A 42 3.89 -8.30 3.65
N LYS A 43 4.63 -9.10 2.92
CA LYS A 43 4.15 -10.38 2.43
C LYS A 43 5.25 -11.44 2.54
N GLY A 44 5.20 -12.24 3.62
CA GLY A 44 6.20 -13.27 3.86
C GLY A 44 7.55 -12.68 4.20
N ASN A 45 8.54 -12.99 3.35
CA ASN A 45 9.89 -12.48 3.52
C ASN A 45 10.14 -11.28 2.59
N LYS A 46 9.04 -10.71 2.05
CA LYS A 46 9.12 -9.59 1.12
C LYS A 46 8.38 -8.38 1.68
N GLN A 47 8.89 -7.19 1.36
CA GLN A 47 8.30 -5.93 1.81
C GLN A 47 8.54 -4.85 0.76
N TRP A 48 7.49 -4.11 0.46
CA TRP A 48 7.53 -3.04 -0.52
C TRP A 48 7.37 -1.67 0.16
N THR A 49 8.13 -0.69 -0.34
CA THR A 49 8.08 0.67 0.20
C THR A 49 7.86 1.68 -0.93
N PHE A 50 6.85 2.56 -0.78
CA PHE A 50 6.56 3.56 -1.82
C PHE A 50 6.25 4.92 -1.20
N LYS A 51 6.38 5.98 -2.00
CA LYS A 51 6.10 7.35 -1.55
C LYS A 51 4.63 7.74 -1.76
N ASP A 52 3.91 6.99 -2.62
CA ASP A 52 2.50 7.27 -2.90
C ASP A 52 1.70 5.97 -2.95
N PRO A 53 0.37 6.02 -2.63
CA PRO A 53 -0.46 4.82 -2.65
C PRO A 53 -0.66 4.26 -4.06
N LYS A 54 -0.55 5.15 -5.05
CA LYS A 54 -0.74 4.78 -6.46
C LYS A 54 0.41 3.92 -6.92
N GLN A 55 1.55 4.24 -6.34
CA GLN A 55 2.79 3.52 -6.60
C GLN A 55 2.71 2.13 -5.98
N ALA A 56 2.17 2.08 -4.75
CA ALA A 56 1.98 0.85 -4.02
C ALA A 56 0.85 0.01 -4.61
N VAL A 57 -0.28 0.67 -4.93
CA VAL A 57 -1.45 0.00 -5.49
C VAL A 57 -1.15 -0.53 -6.90
N GLU A 58 -0.48 0.29 -7.74
CA GLU A 58 -0.12 -0.15 -9.09
C GLU A 58 0.90 -1.27 -9.07
N PHE A 59 1.90 -1.15 -8.19
CA PHE A 59 2.93 -2.18 -8.04
C PHE A 59 2.36 -3.46 -7.41
N VAL A 60 1.50 -3.28 -6.40
CA VAL A 60 0.87 -4.43 -5.71
C VAL A 60 -0.10 -5.13 -6.67
N GLN A 61 -0.81 -4.34 -7.48
CA GLN A 61 -1.79 -4.88 -8.42
C GLN A 61 -1.12 -5.71 -9.51
N LYS A 62 0.03 -5.22 -10.00
CA LYS A 62 0.79 -5.93 -11.03
C LYS A 62 1.50 -7.15 -10.47
N SER A 63 2.07 -6.99 -9.29
CA SER A 63 2.84 -8.06 -8.62
C SER A 63 1.94 -9.04 -7.84
N LEU A 64 1.00 -8.48 -7.08
CA LEU A 64 0.10 -9.30 -6.24
C LEU A 64 -1.26 -9.60 -6.91
N GLU A 65 -1.80 -8.65 -7.68
CA GLU A 65 -3.10 -8.89 -8.35
C GLU A 65 -2.91 -9.47 -9.76
N HIS A 66 -1.66 -9.43 -10.28
CA HIS A 66 -1.28 -9.93 -11.62
C HIS A 66 -1.86 -9.07 -12.76
N HIS A 67 -3.19 -8.88 -12.75
CA HIS A 67 -3.88 -8.09 -13.76
C HIS A 67 -4.77 -7.03 -13.13
N HIS A 68 -5.06 -5.96 -13.88
CA HIS A 68 -5.90 -4.86 -13.41
C HIS A 68 -7.37 -5.08 -13.80
N HIS A 69 -7.59 -5.53 -15.04
CA HIS A 69 -8.95 -5.79 -15.54
C HIS A 69 -9.28 -7.27 -15.49
N HIS A 70 -10.46 -7.59 -14.96
CA HIS A 70 -10.92 -8.98 -14.83
C HIS A 70 -11.91 -9.32 -15.94
N HIS A 71 -11.68 -10.44 -16.63
CA HIS A 71 -12.54 -10.89 -17.71
C HIS A 71 -13.50 -11.99 -17.24
N MET A 1 4.07 -13.10 6.92
CA MET A 1 2.66 -12.67 6.99
C MET A 1 2.23 -12.01 5.68
N ASP A 2 0.98 -12.24 5.29
CA ASP A 2 0.42 -11.68 4.04
C ASP A 2 -0.30 -10.35 4.31
N GLU A 3 0.08 -9.68 5.39
CA GLU A 3 -0.52 -8.39 5.79
C GLU A 3 0.13 -7.23 5.07
N VAL A 4 -0.71 -6.37 4.53
CA VAL A 4 -0.26 -5.18 3.82
C VAL A 4 -0.47 -3.99 4.75
N LYS A 5 0.46 -3.03 4.74
CA LYS A 5 0.34 -1.85 5.62
C LYS A 5 0.64 -0.54 4.89
N VAL A 6 0.03 0.53 5.39
CA VAL A 6 0.24 1.87 4.84
C VAL A 6 0.48 2.87 5.97
N HIS A 7 1.59 3.58 5.89
CA HIS A 7 1.94 4.57 6.91
C HIS A 7 2.00 5.99 6.31
N VAL A 8 0.97 6.80 6.62
CA VAL A 8 0.91 8.19 6.16
C VAL A 8 0.30 9.09 7.26
N GLY A 9 0.52 10.41 7.13
CA GLY A 9 0.01 11.36 8.10
C GLY A 9 -1.49 11.60 7.98
N ASP A 10 -2.05 12.33 8.95
CA ASP A 10 -3.49 12.63 9.01
C ASP A 10 -4.01 13.54 7.89
N ASP A 11 -3.13 14.39 7.33
CA ASP A 11 -3.52 15.34 6.27
C ASP A 11 -3.67 14.69 4.89
N GLN A 12 -2.89 13.64 4.61
CA GLN A 12 -2.96 12.95 3.32
C GLN A 12 -3.52 11.52 3.45
N PHE A 13 -3.83 11.11 4.68
CA PHE A 13 -4.35 9.75 4.98
C PHE A 13 -5.65 9.40 4.24
N GLU A 14 -6.59 10.35 4.15
CA GLU A 14 -7.88 10.10 3.47
C GLU A 14 -7.70 9.70 2.01
N GLU A 15 -6.73 10.33 1.33
CA GLU A 15 -6.43 10.01 -0.07
C GLU A 15 -5.84 8.60 -0.20
N VAL A 16 -4.90 8.30 0.71
CA VAL A 16 -4.22 6.98 0.77
C VAL A 16 -5.19 5.90 1.22
N SER A 17 -6.06 6.25 2.18
CA SER A 17 -7.09 5.34 2.71
C SER A 17 -8.11 5.01 1.62
N ARG A 18 -8.42 6.02 0.78
CA ARG A 18 -9.39 5.88 -0.32
C ARG A 18 -8.87 4.94 -1.42
N GLU A 19 -7.61 5.15 -1.85
CA GLU A 19 -6.98 4.30 -2.90
C GLU A 19 -6.85 2.84 -2.43
N ILE A 20 -6.45 2.65 -1.17
CA ILE A 20 -6.32 1.31 -0.55
C ILE A 20 -7.68 0.62 -0.44
N LYS A 21 -8.68 1.37 0.05
CA LYS A 21 -10.05 0.85 0.19
C LYS A 21 -10.62 0.53 -1.18
N LYS A 22 -10.25 1.36 -2.16
CA LYS A 22 -10.66 1.19 -3.56
C LYS A 22 -10.00 -0.07 -4.15
N ALA A 23 -8.84 -0.43 -3.59
CA ALA A 23 -8.08 -1.60 -4.04
C ALA A 23 -8.67 -2.90 -3.46
N GLY A 24 -9.32 -2.78 -2.29
CA GLY A 24 -9.99 -3.93 -1.66
C GLY A 24 -9.12 -4.90 -0.89
N TRP A 25 -7.84 -4.58 -0.59
CA TRP A 25 -7.01 -5.54 0.16
C TRP A 25 -6.94 -5.21 1.64
N LYS A 26 -6.69 -6.26 2.46
CA LYS A 26 -6.56 -6.12 3.91
C LYS A 26 -5.22 -5.45 4.26
N VAL A 27 -5.30 -4.14 4.50
CA VAL A 27 -4.14 -3.31 4.79
C VAL A 27 -4.37 -2.52 6.08
N GLU A 28 -3.28 -2.35 6.83
CA GLU A 28 -3.30 -1.59 8.07
C GLU A 28 -2.75 -0.19 7.80
N VAL A 29 -3.48 0.83 8.24
CA VAL A 29 -3.10 2.21 8.01
C VAL A 29 -2.90 2.94 9.33
N HIS A 30 -1.80 3.68 9.43
CA HIS A 30 -1.48 4.44 10.62
C HIS A 30 -1.16 5.89 10.25
N LYS A 31 -1.75 6.81 11.00
CA LYS A 31 -1.58 8.25 10.77
C LYS A 31 -0.43 8.81 11.61
N HIS A 32 0.57 9.40 10.92
CA HIS A 32 1.73 10.00 11.59
C HIS A 32 1.46 11.48 11.95
N PRO A 33 2.17 12.07 12.97
CA PRO A 33 1.97 13.48 13.37
C PRO A 33 2.52 14.46 12.33
N SER A 34 3.61 14.08 11.66
CA SER A 34 4.24 14.90 10.63
C SER A 34 3.78 14.47 9.23
N ASN A 35 4.08 15.31 8.22
CA ASN A 35 3.70 15.01 6.83
C ASN A 35 4.64 13.98 6.19
N THR A 36 4.13 12.74 6.09
CA THR A 36 4.89 11.62 5.52
C THR A 36 3.96 10.67 4.75
N SER A 37 4.32 10.38 3.50
CA SER A 37 3.53 9.48 2.65
C SER A 37 4.38 8.31 2.18
N GLN A 38 4.18 7.14 2.81
CA GLN A 38 4.91 5.92 2.48
C GLN A 38 4.04 4.69 2.74
N VAL A 39 3.97 3.82 1.74
CA VAL A 39 3.20 2.59 1.82
C VAL A 39 4.15 1.41 1.98
N THR A 40 3.92 0.58 3.01
CA THR A 40 4.77 -0.58 3.24
C THR A 40 3.95 -1.86 3.11
N VAL A 41 4.35 -2.72 2.18
CA VAL A 41 3.66 -3.99 1.95
C VAL A 41 4.47 -5.15 2.50
N THR A 42 3.88 -5.90 3.43
CA THR A 42 4.56 -7.04 4.02
C THR A 42 3.88 -8.32 3.60
N LYS A 43 4.63 -9.12 2.87
CA LYS A 43 4.13 -10.40 2.37
C LYS A 43 5.24 -11.45 2.48
N GLY A 44 5.18 -12.26 3.55
CA GLY A 44 6.18 -13.30 3.79
C GLY A 44 7.53 -12.72 4.13
N ASN A 45 8.51 -13.02 3.28
CA ASN A 45 9.87 -12.51 3.45
C ASN A 45 10.12 -11.31 2.53
N LYS A 46 9.03 -10.73 1.99
CA LYS A 46 9.10 -9.61 1.07
C LYS A 46 8.37 -8.40 1.63
N GLN A 47 8.88 -7.21 1.32
CA GLN A 47 8.30 -5.95 1.77
C GLN A 47 8.54 -4.87 0.72
N TRP A 48 7.48 -4.13 0.42
CA TRP A 48 7.53 -3.04 -0.56
C TRP A 48 7.38 -1.69 0.13
N THR A 49 8.13 -0.70 -0.35
CA THR A 49 8.08 0.66 0.20
C THR A 49 7.85 1.67 -0.93
N PHE A 50 6.86 2.56 -0.77
CA PHE A 50 6.55 3.57 -1.80
C PHE A 50 6.23 4.92 -1.17
N LYS A 51 6.37 5.98 -1.96
CA LYS A 51 6.08 7.35 -1.51
C LYS A 51 4.62 7.73 -1.72
N ASP A 52 3.92 7.00 -2.61
CA ASP A 52 2.51 7.27 -2.90
C ASP A 52 1.71 5.98 -2.96
N PRO A 53 0.39 6.03 -2.64
CA PRO A 53 -0.45 4.83 -2.66
C PRO A 53 -0.65 4.27 -4.07
N LYS A 54 -0.55 5.16 -5.06
CA LYS A 54 -0.74 4.79 -6.47
C LYS A 54 0.41 3.93 -6.92
N GLN A 55 1.57 4.24 -6.36
CA GLN A 55 2.80 3.53 -6.59
C GLN A 55 2.71 2.14 -5.99
N ALA A 56 2.18 2.10 -4.76
CA ALA A 56 1.99 0.86 -4.02
C ALA A 56 0.86 0.03 -4.62
N VAL A 57 -0.27 0.68 -4.93
CA VAL A 57 -1.44 0.01 -5.49
C VAL A 57 -1.14 -0.53 -6.90
N GLU A 58 -0.47 0.30 -7.74
CA GLU A 58 -0.12 -0.13 -9.09
C GLU A 58 0.90 -1.27 -9.07
N PHE A 59 1.89 -1.15 -8.18
CA PHE A 59 2.93 -2.18 -8.04
C PHE A 59 2.36 -3.45 -7.41
N VAL A 60 1.50 -3.28 -6.40
CA VAL A 60 0.87 -4.43 -5.71
C VAL A 60 -0.11 -5.12 -6.67
N GLN A 61 -0.82 -4.33 -7.47
CA GLN A 61 -1.81 -4.86 -8.42
C GLN A 61 -1.14 -5.70 -9.49
N LYS A 62 0.01 -5.22 -10.00
CA LYS A 62 0.76 -5.93 -11.03
C LYS A 62 1.47 -7.16 -10.47
N SER A 63 2.04 -7.00 -9.27
CA SER A 63 2.78 -8.07 -8.60
C SER A 63 1.89 -9.04 -7.83
N LEU A 64 0.93 -8.49 -7.08
CA LEU A 64 0.03 -9.30 -6.25
C LEU A 64 -1.32 -9.60 -6.94
N GLU A 65 -1.86 -8.66 -7.73
CA GLU A 65 -3.13 -8.93 -8.43
C GLU A 65 -2.91 -9.50 -9.84
N HIS A 66 -1.64 -9.46 -10.32
CA HIS A 66 -1.23 -9.96 -11.65
C HIS A 66 -1.90 -9.19 -12.78
N HIS A 67 -1.10 -8.69 -13.72
CA HIS A 67 -1.61 -7.94 -14.87
C HIS A 67 -1.71 -8.82 -16.12
N HIS A 68 -0.63 -9.57 -16.42
CA HIS A 68 -0.59 -10.46 -17.57
C HIS A 68 0.04 -11.80 -17.20
N HIS A 69 -0.64 -12.89 -17.57
CA HIS A 69 -0.16 -14.25 -17.28
C HIS A 69 0.50 -14.86 -18.52
N HIS A 70 1.54 -15.66 -18.28
CA HIS A 70 2.28 -16.32 -19.35
C HIS A 70 1.86 -17.79 -19.49
N HIS A 71 1.58 -18.21 -20.72
CA HIS A 71 1.17 -19.58 -21.00
C HIS A 71 2.33 -20.41 -21.54
N MET A 1 0.51 -12.66 8.84
CA MET A 1 1.08 -13.10 7.54
C MET A 1 0.29 -12.54 6.37
N ASP A 2 0.99 -12.18 5.28
CA ASP A 2 0.39 -11.62 4.05
C ASP A 2 -0.35 -10.29 4.30
N GLU A 3 0.02 -9.61 5.40
CA GLU A 3 -0.58 -8.33 5.78
C GLU A 3 0.08 -7.16 5.07
N VAL A 4 -0.75 -6.30 4.52
CA VAL A 4 -0.28 -5.11 3.82
C VAL A 4 -0.49 -3.92 4.76
N LYS A 5 0.43 -2.97 4.76
CA LYS A 5 0.31 -1.80 5.63
C LYS A 5 0.68 -0.51 4.93
N VAL A 6 0.10 0.60 5.43
CA VAL A 6 0.39 1.92 4.90
C VAL A 6 0.63 2.90 6.04
N HIS A 7 1.74 3.64 5.94
CA HIS A 7 2.07 4.63 6.95
C HIS A 7 2.07 6.03 6.33
N VAL A 8 1.02 6.81 6.63
CA VAL A 8 0.90 8.19 6.14
C VAL A 8 0.29 9.10 7.22
N GLY A 9 0.46 10.42 7.05
CA GLY A 9 -0.07 11.39 8.00
C GLY A 9 -1.56 11.62 7.85
N ASP A 10 -2.15 12.35 8.81
CA ASP A 10 -3.59 12.65 8.84
C ASP A 10 -4.08 13.50 7.66
N ASP A 11 -3.19 14.31 7.08
CA ASP A 11 -3.53 15.20 5.96
C ASP A 11 -3.61 14.46 4.61
N GLN A 12 -2.80 13.41 4.45
CA GLN A 12 -2.78 12.64 3.20
C GLN A 12 -3.35 11.21 3.39
N PHE A 13 -3.78 10.90 4.62
CA PHE A 13 -4.34 9.57 4.96
C PHE A 13 -5.63 9.26 4.20
N GLU A 14 -6.53 10.24 4.08
CA GLU A 14 -7.81 10.05 3.37
C GLU A 14 -7.59 9.66 1.92
N GLU A 15 -6.56 10.23 1.28
CA GLU A 15 -6.21 9.90 -0.10
C GLU A 15 -5.71 8.45 -0.19
N VAL A 16 -4.85 8.06 0.76
CA VAL A 16 -4.29 6.70 0.81
C VAL A 16 -5.37 5.68 1.19
N SER A 17 -6.24 6.07 2.12
CA SER A 17 -7.34 5.22 2.58
C SER A 17 -8.34 4.93 1.44
N ARG A 18 -8.57 5.95 0.61
CA ARG A 18 -9.49 5.86 -0.53
C ARG A 18 -8.93 4.91 -1.61
N GLU A 19 -7.65 5.08 -1.98
CA GLU A 19 -6.99 4.22 -2.99
C GLU A 19 -6.86 2.77 -2.50
N ILE A 20 -6.55 2.59 -1.21
CA ILE A 20 -6.41 1.27 -0.58
C ILE A 20 -7.78 0.57 -0.49
N LYS A 21 -8.80 1.31 -0.06
CA LYS A 21 -10.17 0.78 0.06
C LYS A 21 -10.70 0.44 -1.34
N LYS A 22 -10.31 1.26 -2.31
CA LYS A 22 -10.68 1.07 -3.72
C LYS A 22 -9.99 -0.19 -4.27
N ALA A 23 -8.85 -0.53 -3.67
CA ALA A 23 -8.07 -1.70 -4.07
C ALA A 23 -8.64 -3.00 -3.47
N GLY A 24 -9.32 -2.87 -2.32
CA GLY A 24 -10.00 -4.00 -1.69
C GLY A 24 -9.13 -4.96 -0.88
N TRP A 25 -7.86 -4.62 -0.58
CA TRP A 25 -7.01 -5.56 0.20
C TRP A 25 -6.96 -5.18 1.68
N LYS A 26 -6.71 -6.21 2.52
CA LYS A 26 -6.58 -6.03 3.97
C LYS A 26 -5.24 -5.35 4.30
N VAL A 27 -5.32 -4.05 4.52
CA VAL A 27 -4.18 -3.20 4.80
C VAL A 27 -4.41 -2.39 6.07
N GLU A 28 -3.34 -2.20 6.83
CA GLU A 28 -3.37 -1.42 8.06
C GLU A 28 -2.71 -0.06 7.81
N VAL A 29 -3.41 1.00 8.20
CA VAL A 29 -2.94 2.36 7.98
C VAL A 29 -2.77 3.09 9.31
N HIS A 30 -1.64 3.76 9.45
CA HIS A 30 -1.33 4.53 10.65
C HIS A 30 -1.05 5.98 10.28
N LYS A 31 -1.67 6.89 11.01
CA LYS A 31 -1.52 8.33 10.78
C LYS A 31 -0.36 8.92 11.60
N HIS A 32 0.60 9.52 10.89
CA HIS A 32 1.76 10.15 11.53
C HIS A 32 1.48 11.62 11.87
N PRO A 33 2.19 12.24 12.89
CA PRO A 33 1.97 13.64 13.27
C PRO A 33 2.46 14.64 12.21
N SER A 34 3.54 14.27 11.52
CA SER A 34 4.13 15.10 10.47
C SER A 34 3.65 14.63 9.08
N ASN A 35 3.92 15.44 8.05
CA ASN A 35 3.52 15.12 6.68
C ASN A 35 4.48 14.11 6.04
N THR A 36 4.01 12.86 5.93
CA THR A 36 4.80 11.77 5.35
C THR A 36 3.91 10.79 4.57
N SER A 37 4.32 10.46 3.35
CA SER A 37 3.58 9.54 2.49
C SER A 37 4.46 8.36 2.07
N GLN A 38 4.23 7.21 2.72
CA GLN A 38 4.98 5.98 2.44
C GLN A 38 4.11 4.76 2.72
N VAL A 39 4.06 3.86 1.73
CA VAL A 39 3.29 2.63 1.84
C VAL A 39 4.24 1.45 2.03
N THR A 40 3.98 0.62 3.05
CA THR A 40 4.82 -0.53 3.29
C THR A 40 4.00 -1.82 3.16
N VAL A 41 4.39 -2.67 2.22
CA VAL A 41 3.68 -3.93 2.00
C VAL A 41 4.49 -5.10 2.56
N THR A 42 3.88 -5.86 3.48
CA THR A 42 4.56 -6.99 4.08
C THR A 42 3.87 -8.26 3.66
N LYS A 43 4.62 -9.06 2.94
CA LYS A 43 4.13 -10.35 2.44
C LYS A 43 5.22 -11.41 2.56
N GLY A 44 5.15 -12.20 3.65
CA GLY A 44 6.13 -13.25 3.89
C GLY A 44 7.49 -12.66 4.23
N ASN A 45 8.48 -12.98 3.39
CA ASN A 45 9.84 -12.47 3.57
C ASN A 45 10.09 -11.27 2.64
N LYS A 46 9.01 -10.71 2.09
CA LYS A 46 9.10 -9.59 1.16
C LYS A 46 8.36 -8.37 1.71
N GLN A 47 8.89 -7.18 1.39
CA GLN A 47 8.32 -5.92 1.84
C GLN A 47 8.56 -4.85 0.79
N TRP A 48 7.51 -4.11 0.48
CA TRP A 48 7.57 -3.02 -0.51
C TRP A 48 7.42 -1.66 0.17
N THR A 49 8.16 -0.67 -0.33
CA THR A 49 8.11 0.70 0.20
C THR A 49 7.89 1.69 -0.93
N PHE A 50 6.89 2.59 -0.78
CA PHE A 50 6.58 3.59 -1.81
C PHE A 50 6.26 4.95 -1.19
N LYS A 51 6.37 6.01 -2.01
CA LYS A 51 6.09 7.38 -1.56
C LYS A 51 4.60 7.76 -1.74
N ASP A 52 3.89 7.02 -2.61
CA ASP A 52 2.47 7.30 -2.87
C ASP A 52 1.66 6.01 -2.87
N PRO A 53 0.34 6.07 -2.54
CA PRO A 53 -0.50 4.86 -2.50
C PRO A 53 -0.70 4.25 -3.88
N LYS A 54 -0.67 5.11 -4.91
CA LYS A 54 -0.88 4.70 -6.31
C LYS A 54 0.29 3.87 -6.79
N GLN A 55 1.44 4.24 -6.28
CA GLN A 55 2.69 3.57 -6.56
C GLN A 55 2.67 2.16 -5.97
N ALA A 56 2.18 2.10 -4.73
CA ALA A 56 2.02 0.85 -4.00
C ALA A 56 0.90 -0.01 -4.58
N VAL A 57 -0.24 0.63 -4.87
CA VAL A 57 -1.42 -0.06 -5.41
C VAL A 57 -1.14 -0.58 -6.82
N GLU A 58 -0.50 0.26 -7.67
CA GLU A 58 -0.16 -0.16 -9.03
C GLU A 58 0.88 -1.28 -9.02
N PHE A 59 1.88 -1.15 -8.15
CA PHE A 59 2.92 -2.18 -8.02
C PHE A 59 2.38 -3.45 -7.39
N VAL A 60 1.52 -3.30 -6.37
CA VAL A 60 0.90 -4.45 -5.69
C VAL A 60 -0.08 -5.15 -6.64
N GLN A 61 -0.80 -4.36 -7.43
CA GLN A 61 -1.79 -4.89 -8.37
C GLN A 61 -1.11 -5.74 -9.45
N LYS A 62 0.04 -5.25 -9.95
CA LYS A 62 0.79 -5.95 -10.99
C LYS A 62 1.50 -7.18 -10.43
N SER A 63 2.08 -7.03 -9.24
CA SER A 63 2.82 -8.09 -8.57
C SER A 63 1.92 -9.07 -7.80
N LEU A 64 0.96 -8.52 -7.05
CA LEU A 64 0.06 -9.32 -6.22
C LEU A 64 -1.28 -9.64 -6.90
N GLU A 65 -1.84 -8.71 -7.71
CA GLU A 65 -3.12 -8.99 -8.39
C GLU A 65 -2.91 -9.60 -9.79
N HIS A 66 -1.65 -9.64 -10.26
CA HIS A 66 -1.33 -10.20 -11.56
C HIS A 66 -0.15 -11.16 -11.46
N HIS A 67 -0.19 -12.24 -12.24
CA HIS A 67 0.87 -13.25 -12.25
C HIS A 67 1.35 -13.51 -13.67
N HIS A 68 2.67 -13.66 -13.84
CA HIS A 68 3.29 -13.91 -15.13
C HIS A 68 3.64 -15.39 -15.28
N HIS A 69 3.25 -15.97 -16.42
CA HIS A 69 3.52 -17.38 -16.71
C HIS A 69 4.73 -17.54 -17.63
N HIS A 70 4.81 -16.69 -18.65
CA HIS A 70 5.91 -16.72 -19.62
C HIS A 70 6.54 -15.34 -19.78
N HIS A 71 7.86 -15.31 -19.95
CA HIS A 71 8.60 -14.06 -20.12
C HIS A 71 8.93 -13.81 -21.59
N MET A 1 4.02 -13.09 6.98
CA MET A 1 2.62 -12.61 7.03
C MET A 1 2.23 -11.97 5.70
N ASP A 2 0.99 -12.19 5.28
CA ASP A 2 0.46 -11.63 4.04
C ASP A 2 -0.29 -10.32 4.27
N GLU A 3 0.06 -9.64 5.37
CA GLU A 3 -0.57 -8.36 5.76
C GLU A 3 0.10 -7.19 5.05
N VAL A 4 -0.74 -6.33 4.48
CA VAL A 4 -0.27 -5.14 3.79
C VAL A 4 -0.48 -3.96 4.74
N LYS A 5 0.44 -3.01 4.75
CA LYS A 5 0.31 -1.84 5.64
C LYS A 5 0.68 -0.53 4.95
N VAL A 6 0.08 0.54 5.44
CA VAL A 6 0.35 1.88 4.91
C VAL A 6 0.55 2.85 6.08
N HIS A 7 1.67 3.55 6.05
CA HIS A 7 1.96 4.53 7.07
C HIS A 7 2.06 5.93 6.47
N VAL A 8 1.02 6.76 6.68
CA VAL A 8 1.01 8.14 6.17
C VAL A 8 0.37 9.08 7.20
N GLY A 9 0.62 10.39 7.05
CA GLY A 9 0.06 11.38 7.96
C GLY A 9 -1.41 11.68 7.70
N ASP A 10 -1.99 12.53 8.57
CA ASP A 10 -3.41 12.92 8.50
C ASP A 10 -3.78 13.67 7.21
N ASP A 11 -2.79 14.35 6.59
CA ASP A 11 -3.02 15.12 5.37
C ASP A 11 -3.12 14.26 4.11
N GLN A 12 -2.41 13.12 4.09
CA GLN A 12 -2.42 12.22 2.93
C GLN A 12 -3.13 10.88 3.23
N PHE A 13 -3.59 10.71 4.48
CA PHE A 13 -4.28 9.47 4.90
C PHE A 13 -5.60 9.23 4.16
N GLU A 14 -6.40 10.27 3.97
CA GLU A 14 -7.68 10.15 3.26
C GLU A 14 -7.47 9.71 1.81
N GLU A 15 -6.41 10.23 1.18
CA GLU A 15 -6.05 9.86 -0.20
C GLU A 15 -5.62 8.40 -0.27
N VAL A 16 -4.77 8.00 0.70
CA VAL A 16 -4.27 6.63 0.77
C VAL A 16 -5.38 5.64 1.15
N SER A 17 -6.25 6.07 2.07
CA SER A 17 -7.37 5.26 2.56
C SER A 17 -8.38 4.98 1.44
N ARG A 18 -8.60 5.98 0.58
CA ARG A 18 -9.53 5.87 -0.55
C ARG A 18 -8.98 4.91 -1.62
N GLU A 19 -7.69 5.08 -1.98
CA GLU A 19 -7.05 4.20 -2.98
C GLU A 19 -6.92 2.75 -2.50
N ILE A 20 -6.61 2.58 -1.21
CA ILE A 20 -6.47 1.25 -0.57
C ILE A 20 -7.84 0.55 -0.47
N LYS A 21 -8.86 1.31 -0.05
CA LYS A 21 -10.22 0.78 0.06
C LYS A 21 -10.75 0.43 -1.32
N LYS A 22 -10.36 1.25 -2.31
CA LYS A 22 -10.74 1.06 -3.70
C LYS A 22 -10.05 -0.20 -4.25
N ALA A 23 -8.89 -0.54 -3.66
CA ALA A 23 -8.12 -1.71 -4.06
C ALA A 23 -8.69 -3.00 -3.47
N GLY A 24 -9.37 -2.88 -2.31
CA GLY A 24 -10.04 -4.01 -1.68
C GLY A 24 -9.17 -4.98 -0.87
N TRP A 25 -7.90 -4.64 -0.58
CA TRP A 25 -7.05 -5.58 0.19
C TRP A 25 -6.98 -5.22 1.67
N LYS A 26 -6.72 -6.24 2.51
CA LYS A 26 -6.59 -6.07 3.96
C LYS A 26 -5.25 -5.40 4.29
N VAL A 27 -5.33 -4.10 4.53
CA VAL A 27 -4.18 -3.26 4.81
C VAL A 27 -4.41 -2.46 6.09
N GLU A 28 -3.32 -2.28 6.84
CA GLU A 28 -3.35 -1.49 8.07
C GLU A 28 -2.76 -0.12 7.81
N VAL A 29 -3.47 0.92 8.21
CA VAL A 29 -3.06 2.30 7.97
C VAL A 29 -2.89 3.05 9.30
N HIS A 30 -1.77 3.77 9.41
CA HIS A 30 -1.47 4.53 10.60
C HIS A 30 -1.18 5.97 10.23
N LYS A 31 -1.80 6.90 10.96
CA LYS A 31 -1.63 8.34 10.73
C LYS A 31 -0.50 8.92 11.57
N HIS A 32 0.51 9.48 10.87
CA HIS A 32 1.67 10.10 11.53
C HIS A 32 1.40 11.58 11.88
N PRO A 33 2.11 12.17 12.90
CA PRO A 33 1.92 13.58 13.28
C PRO A 33 2.46 14.56 12.23
N SER A 34 3.55 14.17 11.57
CA SER A 34 4.17 14.99 10.53
C SER A 34 3.71 14.55 9.14
N ASN A 35 4.00 15.36 8.12
CA ASN A 35 3.62 15.06 6.74
C ASN A 35 4.57 14.04 6.10
N THR A 36 4.08 12.80 5.96
CA THR A 36 4.86 11.70 5.38
C THR A 36 3.97 10.79 4.54
N SER A 37 4.39 10.53 3.30
CA SER A 37 3.64 9.65 2.39
C SER A 37 4.49 8.44 1.99
N GLN A 38 4.25 7.32 2.67
CA GLN A 38 4.99 6.07 2.41
C GLN A 38 4.11 4.85 2.72
N VAL A 39 4.05 3.93 1.75
CA VAL A 39 3.29 2.69 1.88
C VAL A 39 4.25 1.51 2.08
N THR A 40 3.99 0.68 3.09
CA THR A 40 4.83 -0.48 3.33
C THR A 40 4.02 -1.76 3.20
N VAL A 41 4.42 -2.62 2.26
CA VAL A 41 3.72 -3.89 2.04
C VAL A 41 4.53 -5.05 2.60
N THR A 42 3.92 -5.82 3.50
CA THR A 42 4.59 -6.96 4.10
C THR A 42 3.91 -8.23 3.67
N LYS A 43 4.67 -9.03 2.95
CA LYS A 43 4.20 -10.32 2.45
C LYS A 43 5.31 -11.36 2.57
N GLY A 44 5.24 -12.16 3.65
CA GLY A 44 6.23 -13.20 3.89
C GLY A 44 7.58 -12.61 4.24
N ASN A 45 8.58 -12.91 3.41
CA ASN A 45 9.93 -12.39 3.57
C ASN A 45 10.18 -11.19 2.64
N LYS A 46 9.08 -10.64 2.10
CA LYS A 46 9.15 -9.51 1.17
C LYS A 46 8.43 -8.29 1.73
N GLN A 47 8.94 -7.10 1.41
CA GLN A 47 8.37 -5.85 1.85
C GLN A 47 8.60 -4.77 0.79
N TRP A 48 7.53 -4.03 0.50
CA TRP A 48 7.57 -2.96 -0.50
C TRP A 48 7.42 -1.60 0.18
N THR A 49 8.17 -0.60 -0.31
CA THR A 49 8.11 0.76 0.20
C THR A 49 7.88 1.76 -0.94
N PHE A 50 6.88 2.65 -0.79
CA PHE A 50 6.57 3.64 -1.82
C PHE A 50 6.26 5.00 -1.22
N LYS A 51 6.38 6.05 -2.04
CA LYS A 51 6.12 7.43 -1.61
C LYS A 51 4.64 7.82 -1.82
N ASP A 52 3.90 7.04 -2.63
CA ASP A 52 2.48 7.33 -2.91
C ASP A 52 1.67 6.04 -2.89
N PRO A 53 0.34 6.11 -2.55
CA PRO A 53 -0.49 4.90 -2.49
C PRO A 53 -0.70 4.28 -3.87
N LYS A 54 -0.66 5.13 -4.91
CA LYS A 54 -0.89 4.71 -6.29
C LYS A 54 0.28 3.88 -6.77
N GLN A 55 1.44 4.25 -6.26
CA GLN A 55 2.68 3.56 -6.55
C GLN A 55 2.65 2.17 -5.94
N ALA A 56 2.15 2.11 -4.71
CA ALA A 56 1.99 0.87 -3.97
C ALA A 56 0.87 0.01 -4.55
N VAL A 57 -0.27 0.65 -4.85
CA VAL A 57 -1.45 -0.04 -5.41
C VAL A 57 -1.16 -0.56 -6.81
N GLU A 58 -0.51 0.27 -7.65
CA GLU A 58 -0.16 -0.15 -9.01
C GLU A 58 0.87 -1.26 -9.01
N PHE A 59 1.88 -1.14 -8.13
CA PHE A 59 2.92 -2.15 -8.00
C PHE A 59 2.38 -3.43 -7.38
N VAL A 60 1.52 -3.28 -6.35
CA VAL A 60 0.91 -4.43 -5.67
C VAL A 60 -0.07 -5.14 -6.62
N GLN A 61 -0.79 -4.35 -7.42
CA GLN A 61 -1.77 -4.90 -8.37
C GLN A 61 -1.08 -5.72 -9.46
N LYS A 62 0.05 -5.22 -9.95
CA LYS A 62 0.82 -5.91 -10.98
C LYS A 62 1.54 -7.15 -10.43
N SER A 63 2.11 -6.98 -9.24
CA SER A 63 2.87 -8.04 -8.58
C SER A 63 1.99 -9.03 -7.81
N LEU A 64 1.03 -8.49 -7.04
CA LEU A 64 0.15 -9.32 -6.21
C LEU A 64 -1.21 -9.62 -6.88
N GLU A 65 -1.77 -8.67 -7.65
CA GLU A 65 -3.05 -8.91 -8.32
C GLU A 65 -2.87 -9.47 -9.74
N HIS A 66 -1.60 -9.49 -10.22
CA HIS A 66 -1.23 -9.99 -11.57
C HIS A 66 -1.89 -9.17 -12.69
N HIS A 67 -1.06 -8.71 -13.64
CA HIS A 67 -1.54 -7.91 -14.76
C HIS A 67 -1.68 -8.77 -16.02
N HIS A 68 -2.69 -8.46 -16.84
CA HIS A 68 -2.95 -9.20 -18.08
C HIS A 68 -3.08 -8.24 -19.26
N HIS A 69 -2.58 -8.68 -20.42
CA HIS A 69 -2.63 -7.88 -21.64
C HIS A 69 -3.22 -8.67 -22.80
N HIS A 70 -3.99 -7.99 -23.64
CA HIS A 70 -4.62 -8.62 -24.80
C HIS A 70 -4.33 -7.84 -26.08
N HIS A 71 -4.16 -8.57 -27.18
CA HIS A 71 -3.88 -7.97 -28.49
C HIS A 71 -5.13 -7.90 -29.35
N MET A 1 4.03 -13.00 7.02
CA MET A 1 2.62 -12.56 7.04
C MET A 1 2.22 -11.90 5.72
N ASP A 2 0.97 -12.13 5.29
CA ASP A 2 0.45 -11.57 4.05
C ASP A 2 -0.30 -10.25 4.29
N GLU A 3 0.07 -9.56 5.39
CA GLU A 3 -0.54 -8.28 5.77
C GLU A 3 0.11 -7.12 5.04
N VAL A 4 -0.73 -6.25 4.48
CA VAL A 4 -0.27 -5.07 3.79
C VAL A 4 -0.54 -3.88 4.70
N LYS A 5 0.38 -2.91 4.74
CA LYS A 5 0.19 -1.73 5.59
C LYS A 5 0.62 -0.44 4.90
N VAL A 6 0.02 0.67 5.36
CA VAL A 6 0.33 2.00 4.84
C VAL A 6 0.52 2.94 6.02
N HIS A 7 1.67 3.60 6.05
CA HIS A 7 1.97 4.54 7.11
C HIS A 7 2.13 5.94 6.53
N VAL A 8 1.10 6.79 6.73
CA VAL A 8 1.14 8.17 6.25
C VAL A 8 0.46 9.11 7.26
N GLY A 9 0.74 10.42 7.14
CA GLY A 9 0.15 11.40 8.05
C GLY A 9 -1.31 11.70 7.74
N ASP A 10 -1.93 12.52 8.58
CA ASP A 10 -3.35 12.90 8.45
C ASP A 10 -3.67 13.61 7.12
N ASP A 11 -2.67 14.29 6.53
CA ASP A 11 -2.84 15.03 5.28
C ASP A 11 -2.89 14.11 4.04
N GLN A 12 -2.18 12.98 4.10
CA GLN A 12 -2.14 12.03 2.98
C GLN A 12 -2.88 10.71 3.31
N PHE A 13 -3.40 10.61 4.54
CA PHE A 13 -4.13 9.41 5.00
C PHE A 13 -5.42 9.16 4.19
N GLU A 14 -6.18 10.23 3.93
CA GLU A 14 -7.41 10.13 3.14
C GLU A 14 -7.14 9.62 1.73
N GLU A 15 -6.01 10.07 1.14
CA GLU A 15 -5.61 9.64 -0.20
C GLU A 15 -5.26 8.14 -0.19
N VAL A 16 -4.56 7.72 0.87
CA VAL A 16 -4.16 6.33 1.06
C VAL A 16 -5.37 5.43 1.32
N SER A 17 -6.24 5.89 2.21
CA SER A 17 -7.44 5.14 2.61
C SER A 17 -8.41 4.93 1.44
N ARG A 18 -8.54 5.95 0.59
CA ARG A 18 -9.43 5.89 -0.59
C ARG A 18 -8.92 4.90 -1.65
N GLU A 19 -7.61 4.99 -1.97
CA GLU A 19 -6.98 4.10 -2.97
C GLU A 19 -6.88 2.66 -2.46
N ILE A 20 -6.60 2.51 -1.16
CA ILE A 20 -6.49 1.19 -0.51
C ILE A 20 -7.86 0.50 -0.43
N LYS A 21 -8.89 1.27 -0.04
CA LYS A 21 -10.26 0.74 0.07
C LYS A 21 -10.79 0.41 -1.32
N LYS A 22 -10.39 1.24 -2.31
CA LYS A 22 -10.76 1.03 -3.71
C LYS A 22 -10.07 -0.22 -4.26
N ALA A 23 -8.93 -0.55 -3.64
CA ALA A 23 -8.15 -1.73 -4.05
C ALA A 23 -8.72 -3.03 -3.46
N GLY A 24 -9.41 -2.92 -2.31
CA GLY A 24 -10.08 -4.06 -1.70
C GLY A 24 -9.21 -5.02 -0.89
N TRP A 25 -7.95 -4.67 -0.59
CA TRP A 25 -7.09 -5.61 0.18
C TRP A 25 -7.03 -5.24 1.67
N LYS A 26 -6.76 -6.26 2.50
CA LYS A 26 -6.62 -6.08 3.95
C LYS A 26 -5.28 -5.39 4.27
N VAL A 27 -5.38 -4.09 4.51
CA VAL A 27 -4.23 -3.25 4.77
C VAL A 27 -4.41 -2.48 6.09
N GLU A 28 -3.29 -2.24 6.76
CA GLU A 28 -3.26 -1.50 8.00
C GLU A 28 -2.81 -0.07 7.74
N VAL A 29 -3.56 0.89 8.28
CA VAL A 29 -3.26 2.31 8.06
C VAL A 29 -2.98 3.00 9.39
N HIS A 30 -1.91 3.79 9.42
CA HIS A 30 -1.53 4.53 10.61
C HIS A 30 -1.19 5.97 10.25
N LYS A 31 -1.72 6.91 11.03
CA LYS A 31 -1.49 8.34 10.81
C LYS A 31 -0.32 8.85 11.65
N HIS A 32 0.67 9.45 10.97
CA HIS A 32 1.85 10.01 11.63
C HIS A 32 1.63 11.48 12.00
N PRO A 33 2.36 12.04 13.02
CA PRO A 33 2.22 13.46 13.43
C PRO A 33 2.78 14.44 12.40
N SER A 34 3.85 14.02 11.72
CA SER A 34 4.50 14.85 10.68
C SER A 34 4.01 14.45 9.29
N ASN A 35 4.30 15.28 8.28
CA ASN A 35 3.89 15.04 6.89
C ASN A 35 4.81 14.00 6.23
N THR A 36 4.28 12.79 6.05
CA THR A 36 5.01 11.68 5.43
C THR A 36 4.09 10.82 4.56
N SER A 37 4.57 10.47 3.36
CA SER A 37 3.80 9.64 2.44
C SER A 37 4.62 8.43 1.99
N GLN A 38 4.42 7.30 2.69
CA GLN A 38 5.13 6.05 2.39
C GLN A 38 4.24 4.84 2.71
N VAL A 39 4.14 3.93 1.73
CA VAL A 39 3.36 2.70 1.87
C VAL A 39 4.28 1.51 2.05
N THR A 40 4.01 0.67 3.06
CA THR A 40 4.85 -0.50 3.30
C THR A 40 4.02 -1.78 3.14
N VAL A 41 4.42 -2.64 2.21
CA VAL A 41 3.72 -3.91 1.97
C VAL A 41 4.52 -5.06 2.55
N THR A 42 3.91 -5.81 3.48
CA THR A 42 4.59 -6.94 4.09
C THR A 42 3.91 -8.22 3.67
N LYS A 43 4.68 -9.01 2.96
CA LYS A 43 4.22 -10.31 2.46
C LYS A 43 5.31 -11.36 2.60
N GLY A 44 5.24 -12.15 3.69
CA GLY A 44 6.22 -13.19 3.95
C GLY A 44 7.57 -12.59 4.30
N ASN A 45 8.58 -12.90 3.47
CA ASN A 45 9.93 -12.38 3.66
C ASN A 45 10.18 -11.19 2.72
N LYS A 46 9.10 -10.64 2.16
CA LYS A 46 9.18 -9.52 1.22
C LYS A 46 8.45 -8.30 1.76
N GLN A 47 8.97 -7.11 1.44
CA GLN A 47 8.38 -5.86 1.87
C GLN A 47 8.62 -4.78 0.80
N TRP A 48 7.57 -4.07 0.49
CA TRP A 48 7.61 -2.99 -0.51
C TRP A 48 7.42 -1.62 0.14
N THR A 49 8.17 -0.63 -0.36
CA THR A 49 8.05 0.75 0.14
C THR A 49 7.86 1.72 -1.02
N PHE A 50 6.91 2.64 -0.86
CA PHE A 50 6.60 3.64 -1.89
C PHE A 50 6.31 5.01 -1.28
N LYS A 51 6.39 6.05 -2.12
CA LYS A 51 6.14 7.43 -1.68
C LYS A 51 4.65 7.80 -1.82
N ASP A 52 3.89 7.02 -2.60
CA ASP A 52 2.46 7.29 -2.81
C ASP A 52 1.67 5.98 -2.83
N PRO A 53 0.36 6.00 -2.46
CA PRO A 53 -0.45 4.79 -2.45
C PRO A 53 -0.69 4.22 -3.84
N LYS A 54 -0.64 5.11 -4.85
CA LYS A 54 -0.88 4.74 -6.25
C LYS A 54 0.28 3.91 -6.76
N GLN A 55 1.44 4.26 -6.25
CA GLN A 55 2.68 3.58 -6.55
C GLN A 55 2.66 2.18 -5.96
N ALA A 56 2.17 2.10 -4.71
CA ALA A 56 2.04 0.85 -3.98
C ALA A 56 0.92 0.00 -4.56
N VAL A 57 -0.24 0.63 -4.83
CA VAL A 57 -1.42 -0.07 -5.37
C VAL A 57 -1.14 -0.57 -6.79
N GLU A 58 -0.52 0.27 -7.63
CA GLU A 58 -0.19 -0.13 -9.00
C GLU A 58 0.86 -1.23 -9.02
N PHE A 59 1.87 -1.11 -8.15
CA PHE A 59 2.93 -2.12 -8.05
C PHE A 59 2.40 -3.41 -7.43
N VAL A 60 1.56 -3.27 -6.38
CA VAL A 60 0.96 -4.44 -5.71
C VAL A 60 -0.02 -5.14 -6.66
N GLN A 61 -0.76 -4.35 -7.43
CA GLN A 61 -1.76 -4.88 -8.36
C GLN A 61 -1.10 -5.71 -9.46
N LYS A 62 0.03 -5.21 -9.97
CA LYS A 62 0.78 -5.90 -11.02
C LYS A 62 1.50 -7.15 -10.48
N SER A 63 2.08 -7.01 -9.29
CA SER A 63 2.82 -8.08 -8.64
C SER A 63 1.92 -9.07 -7.88
N LEU A 64 0.97 -8.52 -7.12
CA LEU A 64 0.07 -9.33 -6.29
C LEU A 64 -1.28 -9.63 -6.96
N GLU A 65 -1.83 -8.68 -7.76
CA GLU A 65 -3.12 -8.96 -8.43
C GLU A 65 -2.93 -9.57 -9.84
N HIS A 66 -1.68 -9.58 -10.32
CA HIS A 66 -1.35 -10.14 -11.64
C HIS A 66 -0.13 -11.06 -11.55
N HIS A 67 -0.19 -12.18 -12.26
CA HIS A 67 0.90 -13.15 -12.29
C HIS A 67 1.30 -13.48 -13.73
N HIS A 68 2.60 -13.70 -13.94
CA HIS A 68 3.14 -14.01 -15.26
C HIS A 68 3.40 -15.51 -15.40
N HIS A 69 3.10 -16.05 -16.58
CA HIS A 69 3.30 -17.48 -16.86
C HIS A 69 4.10 -17.68 -18.14
N HIS A 70 4.94 -18.71 -18.15
CA HIS A 70 5.78 -19.03 -19.30
C HIS A 70 5.62 -20.50 -19.70
N HIS A 71 5.65 -20.74 -21.02
CA HIS A 71 5.52 -22.10 -21.56
C HIS A 71 6.65 -22.42 -22.53
#